data_7OQH
#
_entry.id   7OQH
#
_cell.length_a   1.00
_cell.length_b   1.00
_cell.length_c   1.00
_cell.angle_alpha   90.00
_cell.angle_beta   90.00
_cell.angle_gamma   90.00
#
_symmetry.space_group_name_H-M   'P 1'
#
loop_
_entity.id
_entity.type
_entity.pdbx_description
1 polymer 'Transcription termination factor Rho'
2 non-polymer "ADENOSINE-5'-TRIPHOSPHATE"
3 non-polymer 'MAGNESIUM ION'
#
_entity_poly.entity_id   1
_entity_poly.type   'polypeptide(L)'
_entity_poly.pdbx_seq_one_letter_code
;MGSSHHHHHHSSGLVPRGSHVTDTDLITAGESTDGKPSDAAATDPPDLNADEPAGSLATMVLPELRALANRAGVKGTSGM
RKNELIAAIEEIRRQANGAPAVDRSAQEHDKGDRPPSSEAPATQGEQTPTEQIDSQSQQVRPERRSATREAGPSGSGERA
GTAADDTDNRQGGQQDAKTEERGTDAGGDQGGDQQASGGQQARGDEDGEARQGRRGRRFRDRRRRGERSGDGAEAELRED
DVVQPVAGILDVLDNYAFVRTSGYLPGPHDVYVSMNMVRKNGMRRGDAVTGAVRVPKEGEQPNQRQKFNPLVRLDSINGG
SVEDAKKRPEFGKLTPLYPNQRLRLETSTERLTTRVIDLIMPIGKGQRALIVSPPKAGKTTILQDIANAITRNNPECHLM
VVLVDERPEEVTDMQRSVKGEVIASTFDRPPSDHTSVAELAIERAKRLVEQGKDVVVLLDSITRLGRAYNNASPASGRIL
SGGVDSTALYPPKRFLGAARNIEEGGSLTIIATAMVETGSTGDTVIFEEFKGTGNAELKLDRKIAERRVFPAVDVNPSGT
RKDELLLSPDEFAIVHKLRRVLSGLDSHQAIDLLMSQLRKTKNNYEFLVQVSKTTPGSMDSD
;
_entity_poly.pdbx_strand_id   A,B,C,D,E,F
#
loop_
_chem_comp.id
_chem_comp.type
_chem_comp.name
_chem_comp.formula
ATP non-polymer ADENOSINE-5'-TRIPHOSPHATE 'C10 H16 N5 O13 P3'
MG non-polymer 'MAGNESIUM ION' 'Mg 2'
#
# COMPACT_ATOMS: atom_id res chain seq x y z
N VAL A 242 -7.09 72.18 4.48
CA VAL A 242 -5.97 71.33 4.86
C VAL A 242 -6.39 69.87 4.83
N VAL A 243 -5.61 69.05 4.15
CA VAL A 243 -5.88 67.62 4.05
C VAL A 243 -5.49 66.96 5.37
N GLN A 244 -6.33 66.03 5.83
CA GLN A 244 -6.11 65.32 7.10
C GLN A 244 -6.27 63.82 6.87
N PRO A 245 -5.28 63.17 6.25
CA PRO A 245 -5.34 61.71 6.11
C PRO A 245 -5.02 61.03 7.44
N VAL A 246 -5.84 60.06 7.81
CA VAL A 246 -5.66 59.35 9.08
C VAL A 246 -6.12 57.90 8.98
N ALA A 247 -5.20 56.98 9.26
CA ALA A 247 -5.48 55.55 9.28
C ALA A 247 -4.25 54.83 9.81
N GLY A 248 -4.29 53.50 9.77
CA GLY A 248 -3.17 52.71 10.22
C GLY A 248 -1.97 52.89 9.30
N ILE A 249 -0.79 53.10 9.89
CA ILE A 249 0.45 53.23 9.15
C ILE A 249 1.11 51.86 9.05
N LEU A 250 1.67 51.55 7.89
CA LEU A 250 2.27 50.24 7.63
C LEU A 250 3.68 50.40 7.10
N ASP A 251 4.63 49.74 7.77
CA ASP A 251 5.99 49.62 7.25
C ASP A 251 6.03 48.42 6.30
N VAL A 252 6.21 48.68 5.01
CA VAL A 252 5.90 47.67 4.00
C VAL A 252 6.91 46.53 4.02
N LEU A 253 8.16 46.81 3.63
CA LEU A 253 9.19 45.78 3.67
C LEU A 253 10.35 46.14 4.58
N ASP A 254 11.06 47.23 4.29
CA ASP A 254 12.18 47.67 5.13
C ASP A 254 12.04 49.10 5.60
N ASN A 255 11.75 50.03 4.69
CA ASN A 255 11.78 51.46 4.99
C ASN A 255 10.54 52.21 4.56
N TYR A 256 9.73 51.65 3.67
CA TYR A 256 8.54 52.35 3.19
C TYR A 256 7.44 52.26 4.24
N ALA A 257 6.98 53.43 4.69
CA ALA A 257 5.82 53.54 5.58
C ALA A 257 4.74 54.30 4.84
N PHE A 258 3.53 53.75 4.82
CA PHE A 258 2.43 54.31 4.06
C PHE A 258 1.23 54.53 4.98
N VAL A 259 0.66 55.73 4.92
CA VAL A 259 -0.60 56.01 5.59
C VAL A 259 -1.72 55.57 4.66
N ARG A 260 -2.40 54.48 5.00
CA ARG A 260 -3.41 53.88 4.14
C ARG A 260 -4.65 54.77 4.18
N THR A 261 -4.63 55.82 3.34
CA THR A 261 -5.70 56.81 3.34
C THR A 261 -7.06 56.18 3.12
N SER A 262 -7.11 55.09 2.36
CA SER A 262 -8.31 54.29 2.20
C SER A 262 -8.11 52.90 2.79
N GLY A 263 -7.49 52.83 3.96
CA GLY A 263 -7.13 51.56 4.56
C GLY A 263 -8.34 50.75 4.98
N TYR A 264 -8.06 49.51 5.38
CA TYR A 264 -6.70 49.00 5.46
C TYR A 264 -6.22 48.32 4.18
N LEU A 265 -7.07 48.35 3.15
CA LEU A 265 -6.53 47.89 1.87
C LEU A 265 -5.80 49.03 1.16
N PRO A 266 -4.79 48.73 0.34
CA PRO A 266 -4.00 49.80 -0.28
C PRO A 266 -4.86 50.69 -1.17
N GLY A 267 -4.48 51.97 -1.22
CA GLY A 267 -5.28 52.96 -1.91
C GLY A 267 -4.52 53.74 -2.96
N PRO A 268 -5.25 54.58 -3.71
CA PRO A 268 -4.61 55.31 -4.80
C PRO A 268 -3.69 56.42 -4.33
N HIS A 269 -4.06 57.13 -3.26
CA HIS A 269 -3.32 58.30 -2.80
C HIS A 269 -2.70 58.07 -1.43
N ASP A 270 -2.10 56.90 -1.23
CA ASP A 270 -1.45 56.61 0.05
C ASP A 270 -0.32 57.61 0.30
N VAL A 271 -0.27 58.13 1.52
CA VAL A 271 0.71 59.15 1.87
C VAL A 271 2.06 58.48 2.11
N TYR A 272 3.10 58.97 1.44
CA TYR A 272 4.44 58.44 1.61
C TYR A 272 5.04 58.94 2.92
N VAL A 273 5.49 58.00 3.75
CA VAL A 273 6.15 58.31 5.01
C VAL A 273 7.52 57.65 4.95
N SER A 274 8.57 58.46 4.83
CA SER A 274 9.93 57.94 4.79
C SER A 274 10.34 57.44 6.16
N MET A 275 11.27 56.46 6.16
CA MET A 275 11.72 55.87 7.42
C MET A 275 12.44 56.89 8.30
N ASN A 276 12.94 57.98 7.72
CA ASN A 276 13.55 59.03 8.52
C ASN A 276 12.54 59.60 9.51
N MET A 277 11.35 59.97 9.03
CA MET A 277 10.32 60.53 9.89
C MET A 277 9.80 59.50 10.90
N VAL A 278 9.67 58.24 10.47
CA VAL A 278 9.23 57.19 11.39
C VAL A 278 10.22 57.01 12.52
N ARG A 279 11.51 56.97 12.20
CA ARG A 279 12.53 56.85 13.24
C ARG A 279 12.56 58.08 14.14
N LYS A 280 12.45 59.27 13.56
CA LYS A 280 12.52 60.49 14.36
C LYS A 280 11.29 60.71 15.21
N ASN A 281 10.16 60.10 14.86
CA ASN A 281 8.93 60.26 15.62
C ASN A 281 8.50 59.01 16.37
N GLY A 282 9.14 57.87 16.14
CA GLY A 282 8.80 56.65 16.86
C GLY A 282 7.40 56.14 16.60
N MET A 283 6.93 56.27 15.36
CA MET A 283 5.61 55.79 14.98
C MET A 283 5.70 54.31 14.63
N ARG A 284 5.09 53.46 15.45
CA ARG A 284 5.18 52.03 15.23
C ARG A 284 4.10 51.56 14.27
N ARG A 285 4.14 50.27 13.94
CA ARG A 285 3.24 49.70 12.95
C ARG A 285 1.84 49.56 13.53
N GLY A 286 0.88 50.29 12.97
CA GLY A 286 -0.49 50.23 13.42
C GLY A 286 -1.04 51.49 14.06
N ASP A 287 -0.26 52.57 14.10
CA ASP A 287 -0.74 53.81 14.70
C ASP A 287 -1.57 54.60 13.70
N ALA A 288 -2.45 55.45 14.23
CA ALA A 288 -3.24 56.37 13.42
C ALA A 288 -2.47 57.68 13.29
N VAL A 289 -1.96 57.95 12.09
CA VAL A 289 -1.08 59.08 11.85
C VAL A 289 -1.84 60.13 11.05
N THR A 290 -1.68 61.39 11.45
CA THR A 290 -2.29 62.51 10.75
C THR A 290 -1.25 63.41 10.12
N GLY A 291 -1.66 64.51 9.50
CA GLY A 291 -0.71 65.41 8.87
C GLY A 291 -1.41 66.32 7.86
N ALA A 292 -0.65 66.72 6.84
CA ALA A 292 -1.16 67.60 5.78
C ALA A 292 -0.33 67.37 4.53
N VAL A 293 -0.91 66.65 3.57
CA VAL A 293 -0.25 66.31 2.31
C VAL A 293 -1.03 66.96 1.17
N ARG A 294 -0.30 67.64 0.29
CA ARG A 294 -0.91 68.36 -0.84
C ARG A 294 -0.69 67.57 -2.12
N VAL A 295 -1.13 68.16 -3.23
CA VAL A 295 -0.99 67.50 -4.55
C VAL A 295 0.48 67.46 -4.94
N PRO A 296 1.01 66.33 -5.41
CA PRO A 296 2.42 66.28 -5.78
C PRO A 296 2.72 67.18 -6.97
N LYS A 297 3.90 67.79 -6.95
CA LYS A 297 4.33 68.60 -8.08
C LYS A 297 4.55 67.73 -9.32
N GLU A 298 5.15 66.56 -9.15
CA GLU A 298 5.34 65.60 -10.22
C GLU A 298 5.60 64.20 -9.66
N LYS A 307 8.85 62.99 -6.76
CA LYS A 307 8.80 61.55 -6.55
C LYS A 307 7.43 61.13 -6.02
N PHE A 308 7.30 61.11 -4.69
CA PHE A 308 6.03 60.83 -4.04
C PHE A 308 5.73 61.92 -3.03
N ASN A 309 4.43 62.16 -2.81
CA ASN A 309 3.97 63.24 -1.95
C ASN A 309 4.35 62.99 -0.50
N PRO A 310 5.14 63.88 0.10
CA PRO A 310 5.56 63.70 1.50
C PRO A 310 4.67 64.44 2.47
N LEU A 311 4.69 63.95 3.71
CA LEU A 311 3.97 64.62 4.79
C LEU A 311 4.80 65.79 5.31
N VAL A 312 4.12 66.90 5.61
CA VAL A 312 4.79 68.09 6.10
C VAL A 312 4.56 68.23 7.60
N ARG A 313 3.30 68.27 8.00
CA ARG A 313 2.93 68.47 9.39
C ARG A 313 2.84 67.14 10.12
N LEU A 314 2.79 67.21 11.45
CA LEU A 314 2.60 66.03 12.28
C LEU A 314 1.72 66.43 13.46
N ASP A 315 0.69 65.64 13.73
CA ASP A 315 -0.30 65.94 14.75
C ASP A 315 -0.47 64.72 15.67
N SER A 316 -1.52 64.76 16.47
CA SER A 316 -1.80 63.74 17.47
C SER A 316 -1.77 62.34 16.86
N ILE A 317 -1.07 61.42 17.51
CA ILE A 317 -0.98 60.03 17.10
C ILE A 317 -1.78 59.19 18.09
N ASN A 318 -2.71 58.39 17.57
CA ASN A 318 -3.60 57.56 18.38
C ASN A 318 -4.46 58.39 19.34
N GLY A 319 -4.65 59.67 19.04
CA GLY A 319 -5.43 60.55 19.88
C GLY A 319 -4.68 61.18 21.03
N GLY A 320 -3.42 60.82 21.24
CA GLY A 320 -2.62 61.38 22.30
C GLY A 320 -1.72 62.51 21.82
N SER A 321 -0.82 62.94 22.71
CA SER A 321 0.10 64.00 22.39
C SER A 321 1.12 63.54 21.36
N VAL A 322 1.86 64.51 20.80
CA VAL A 322 2.85 64.19 19.79
C VAL A 322 4.00 63.37 20.37
N GLU A 323 4.25 63.49 21.66
CA GLU A 323 5.32 62.77 22.34
C GLU A 323 4.88 61.42 22.90
N ASP A 324 3.65 61.01 22.60
CA ASP A 324 3.12 59.74 23.09
C ASP A 324 3.67 58.59 22.25
N ALA A 325 3.03 57.42 22.36
CA ALA A 325 3.44 56.20 21.68
C ALA A 325 4.81 55.70 22.14
N LYS A 326 5.17 56.03 23.39
CA LYS A 326 6.39 55.53 24.02
C LYS A 326 6.11 54.38 24.98
N LYS A 327 4.90 53.84 24.97
CA LYS A 327 4.54 52.78 25.91
C LYS A 327 5.25 51.47 25.55
N ARG A 328 5.20 50.53 26.49
CA ARG A 328 5.92 49.27 26.32
C ARG A 328 5.33 48.48 25.14
N PRO A 329 6.17 47.73 24.43
CA PRO A 329 5.67 46.96 23.28
C PRO A 329 4.64 45.92 23.71
N GLU A 330 3.73 45.61 22.79
CA GLU A 330 2.64 44.68 23.09
C GLU A 330 3.14 43.29 23.46
N PHE A 331 4.31 42.89 22.95
CA PHE A 331 4.85 41.58 23.31
C PHE A 331 5.56 41.60 24.66
N GLY A 332 6.09 42.74 25.07
CA GLY A 332 6.77 42.83 26.35
C GLY A 332 5.87 42.89 27.55
N LYS A 333 4.57 43.02 27.35
CA LYS A 333 3.63 43.05 28.45
C LYS A 333 3.36 41.65 28.97
N LEU A 334 3.25 41.53 30.29
CA LEU A 334 2.97 40.24 30.91
C LEU A 334 1.57 39.77 30.54
N THR A 335 1.43 38.47 30.30
CA THR A 335 0.19 37.89 29.76
C THR A 335 -0.42 36.90 30.74
N PRO A 336 -1.44 37.29 31.49
CA PRO A 336 -2.10 36.36 32.40
C PRO A 336 -3.10 35.47 31.65
N LEU A 337 -3.81 34.64 32.42
CA LEU A 337 -4.68 33.58 31.90
C LEU A 337 -6.12 34.05 31.69
N TYR A 338 -6.32 35.33 31.43
CA TYR A 338 -7.63 35.95 31.25
C TYR A 338 -8.56 35.75 32.45
N PRO A 339 -8.13 36.05 33.67
CA PRO A 339 -9.04 35.96 34.83
C PRO A 339 -9.68 37.27 35.26
N ASN A 340 -9.41 38.37 34.56
CA ASN A 340 -9.72 39.70 35.09
C ASN A 340 -11.20 40.04 34.91
N GLN A 341 -11.67 40.06 33.67
CA GLN A 341 -13.01 40.54 33.37
C GLN A 341 -13.73 39.53 32.48
N ARG A 342 -15.05 39.44 32.65
CA ARG A 342 -15.89 38.56 31.86
C ARG A 342 -16.67 39.39 30.84
N LEU A 343 -16.65 38.96 29.59
CA LEU A 343 -17.43 39.60 28.55
C LEU A 343 -18.88 39.12 28.64
N ARG A 344 -19.79 40.03 28.94
CA ARG A 344 -21.18 39.67 29.17
C ARG A 344 -21.92 39.55 27.85
N LEU A 345 -22.63 38.44 27.69
CA LEU A 345 -23.45 38.17 26.52
C LEU A 345 -24.92 38.09 26.94
N GLU A 346 -25.78 37.75 25.98
CA GLU A 346 -27.18 37.49 26.25
C GLU A 346 -27.88 38.71 26.85
N THR A 347 -27.92 39.80 26.07
CA THR A 347 -28.56 41.02 26.53
C THR A 347 -30.08 40.92 26.51
N SER A 348 -30.64 40.14 25.59
CA SER A 348 -32.08 39.97 25.49
C SER A 348 -32.42 38.49 25.37
N THR A 349 -33.59 38.11 25.88
CA THR A 349 -34.01 36.71 25.88
C THR A 349 -34.55 36.25 24.53
N GLU A 350 -34.85 37.16 23.60
CA GLU A 350 -35.25 36.75 22.27
C GLU A 350 -34.12 36.03 21.55
N ARG A 351 -32.90 36.55 21.66
CA ARG A 351 -31.73 36.00 20.96
C ARG A 351 -31.15 34.87 21.79
N LEU A 352 -31.49 33.63 21.42
CA LEU A 352 -31.05 32.46 22.15
C LEU A 352 -29.61 32.07 21.87
N THR A 353 -29.07 32.48 20.71
CA THR A 353 -27.69 32.12 20.39
C THR A 353 -26.70 32.73 21.38
N THR A 354 -26.90 34.00 21.75
CA THR A 354 -26.07 34.60 22.78
C THR A 354 -26.26 33.95 24.14
N ARG A 355 -27.48 33.53 24.48
CA ARG A 355 -27.70 32.81 25.73
C ARG A 355 -26.91 31.51 25.77
N VAL A 356 -26.98 30.72 24.69
CA VAL A 356 -26.30 29.43 24.70
C VAL A 356 -24.78 29.62 24.65
N ILE A 357 -24.30 30.64 23.93
CA ILE A 357 -22.86 30.91 23.93
C ILE A 357 -22.40 31.36 25.31
N ASP A 358 -23.23 32.16 25.99
CA ASP A 358 -22.92 32.55 27.36
C ASP A 358 -22.81 31.33 28.27
N LEU A 359 -23.73 30.38 28.12
CA LEU A 359 -23.67 29.18 28.95
C LEU A 359 -22.45 28.33 28.63
N ILE A 360 -22.20 28.06 27.35
CA ILE A 360 -21.27 26.99 26.98
C ILE A 360 -19.83 27.50 26.92
N MET A 361 -19.59 28.63 26.24
CA MET A 361 -18.24 29.14 26.02
C MET A 361 -18.22 30.57 26.56
N PRO A 362 -17.94 30.73 27.86
CA PRO A 362 -17.83 32.09 28.41
C PRO A 362 -16.68 32.86 27.79
N ILE A 363 -16.88 34.14 27.54
CA ILE A 363 -15.84 34.96 26.92
C ILE A 363 -15.21 35.86 27.97
N GLY A 364 -13.90 35.77 28.13
CA GLY A 364 -13.15 36.71 28.92
C GLY A 364 -12.50 37.76 28.02
N LYS A 365 -11.80 38.68 28.67
CA LYS A 365 -11.07 39.71 27.94
C LYS A 365 -9.74 39.14 27.47
N GLY A 366 -9.57 39.00 26.16
CA GLY A 366 -8.36 38.45 25.58
C GLY A 366 -8.48 37.01 25.12
N GLN A 367 -9.64 36.39 25.31
CA GLN A 367 -9.79 34.97 25.03
C GLN A 367 -9.54 34.67 23.56
N ARG A 368 -8.94 33.51 23.30
CA ARG A 368 -8.77 32.99 21.95
C ARG A 368 -9.90 31.99 21.69
N ALA A 369 -11.00 32.50 21.18
CA ALA A 369 -12.15 31.66 20.87
C ALA A 369 -12.07 31.20 19.41
N LEU A 370 -12.44 29.95 19.19
CA LEU A 370 -12.52 29.39 17.84
C LEU A 370 -13.92 28.83 17.64
N ILE A 371 -14.71 29.52 16.83
CA ILE A 371 -16.07 29.06 16.49
C ILE A 371 -15.92 28.24 15.21
N VAL A 372 -15.62 26.98 15.38
CA VAL A 372 -15.42 26.08 14.23
C VAL A 372 -16.78 25.68 13.68
N SER A 373 -16.91 25.72 12.35
CA SER A 373 -18.19 25.47 11.71
C SER A 373 -18.02 24.99 10.28
N PRO A 374 -18.87 24.08 9.82
CA PRO A 374 -18.92 23.76 8.39
C PRO A 374 -19.62 24.87 7.63
N PRO A 375 -19.52 24.88 6.30
CA PRO A 375 -20.23 25.92 5.53
C PRO A 375 -21.73 25.83 5.73
N LYS A 376 -22.38 27.00 5.71
CA LYS A 376 -23.83 27.10 5.89
C LYS A 376 -24.26 26.49 7.23
N ALA A 377 -23.85 27.14 8.31
CA ALA A 377 -24.25 26.72 9.64
C ALA A 377 -24.52 27.90 10.58
N GLY A 378 -24.82 29.08 10.03
CA GLY A 378 -25.06 30.24 10.87
C GLY A 378 -23.83 30.97 11.34
N LYS A 379 -22.71 30.83 10.63
CA LYS A 379 -21.46 31.46 11.06
C LYS A 379 -21.59 32.97 11.10
N THR A 380 -22.03 33.58 10.00
CA THR A 380 -22.14 35.03 9.93
C THR A 380 -23.17 35.56 10.92
N THR A 381 -24.29 34.83 11.07
CA THR A 381 -25.30 35.25 12.05
C THR A 381 -24.75 35.24 13.45
N ILE A 382 -24.00 34.19 13.82
CA ILE A 382 -23.41 34.11 15.15
C ILE A 382 -22.41 35.25 15.35
N LEU A 383 -21.58 35.50 14.34
CA LEU A 383 -20.59 36.57 14.46
C LEU A 383 -21.27 37.93 14.64
N GLN A 384 -22.33 38.20 13.87
CA GLN A 384 -23.05 39.46 14.01
C GLN A 384 -23.71 39.58 15.38
N ASP A 385 -24.31 38.48 15.86
CA ASP A 385 -24.95 38.51 17.18
C ASP A 385 -23.93 38.77 18.26
N ILE A 386 -22.77 38.11 18.18
CA ILE A 386 -21.72 38.32 19.18
C ILE A 386 -21.22 39.76 19.13
N ALA A 387 -21.01 40.30 17.92
CA ALA A 387 -20.55 41.68 17.80
C ALA A 387 -21.55 42.65 18.41
N ASN A 388 -22.84 42.44 18.15
CA ASN A 388 -23.86 43.30 18.75
C ASN A 388 -23.86 43.17 20.27
N ALA A 389 -23.68 41.95 20.77
CA ALA A 389 -23.64 41.74 22.22
C ALA A 389 -22.48 42.50 22.86
N ILE A 390 -21.29 42.42 22.26
CA ILE A 390 -20.15 43.13 22.81
C ILE A 390 -20.36 44.64 22.72
N THR A 391 -20.89 45.12 21.61
CA THR A 391 -21.10 46.56 21.46
C THR A 391 -22.13 47.09 22.46
N ARG A 392 -23.17 46.31 22.74
CA ARG A 392 -24.24 46.78 23.62
C ARG A 392 -23.85 46.62 25.09
N ASN A 393 -23.50 45.40 25.50
CA ASN A 393 -23.17 45.16 26.92
C ASN A 393 -21.95 45.95 27.35
N ASN A 394 -20.93 46.04 26.51
CA ASN A 394 -19.67 46.71 26.84
C ASN A 394 -19.44 47.89 25.90
N PRO A 395 -19.71 49.11 26.33
CA PRO A 395 -19.47 50.28 25.48
C PRO A 395 -18.01 50.70 25.36
N GLU A 396 -17.08 49.89 25.87
CA GLU A 396 -15.67 50.25 25.88
C GLU A 396 -14.81 49.40 24.95
N CYS A 397 -15.30 48.26 24.49
CA CYS A 397 -14.52 47.39 23.63
C CYS A 397 -14.46 47.97 22.22
N HIS A 398 -13.26 48.36 21.79
CA HIS A 398 -13.06 48.94 20.47
C HIS A 398 -13.17 47.84 19.42
N LEU A 399 -14.42 47.51 19.09
CA LEU A 399 -14.70 46.34 18.26
C LEU A 399 -14.13 46.49 16.86
N MET A 400 -13.56 45.40 16.36
CA MET A 400 -13.01 45.34 15.01
C MET A 400 -13.41 44.02 14.38
N VAL A 401 -13.94 44.06 13.16
CA VAL A 401 -14.30 42.85 12.42
C VAL A 401 -13.50 42.85 11.13
N VAL A 402 -12.78 41.76 10.89
CA VAL A 402 -11.89 41.63 9.72
C VAL A 402 -12.47 40.58 8.80
N LEU A 403 -12.55 40.90 7.51
CA LEU A 403 -13.01 39.99 6.48
C LEU A 403 -11.92 39.86 5.42
N VAL A 404 -11.51 38.62 5.15
CA VAL A 404 -10.37 38.36 4.27
C VAL A 404 -10.80 37.96 2.87
N ASP A 405 -11.80 37.08 2.74
CA ASP A 405 -12.30 36.62 1.45
C ASP A 405 -13.83 36.53 1.55
N GLU A 406 -14.50 37.64 1.23
CA GLU A 406 -15.95 37.70 1.30
C GLU A 406 -16.50 38.36 0.05
N ARG A 407 -17.64 37.84 -0.40
CA ARG A 407 -18.39 38.48 -1.45
C ARG A 407 -18.97 39.80 -0.94
N PRO A 408 -19.18 40.78 -1.82
CA PRO A 408 -19.63 42.10 -1.35
C PRO A 408 -20.96 42.08 -0.60
N GLU A 409 -21.82 41.11 -0.86
CA GLU A 409 -23.11 41.06 -0.16
C GLU A 409 -22.93 40.86 1.34
N GLU A 410 -22.01 39.99 1.75
CA GLU A 410 -21.77 39.78 3.17
C GLU A 410 -21.14 41.01 3.82
N VAL A 411 -20.27 41.72 3.09
CA VAL A 411 -19.70 42.95 3.63
C VAL A 411 -20.80 43.99 3.84
N THR A 412 -21.70 44.12 2.86
CA THR A 412 -22.81 45.06 3.01
C THR A 412 -23.73 44.68 4.16
N ASP A 413 -23.99 43.38 4.34
CA ASP A 413 -24.80 42.94 5.48
C ASP A 413 -24.10 43.25 6.79
N MET A 414 -22.78 43.04 6.86
CA MET A 414 -22.07 43.22 8.12
C MET A 414 -21.96 44.69 8.51
N GLN A 415 -21.73 45.58 7.54
CA GLN A 415 -21.67 46.99 7.89
C GLN A 415 -23.03 47.53 8.36
N ARG A 416 -24.12 46.80 8.08
CA ARG A 416 -25.41 47.18 8.64
C ARG A 416 -25.63 46.56 10.01
N SER A 417 -25.36 45.26 10.15
CA SER A 417 -25.63 44.57 11.40
C SER A 417 -24.66 44.98 12.49
N VAL A 418 -23.38 45.05 12.18
CA VAL A 418 -22.34 45.34 13.16
C VAL A 418 -22.07 46.83 13.19
N LYS A 419 -22.12 47.42 14.37
CA LYS A 419 -21.85 48.84 14.56
C LYS A 419 -20.37 49.14 14.75
N GLY A 420 -19.51 48.13 14.74
CA GLY A 420 -18.09 48.33 14.89
C GLY A 420 -17.40 48.62 13.56
N GLU A 421 -16.08 48.78 13.64
CA GLU A 421 -15.27 49.07 12.46
C GLU A 421 -15.08 47.78 11.65
N VAL A 422 -15.76 47.69 10.52
CA VAL A 422 -15.72 46.48 9.70
C VAL A 422 -14.59 46.58 8.70
N ILE A 423 -13.75 45.54 8.66
CA ILE A 423 -12.59 45.49 7.79
C ILE A 423 -12.87 44.44 6.71
N ALA A 424 -12.78 44.84 5.45
CA ALA A 424 -13.19 44.01 4.34
C ALA A 424 -12.04 43.82 3.37
N SER A 425 -11.91 42.60 2.86
CA SER A 425 -11.00 42.28 1.76
C SER A 425 -11.78 41.45 0.75
N THR A 426 -12.11 42.07 -0.39
CA THR A 426 -12.93 41.39 -1.39
C THR A 426 -12.16 40.22 -2.01
N PHE A 427 -12.91 39.18 -2.38
CA PHE A 427 -12.31 38.00 -2.97
C PHE A 427 -11.62 38.29 -4.30
N ASP A 428 -11.96 39.40 -4.94
CA ASP A 428 -11.33 39.75 -6.22
C ASP A 428 -9.85 40.04 -6.04
N ARG A 429 -9.47 40.66 -4.93
CA ARG A 429 -8.11 41.14 -4.74
C ARG A 429 -7.13 39.97 -4.62
N PRO A 430 -5.86 40.18 -4.96
CA PRO A 430 -4.87 39.10 -4.90
C PRO A 430 -4.64 38.66 -3.47
N PRO A 431 -4.07 37.46 -3.28
CA PRO A 431 -3.82 36.98 -1.91
C PRO A 431 -2.86 37.85 -1.11
N SER A 432 -2.05 38.67 -1.78
CA SER A 432 -1.14 39.57 -1.06
C SER A 432 -1.91 40.57 -0.22
N ASP A 433 -3.01 41.11 -0.76
CA ASP A 433 -3.77 42.11 -0.02
C ASP A 433 -4.49 41.52 1.20
N HIS A 434 -4.87 40.25 1.16
CA HIS A 434 -5.46 39.64 2.35
C HIS A 434 -4.48 39.66 3.52
N THR A 435 -3.23 39.29 3.26
CA THR A 435 -2.18 39.40 4.28
C THR A 435 -1.96 40.86 4.68
N SER A 436 -1.83 41.74 3.70
CA SER A 436 -1.52 43.13 4.02
C SER A 436 -2.63 43.84 4.77
N VAL A 437 -3.86 43.31 4.74
CA VAL A 437 -4.95 43.87 5.51
C VAL A 437 -5.13 43.18 6.86
N ALA A 438 -5.01 41.84 6.92
CA ALA A 438 -5.14 41.16 8.20
C ALA A 438 -4.01 41.54 9.15
N GLU A 439 -2.78 41.59 8.66
CA GLU A 439 -1.66 41.98 9.50
C GLU A 439 -1.79 43.41 9.97
N LEU A 440 -2.21 44.32 9.09
CA LEU A 440 -2.41 45.70 9.52
C LEU A 440 -3.52 45.83 10.55
N ALA A 441 -4.61 45.06 10.40
CA ALA A 441 -5.67 45.09 11.39
C ALA A 441 -5.17 44.60 12.75
N ILE A 442 -4.43 43.49 12.76
CA ILE A 442 -3.95 42.99 14.04
C ILE A 442 -2.93 43.94 14.65
N GLU A 443 -2.13 44.62 13.83
CA GLU A 443 -1.20 45.59 14.38
C GLU A 443 -1.92 46.81 14.94
N ARG A 444 -3.00 47.25 14.30
CA ARG A 444 -3.82 48.31 14.86
C ARG A 444 -4.39 47.91 16.21
N ALA A 445 -4.88 46.67 16.31
CA ALA A 445 -5.39 46.19 17.59
C ALA A 445 -4.28 46.14 18.64
N LYS A 446 -3.09 45.70 18.24
CA LYS A 446 -1.95 45.63 19.16
C LYS A 446 -1.60 47.01 19.68
N ARG A 447 -1.59 48.03 18.81
CA ARG A 447 -1.25 49.36 19.27
C ARG A 447 -2.34 49.96 20.13
N LEU A 448 -3.61 49.65 19.87
CA LEU A 448 -4.67 50.09 20.77
C LEU A 448 -4.50 49.45 22.15
N VAL A 449 -4.17 48.16 22.20
CA VAL A 449 -3.93 47.52 23.49
C VAL A 449 -2.71 48.14 24.17
N GLU A 450 -1.69 48.47 23.39
CA GLU A 450 -0.51 49.15 23.92
C GLU A 450 -0.89 50.48 24.56
N GLN A 451 -1.82 51.20 23.94
CA GLN A 451 -2.31 52.44 24.54
C GLN A 451 -2.96 52.16 25.89
N GLY A 452 -3.67 51.04 26.01
CA GLY A 452 -4.30 50.67 27.25
C GLY A 452 -5.79 50.46 27.11
N LYS A 453 -6.24 50.29 25.86
CA LYS A 453 -7.66 50.19 25.55
C LYS A 453 -8.01 48.76 25.17
N ASP A 454 -9.06 48.23 25.78
CA ASP A 454 -9.50 46.87 25.45
C ASP A 454 -9.98 46.82 24.01
N VAL A 455 -9.65 45.73 23.33
CA VAL A 455 -9.97 45.54 21.92
C VAL A 455 -10.56 44.16 21.72
N VAL A 456 -11.62 44.07 20.91
CA VAL A 456 -12.20 42.80 20.50
C VAL A 456 -12.10 42.73 18.98
N VAL A 457 -11.47 41.67 18.48
CA VAL A 457 -11.28 41.47 17.05
C VAL A 457 -11.98 40.17 16.66
N LEU A 458 -12.83 40.24 15.64
CA LEU A 458 -13.53 39.07 15.13
C LEU A 458 -13.04 38.78 13.72
N LEU A 459 -12.58 37.56 13.49
CA LEU A 459 -12.07 37.13 12.20
C LEU A 459 -13.02 36.10 11.60
N ASP A 460 -13.17 36.14 10.28
CA ASP A 460 -13.98 35.18 9.56
C ASP A 460 -13.07 34.18 8.86
N SER A 461 -13.27 32.89 9.16
CA SER A 461 -12.65 31.82 8.39
C SER A 461 -11.12 31.95 8.37
N ILE A 462 -10.53 31.73 9.54
CA ILE A 462 -9.07 31.78 9.68
C ILE A 462 -8.42 30.82 8.69
N THR A 463 -9.17 29.80 8.27
CA THR A 463 -8.69 28.92 7.21
C THR A 463 -8.52 29.70 5.91
N ARG A 464 -9.37 30.70 5.65
CA ARG A 464 -9.20 31.53 4.47
C ARG A 464 -7.92 32.34 4.54
N LEU A 465 -7.59 32.87 5.72
CA LEU A 465 -6.32 33.57 5.88
C LEU A 465 -5.14 32.62 5.71
N GLY A 466 -5.25 31.40 6.22
CA GLY A 466 -4.21 30.42 6.01
C GLY A 466 -4.00 30.09 4.54
N ARG A 467 -5.09 29.91 3.81
CA ARG A 467 -4.98 29.67 2.37
C ARG A 467 -4.39 30.87 1.64
N ALA A 468 -4.81 32.09 2.00
CA ALA A 468 -4.25 33.28 1.38
C ALA A 468 -2.76 33.39 1.62
N TYR A 469 -2.29 32.99 2.80
CA TYR A 469 -0.86 32.93 3.05
C TYR A 469 -0.19 31.82 2.25
N ASN A 470 -0.88 30.69 2.07
CA ASN A 470 -0.29 29.58 1.34
C ASN A 470 -0.03 29.93 -0.12
N ASN A 471 -0.98 30.61 -0.76
CA ASN A 471 -0.83 30.97 -2.17
C ASN A 471 0.11 32.14 -2.38
N ALA A 472 0.12 33.10 -1.45
CA ALA A 472 0.94 34.30 -1.65
C ALA A 472 2.42 33.98 -1.60
N SER A 473 2.83 33.01 -0.79
CA SER A 473 4.24 32.70 -0.64
C SER A 473 4.58 31.41 -1.39
N PRO A 474 5.83 31.28 -1.85
CA PRO A 474 6.24 30.03 -2.50
C PRO A 474 6.45 28.91 -1.49
N ALA A 475 6.89 27.74 -1.96
CA ALA A 475 7.10 26.58 -1.11
C ALA A 475 8.53 26.62 -0.57
N SER A 476 8.65 26.75 0.76
CA SER A 476 9.96 26.82 1.40
C SER A 476 10.06 25.90 2.62
N GLY A 477 9.04 25.10 2.90
CA GLY A 477 9.03 24.20 4.03
C GLY A 477 8.61 22.81 3.62
N ARG A 478 7.97 22.11 4.56
CA ARG A 478 7.47 20.77 4.30
C ARG A 478 6.21 20.82 3.44
N ILE A 479 6.37 20.66 2.12
CA ILE A 479 5.23 20.75 1.21
C ILE A 479 4.23 19.65 1.50
N LEU A 480 4.71 18.46 1.85
CA LEU A 480 3.85 17.30 1.96
C LEU A 480 2.97 17.36 3.21
N SER A 481 2.13 18.40 3.30
CA SER A 481 1.16 18.55 4.39
C SER A 481 -0.20 18.83 3.76
N GLY A 482 -0.89 17.76 3.36
CA GLY A 482 -2.24 17.87 2.83
C GLY A 482 -2.41 18.81 1.66
N GLY A 483 -1.31 19.12 0.97
CA GLY A 483 -1.32 20.04 -0.15
C GLY A 483 -1.06 21.49 0.21
N VAL A 484 -0.96 21.82 1.49
CA VAL A 484 -0.72 23.20 1.94
C VAL A 484 0.67 23.29 2.54
N ASP A 485 1.40 24.34 2.17
CA ASP A 485 2.76 24.54 2.64
C ASP A 485 2.77 24.87 4.14
N SER A 486 3.72 24.27 4.85
CA SER A 486 3.80 24.47 6.29
C SER A 486 4.36 25.84 6.67
N THR A 487 5.38 26.31 5.93
CA THR A 487 5.99 27.60 6.25
C THR A 487 4.97 28.73 6.12
N ALA A 488 4.08 28.64 5.13
CA ALA A 488 3.03 29.63 4.97
C ALA A 488 1.86 29.44 5.92
N LEU A 489 2.01 28.57 6.92
CA LEU A 489 1.01 28.41 7.96
C LEU A 489 1.38 29.10 9.26
N TYR A 490 2.65 29.48 9.43
CA TYR A 490 3.06 30.21 10.65
C TYR A 490 2.37 31.56 10.82
N PRO A 491 2.32 32.45 9.83
CA PRO A 491 1.76 33.81 10.08
C PRO A 491 0.32 33.78 10.56
N PRO A 492 -0.54 32.88 10.06
CA PRO A 492 -1.86 32.74 10.69
C PRO A 492 -1.78 32.37 12.16
N LYS A 493 -0.83 31.52 12.54
CA LYS A 493 -0.68 31.17 13.95
C LYS A 493 -0.24 32.38 14.76
N ARG A 494 0.65 33.21 14.22
CA ARG A 494 1.01 34.44 14.92
C ARG A 494 -0.20 35.34 15.10
N PHE A 495 -1.01 35.48 14.05
CA PHE A 495 -2.21 36.32 14.16
C PHE A 495 -3.14 35.79 15.23
N LEU A 496 -3.38 34.48 15.25
CA LEU A 496 -4.27 33.92 16.25
C LEU A 496 -3.71 34.07 17.65
N GLY A 497 -2.42 33.84 17.82
CA GLY A 497 -1.79 33.95 19.12
C GLY A 497 -1.55 35.35 19.60
N ALA A 498 -1.78 36.35 18.74
CA ALA A 498 -1.69 37.74 19.19
C ALA A 498 -2.69 38.09 20.28
N ALA A 499 -3.75 37.30 20.45
CA ALA A 499 -4.76 37.57 21.46
C ALA A 499 -4.22 37.21 22.83
N ARG A 500 -4.18 38.18 23.74
CA ARG A 500 -3.58 37.99 25.05
C ARG A 500 -4.13 39.03 26.01
N ASN A 501 -4.25 38.66 27.27
CA ASN A 501 -4.55 39.63 28.31
C ASN A 501 -3.25 40.31 28.76
N ILE A 502 -3.39 41.52 29.29
CA ILE A 502 -2.26 42.29 29.79
C ILE A 502 -2.45 42.54 31.27
N GLU A 503 -1.46 42.15 32.07
CA GLU A 503 -1.53 42.40 33.51
C GLU A 503 -1.51 43.89 33.81
N GLU A 504 -0.68 44.64 33.09
CA GLU A 504 -0.60 46.08 33.33
C GLU A 504 -1.92 46.78 33.01
N GLY A 505 -2.56 46.39 31.91
CA GLY A 505 -3.81 47.00 31.51
C GLY A 505 -4.12 46.82 30.03
N GLY A 506 -5.39 46.58 29.72
CA GLY A 506 -5.80 46.32 28.36
C GLY A 506 -5.93 44.84 28.09
N SER A 507 -6.60 44.53 26.97
CA SER A 507 -6.79 43.15 26.55
C SER A 507 -7.08 43.14 25.06
N LEU A 508 -6.74 42.03 24.42
CA LEU A 508 -6.96 41.84 22.99
C LEU A 508 -7.68 40.51 22.80
N THR A 509 -8.98 40.56 22.53
CA THR A 509 -9.80 39.37 22.39
C THR A 509 -9.99 39.05 20.92
N ILE A 510 -9.78 37.79 20.56
CA ILE A 510 -9.94 37.34 19.18
C ILE A 510 -10.88 36.13 19.16
N ILE A 511 -11.99 36.26 18.45
CA ILE A 511 -12.87 35.13 18.16
C ILE A 511 -12.83 34.93 16.65
N ALA A 512 -12.32 33.78 16.22
CA ALA A 512 -12.14 33.50 14.80
C ALA A 512 -12.81 32.18 14.46
N THR A 513 -13.30 32.08 13.23
CA THR A 513 -13.96 30.89 12.73
C THR A 513 -13.04 30.11 11.79
N ALA A 514 -13.41 28.87 11.53
CA ALA A 514 -12.60 28.01 10.67
C ALA A 514 -13.51 26.96 10.02
N MET A 515 -13.34 26.78 8.71
CA MET A 515 -14.11 25.75 8.02
C MET A 515 -13.54 24.37 8.30
N VAL A 516 -14.44 23.39 8.40
CA VAL A 516 -14.08 21.99 8.54
C VAL A 516 -15.10 21.16 7.78
N GLU A 517 -14.76 19.89 7.52
CA GLU A 517 -15.60 18.95 6.76
C GLU A 517 -16.21 19.61 5.52
N THR A 518 -15.38 20.34 4.79
CA THR A 518 -15.78 21.01 3.55
C THR A 518 -15.54 20.15 2.33
N GLY A 519 -15.07 18.92 2.50
CA GLY A 519 -14.71 18.09 1.36
C GLY A 519 -13.33 18.38 0.81
N SER A 520 -12.56 19.26 1.44
CA SER A 520 -11.24 19.63 0.99
C SER A 520 -10.21 19.26 2.05
N THR A 521 -9.04 18.81 1.59
CA THR A 521 -7.97 18.45 2.52
C THR A 521 -7.26 19.69 3.07
N GLY A 522 -7.17 20.76 2.29
CA GLY A 522 -6.45 21.94 2.75
C GLY A 522 -7.07 22.58 3.98
N ASP A 523 -8.39 22.77 3.96
CA ASP A 523 -9.07 23.41 5.09
C ASP A 523 -8.92 22.58 6.36
N THR A 524 -9.17 21.27 6.27
CA THR A 524 -9.09 20.44 7.46
C THR A 524 -7.66 20.31 7.96
N VAL A 525 -6.67 20.26 7.06
CA VAL A 525 -5.28 20.21 7.51
C VAL A 525 -4.89 21.50 8.22
N ILE A 526 -5.28 22.65 7.65
CA ILE A 526 -4.96 23.93 8.28
C ILE A 526 -5.62 24.04 9.65
N PHE A 527 -6.88 23.60 9.75
CA PHE A 527 -7.53 23.61 11.06
C PHE A 527 -6.83 22.67 12.03
N GLU A 528 -6.45 21.49 11.57
CA GLU A 528 -5.85 20.49 12.46
C GLU A 528 -4.53 20.99 13.01
N GLU A 529 -3.72 21.64 12.18
CA GLU A 529 -2.44 22.15 12.66
C GLU A 529 -2.60 23.42 13.48
N PHE A 530 -3.84 23.85 13.73
CA PHE A 530 -4.13 24.91 14.70
C PHE A 530 -4.65 24.36 16.02
N LYS A 531 -4.63 23.04 16.20
CA LYS A 531 -5.16 22.44 17.41
C LYS A 531 -4.24 22.73 18.59
N GLY A 532 -4.83 23.01 19.76
CA GLY A 532 -4.07 23.28 20.95
C GLY A 532 -3.60 24.71 21.12
N THR A 533 -4.03 25.62 20.25
CA THR A 533 -3.65 27.03 20.32
C THR A 533 -4.71 27.90 20.96
N GLY A 534 -5.99 27.63 20.69
CA GLY A 534 -7.07 28.41 21.26
C GLY A 534 -7.61 27.75 22.50
N ASN A 535 -7.70 28.51 23.58
CA ASN A 535 -8.19 27.97 24.84
C ASN A 535 -9.71 27.72 24.80
N ALA A 536 -10.45 28.57 24.11
CA ALA A 536 -11.90 28.43 24.00
C ALA A 536 -12.28 27.93 22.61
N GLU A 537 -13.19 26.95 22.57
CA GLU A 537 -13.65 26.38 21.31
C GLU A 537 -15.17 26.27 21.33
N LEU A 538 -15.79 26.66 20.21
CA LEU A 538 -17.23 26.50 20.02
C LEU A 538 -17.45 25.69 18.75
N LYS A 539 -18.01 24.50 18.90
CA LYS A 539 -18.20 23.58 17.78
C LYS A 539 -19.61 23.73 17.23
N LEU A 540 -19.71 23.96 15.92
CA LEU A 540 -21.00 24.04 15.24
C LEU A 540 -21.16 22.82 14.35
N ASP A 541 -22.34 22.22 14.41
CA ASP A 541 -22.62 20.97 13.71
C ASP A 541 -23.45 21.24 12.45
N ARG A 542 -23.38 20.29 11.51
CA ARG A 542 -24.16 20.35 10.29
C ARG A 542 -25.48 19.61 10.40
N LYS A 543 -25.52 18.49 11.12
CA LYS A 543 -26.76 17.75 11.30
C LYS A 543 -27.79 18.61 12.03
N ILE A 544 -27.36 19.29 13.10
CA ILE A 544 -28.27 20.16 13.83
C ILE A 544 -28.66 21.37 12.99
N ALA A 545 -27.73 21.88 12.18
CA ALA A 545 -28.03 23.05 11.35
C ALA A 545 -29.04 22.72 10.25
N GLU A 546 -28.98 21.51 9.71
CA GLU A 546 -29.91 21.13 8.64
C GLU A 546 -31.34 21.08 9.16
N ARG A 547 -31.53 20.67 10.41
CA ARG A 547 -32.86 20.55 11.01
C ARG A 547 -33.45 21.89 11.43
N ARG A 548 -32.83 23.01 11.02
CA ARG A 548 -33.27 24.36 11.39
C ARG A 548 -33.25 24.54 12.91
N VAL A 549 -32.46 23.71 13.61
CA VAL A 549 -32.23 23.91 15.05
C VAL A 549 -31.00 24.81 15.15
N PHE A 550 -31.24 26.10 15.05
CA PHE A 550 -30.18 27.10 15.05
C PHE A 550 -30.02 27.70 16.44
N PRO A 551 -28.79 28.09 16.84
CA PRO A 551 -27.58 28.20 16.04
C PRO A 551 -26.79 26.90 15.83
N ALA A 552 -27.34 25.78 16.26
CA ALA A 552 -26.74 24.46 16.03
C ALA A 552 -25.37 24.34 16.67
N VAL A 553 -25.30 24.62 17.97
CA VAL A 553 -24.04 24.55 18.71
C VAL A 553 -23.85 23.15 19.25
N ASP A 554 -22.75 22.51 18.86
CA ASP A 554 -22.38 21.21 19.42
C ASP A 554 -21.87 21.44 20.83
N VAL A 555 -22.75 21.23 21.82
CA VAL A 555 -22.47 21.65 23.18
C VAL A 555 -21.35 20.81 23.80
N ASN A 556 -21.41 19.49 23.61
CA ASN A 556 -20.47 18.62 24.34
C ASN A 556 -19.02 18.89 23.99
N PRO A 557 -18.60 18.92 22.71
CA PRO A 557 -17.19 19.29 22.43
C PRO A 557 -16.85 20.71 22.82
N SER A 558 -17.81 21.63 22.77
CA SER A 558 -17.52 23.03 22.98
C SER A 558 -17.21 23.33 24.45
N GLY A 559 -16.53 24.43 24.67
CA GLY A 559 -16.16 24.83 26.01
C GLY A 559 -15.01 25.82 25.96
N THR A 560 -14.52 26.15 27.15
CA THR A 560 -13.38 27.04 27.31
C THR A 560 -12.42 26.46 28.33
N ARG A 561 -11.16 26.86 28.23
CA ARG A 561 -10.11 26.38 29.11
C ARG A 561 -9.96 27.28 30.33
N LYS A 562 -9.89 26.65 31.50
CA LYS A 562 -9.72 27.36 32.77
C LYS A 562 -10.83 28.40 32.98
N ASP A 563 -12.06 27.89 33.00
CA ASP A 563 -13.24 28.73 33.21
C ASP A 563 -13.47 29.08 34.66
N GLU A 564 -12.78 28.42 35.59
CA GLU A 564 -12.99 28.68 37.01
C GLU A 564 -12.57 30.09 37.41
N LEU A 565 -11.78 30.76 36.58
CA LEU A 565 -11.35 32.13 36.87
C LEU A 565 -12.35 33.17 36.41
N LEU A 566 -13.07 32.92 35.31
CA LEU A 566 -14.08 33.85 34.84
C LEU A 566 -15.38 33.71 35.62
N LEU A 567 -15.89 32.49 35.71
CA LEU A 567 -17.15 32.25 36.40
C LEU A 567 -16.98 32.39 37.92
N SER A 568 -18.02 32.89 38.56
CA SER A 568 -18.04 32.95 40.01
C SER A 568 -18.11 31.54 40.60
N PRO A 569 -17.63 31.35 41.83
CA PRO A 569 -17.60 29.99 42.40
C PRO A 569 -18.94 29.27 42.38
N ASP A 570 -19.99 29.89 42.92
CA ASP A 570 -21.31 29.27 42.85
C ASP A 570 -21.78 29.13 41.40
N GLU A 571 -21.53 30.16 40.59
CA GLU A 571 -21.86 30.08 39.18
C GLU A 571 -21.07 28.98 38.49
N PHE A 572 -19.80 28.82 38.87
CA PHE A 572 -19.00 27.75 38.30
C PHE A 572 -19.57 26.38 38.66
N ALA A 573 -20.02 26.21 39.91
CA ALA A 573 -20.62 24.94 40.29
C ALA A 573 -21.90 24.68 39.51
N ILE A 574 -22.72 25.71 39.32
CA ILE A 574 -23.95 25.57 38.55
C ILE A 574 -23.62 25.16 37.12
N VAL A 575 -22.63 25.82 36.52
CA VAL A 575 -22.25 25.49 35.14
C VAL A 575 -21.68 24.09 35.06
N HIS A 576 -20.95 23.66 36.09
CA HIS A 576 -20.41 22.30 36.10
C HIS A 576 -21.53 21.26 36.13
N LYS A 577 -22.53 21.47 36.99
CA LYS A 577 -23.67 20.56 37.02
C LYS A 577 -24.41 20.56 35.69
N LEU A 578 -24.61 21.74 35.10
CA LEU A 578 -25.30 21.85 33.83
C LEU A 578 -24.54 21.12 32.73
N ARG A 579 -23.21 21.27 32.73
CA ARG A 579 -22.37 20.60 31.74
C ARG A 579 -22.38 19.09 31.93
N ARG A 580 -22.42 18.62 33.18
CA ARG A 580 -22.55 17.18 33.41
C ARG A 580 -23.87 16.66 32.87
N VAL A 581 -24.95 17.40 33.09
CA VAL A 581 -26.25 17.00 32.56
C VAL A 581 -26.22 16.95 31.03
N LEU A 582 -25.62 17.97 30.41
CA LEU A 582 -25.51 17.97 28.94
C LEU A 582 -24.66 16.81 28.43
N SER A 583 -23.54 16.53 29.09
CA SER A 583 -22.66 15.45 28.65
C SER A 583 -23.20 14.06 28.98
N GLY A 584 -24.24 13.97 29.80
CA GLY A 584 -24.84 12.68 30.08
C GLY A 584 -25.42 12.02 28.84
N LEU A 585 -25.93 12.81 27.91
CA LEU A 585 -26.61 12.29 26.72
C LEU A 585 -25.79 12.58 25.46
N ASP A 586 -26.32 12.16 24.33
CA ASP A 586 -25.70 12.39 23.03
C ASP A 586 -25.88 13.84 22.61
N SER A 587 -25.34 14.18 21.44
CA SER A 587 -25.37 15.57 20.98
C SER A 587 -26.79 16.06 20.74
N HIS A 588 -27.57 15.30 19.96
CA HIS A 588 -28.92 15.73 19.62
C HIS A 588 -29.80 15.80 20.87
N GLN A 589 -29.72 14.77 21.72
CA GLN A 589 -30.50 14.78 22.96
C GLN A 589 -30.08 15.91 23.87
N ALA A 590 -28.76 16.16 23.99
CA ALA A 590 -28.29 17.24 24.85
C ALA A 590 -28.78 18.60 24.37
N ILE A 591 -28.65 18.87 23.07
CA ILE A 591 -29.08 20.17 22.57
C ILE A 591 -30.59 20.30 22.67
N ASP A 592 -31.34 19.22 22.43
CA ASP A 592 -32.79 19.27 22.58
C ASP A 592 -33.20 19.53 24.02
N LEU A 593 -32.49 18.94 24.98
CA LEU A 593 -32.80 19.15 26.39
C LEU A 593 -32.49 20.58 26.80
N LEU A 594 -31.34 21.11 26.36
CA LEU A 594 -30.96 22.47 26.73
C LEU A 594 -31.91 23.49 26.10
N MET A 595 -32.30 23.25 24.85
CA MET A 595 -33.24 24.12 24.17
C MET A 595 -34.66 23.81 24.63
N SER A 596 -35.55 24.78 24.44
CA SER A 596 -36.93 24.76 24.94
C SER A 596 -36.99 24.71 26.45
N GLN A 597 -35.84 24.70 27.13
CA GLN A 597 -35.73 24.80 28.58
C GLN A 597 -34.95 26.03 29.01
N LEU A 598 -33.91 26.41 28.26
CA LEU A 598 -33.22 27.67 28.54
C LEU A 598 -34.11 28.87 28.24
N ARG A 599 -35.04 28.76 27.31
CA ARG A 599 -35.89 29.87 26.88
C ARG A 599 -36.97 30.23 27.88
N LYS A 600 -36.97 29.76 29.13
CA LYS A 600 -38.09 30.04 30.01
C LYS A 600 -38.25 31.54 30.27
N THR A 601 -37.33 32.14 31.03
CA THR A 601 -37.32 33.59 31.20
C THR A 601 -35.99 34.23 30.81
N LYS A 602 -34.90 33.81 31.43
CA LYS A 602 -33.60 34.48 31.33
C LYS A 602 -32.53 33.46 31.71
N ASN A 603 -31.31 33.96 31.98
CA ASN A 603 -30.20 33.07 32.31
C ASN A 603 -30.23 32.63 33.77
N ASN A 604 -30.29 33.59 34.71
CA ASN A 604 -30.32 33.22 36.11
C ASN A 604 -31.56 32.42 36.46
N TYR A 605 -32.65 32.59 35.70
CA TYR A 605 -33.81 31.76 35.89
C TYR A 605 -33.51 30.30 35.59
N GLU A 606 -32.75 30.03 34.53
CA GLU A 606 -32.31 28.66 34.28
C GLU A 606 -31.28 28.21 35.30
N PHE A 607 -30.48 29.14 35.84
CA PHE A 607 -29.53 28.79 36.88
C PHE A 607 -30.24 28.29 38.13
N LEU A 608 -31.31 28.97 38.54
CA LEU A 608 -32.02 28.58 39.75
C LEU A 608 -32.62 27.18 39.61
N VAL A 609 -33.05 26.82 38.40
CA VAL A 609 -33.59 25.48 38.18
C VAL A 609 -32.52 24.42 38.41
N GLN A 610 -31.31 24.66 37.91
CA GLN A 610 -30.24 23.67 38.03
C GLN A 610 -29.82 23.47 39.48
N VAL A 611 -30.04 24.47 40.35
CA VAL A 611 -29.72 24.31 41.76
C VAL A 611 -30.56 23.20 42.37
N SER A 612 -31.87 23.24 42.14
CA SER A 612 -32.79 22.25 42.67
C SER A 612 -34.12 22.31 41.94
N VAL B 242 29.78 51.13 25.91
CA VAL B 242 30.44 50.71 27.14
C VAL B 242 29.45 50.08 28.09
N VAL B 243 28.34 49.58 27.55
CA VAL B 243 27.31 48.92 28.33
C VAL B 243 27.65 47.44 28.44
N GLN B 244 27.34 46.85 29.58
CA GLN B 244 27.71 45.47 29.86
C GLN B 244 26.49 44.55 29.78
N PRO B 245 26.37 43.71 28.76
CA PRO B 245 25.30 42.71 28.72
C PRO B 245 25.75 41.37 29.29
N VAL B 246 24.79 40.47 29.43
CA VAL B 246 25.07 39.11 29.90
C VAL B 246 23.95 38.18 29.44
N ALA B 247 24.33 37.02 28.90
CA ALA B 247 23.39 36.04 28.39
C ALA B 247 24.17 34.81 27.91
N GLY B 248 23.43 33.77 27.55
CA GLY B 248 24.06 32.60 26.94
C GLY B 248 24.48 32.92 25.53
N ILE B 249 25.58 32.29 25.09
CA ILE B 249 26.11 32.50 23.75
C ILE B 249 25.72 31.32 22.86
N LEU B 250 25.21 31.63 21.67
CA LEU B 250 24.87 30.62 20.67
C LEU B 250 25.79 30.80 19.48
N ASP B 251 26.55 29.77 19.16
CA ASP B 251 27.46 29.81 18.01
C ASP B 251 26.67 29.41 16.76
N VAL B 252 26.39 30.40 15.90
CA VAL B 252 25.80 30.10 14.61
C VAL B 252 26.73 29.16 13.87
N LEU B 253 26.16 28.11 13.27
CA LEU B 253 26.96 27.02 12.77
C LEU B 253 27.95 27.47 11.70
N ASP B 254 27.53 28.37 10.82
CA ASP B 254 28.33 28.71 9.64
C ASP B 254 29.65 29.39 9.98
N ASN B 255 29.61 30.64 10.44
CA ASN B 255 30.84 31.40 10.62
C ASN B 255 30.92 32.22 11.91
N TYR B 256 29.80 32.62 12.51
CA TYR B 256 29.80 33.63 13.54
C TYR B 256 28.97 33.17 14.73
N ALA B 257 28.85 34.03 15.73
CA ALA B 257 28.17 33.67 16.97
C ALA B 257 27.49 34.90 17.57
N PHE B 258 26.45 34.65 18.37
CA PHE B 258 25.63 35.70 18.93
C PHE B 258 25.47 35.49 20.43
N VAL B 259 25.17 36.59 21.11
CA VAL B 259 24.81 36.61 22.52
C VAL B 259 23.34 36.95 22.60
N ARG B 260 22.56 36.06 23.22
CA ARG B 260 21.11 36.07 23.11
C ARG B 260 20.53 36.61 24.43
N THR B 261 20.38 37.92 24.49
CA THR B 261 19.96 38.58 25.73
C THR B 261 18.46 38.57 25.96
N SER B 262 17.71 37.68 25.32
CA SER B 262 16.25 37.70 25.49
C SER B 262 15.85 37.22 26.89
N GLY B 263 16.24 36.01 27.31
CA GLY B 263 16.80 34.91 26.52
C GLY B 263 15.91 33.71 26.79
N TYR B 264 16.13 32.59 26.10
CA TYR B 264 17.19 32.43 25.13
C TYR B 264 16.59 32.45 23.73
N LEU B 265 16.32 33.66 23.20
CA LEU B 265 15.54 33.81 21.99
C LEU B 265 16.16 34.87 21.09
N PRO B 266 16.18 34.65 19.77
CA PRO B 266 16.64 35.70 18.85
C PRO B 266 15.81 36.96 18.97
N GLY B 267 16.42 38.07 19.37
CA GLY B 267 15.70 39.30 19.56
C GLY B 267 16.36 40.49 18.91
N PRO B 268 15.99 41.70 19.34
CA PRO B 268 16.63 42.91 18.79
C PRO B 268 18.02 43.17 19.37
N HIS B 269 18.20 42.86 20.64
CA HIS B 269 19.48 43.12 21.31
C HIS B 269 20.33 41.85 21.37
N ASP B 270 20.68 41.36 20.18
CA ASP B 270 21.56 40.22 20.03
C ASP B 270 22.96 40.73 19.73
N VAL B 271 23.94 40.32 20.53
CA VAL B 271 25.29 40.85 20.41
C VAL B 271 26.10 39.97 19.48
N TYR B 272 26.76 40.59 18.51
CA TYR B 272 27.59 39.85 17.54
C TYR B 272 28.99 39.66 18.14
N VAL B 273 29.46 38.43 18.20
CA VAL B 273 30.82 38.13 18.65
C VAL B 273 31.59 37.48 17.52
N SER B 274 32.75 38.04 17.20
CA SER B 274 33.58 37.52 16.12
C SER B 274 34.12 36.14 16.48
N MET B 275 34.12 35.23 15.50
CA MET B 275 34.64 33.89 15.76
C MET B 275 36.13 33.92 16.09
N ASN B 276 36.84 34.97 15.67
CA ASN B 276 38.21 35.14 16.13
C ASN B 276 38.25 35.30 17.65
N MET B 277 37.38 36.15 18.19
CA MET B 277 37.30 36.32 19.63
C MET B 277 36.79 35.05 20.30
N VAL B 278 35.89 34.32 19.64
CA VAL B 278 35.39 33.07 20.17
C VAL B 278 36.53 32.07 20.33
N ARG B 279 37.39 31.97 19.31
CA ARG B 279 38.49 31.01 19.36
C ARG B 279 39.58 31.46 20.33
N LYS B 280 39.82 32.78 20.43
CA LYS B 280 40.83 33.27 21.37
C LYS B 280 40.40 33.04 22.80
N ASN B 281 39.16 33.40 23.15
CA ASN B 281 38.71 33.24 24.52
C ASN B 281 38.31 31.81 24.84
N GLY B 282 38.18 30.94 23.84
CA GLY B 282 37.83 29.55 24.09
C GLY B 282 36.47 29.37 24.72
N MET B 283 35.47 30.10 24.23
CA MET B 283 34.11 30.02 24.76
C MET B 283 33.26 29.19 23.80
N ARG B 284 32.65 28.13 24.31
CA ARG B 284 31.82 27.26 23.50
C ARG B 284 30.37 27.70 23.61
N ARG B 285 29.48 27.02 22.90
CA ARG B 285 28.06 27.35 22.94
C ARG B 285 27.49 27.03 24.31
N GLY B 286 26.67 27.94 24.82
CA GLY B 286 26.09 27.80 26.14
C GLY B 286 26.81 28.55 27.24
N ASP B 287 27.85 29.31 26.92
CA ASP B 287 28.56 30.07 27.93
C ASP B 287 27.83 31.37 28.23
N ALA B 288 27.87 31.79 29.50
CA ALA B 288 27.26 33.05 29.92
C ALA B 288 28.25 34.18 29.69
N VAL B 289 28.21 34.73 28.48
CA VAL B 289 29.13 35.80 28.11
C VAL B 289 28.76 37.07 28.85
N THR B 290 29.76 37.69 29.50
CA THR B 290 29.61 38.97 30.19
C THR B 290 30.67 39.90 29.64
N GLY B 291 30.31 40.72 28.66
CA GLY B 291 31.26 41.58 27.99
C GLY B 291 30.79 43.02 27.95
N ALA B 292 31.31 43.75 26.97
CA ALA B 292 30.96 45.14 26.74
C ALA B 292 30.72 45.36 25.25
N VAL B 293 29.72 46.17 24.92
CA VAL B 293 29.30 46.37 23.55
C VAL B 293 29.78 47.73 23.06
N ARG B 294 29.76 47.91 21.74
CA ARG B 294 30.18 49.16 21.13
C ARG B 294 29.12 50.24 21.33
N VAL B 295 29.57 51.48 21.42
CA VAL B 295 28.68 52.63 21.58
C VAL B 295 27.78 52.74 20.35
N PRO B 296 26.52 53.16 20.50
CA PRO B 296 25.62 53.30 19.36
C PRO B 296 25.96 54.52 18.50
N ARG B 305 25.26 49.60 7.23
CA ARG B 305 25.89 49.02 8.40
C ARG B 305 25.36 47.62 8.69
N GLN B 306 25.34 47.26 9.97
CA GLN B 306 24.90 45.94 10.40
C GLN B 306 23.76 46.09 11.41
N LYS B 307 22.84 45.12 11.36
CA LYS B 307 21.71 45.12 12.29
C LYS B 307 22.12 44.87 13.73
N PHE B 308 23.37 44.45 13.96
CA PHE B 308 23.86 44.20 15.31
C PHE B 308 25.24 44.82 15.46
N ASN B 309 25.61 45.14 16.70
CA ASN B 309 26.91 45.71 17.00
C ASN B 309 27.86 44.66 17.56
N PRO B 310 29.15 44.78 17.28
CA PRO B 310 30.11 43.78 17.74
C PRO B 310 30.43 43.93 19.22
N LEU B 311 31.09 42.90 19.75
CA LEU B 311 31.56 42.88 21.13
C LEU B 311 33.03 43.29 21.18
N VAL B 312 33.37 44.14 22.14
CA VAL B 312 34.71 44.68 22.24
C VAL B 312 35.51 44.01 23.36
N ARG B 313 34.89 43.76 24.51
CA ARG B 313 35.57 43.22 25.66
C ARG B 313 34.77 42.06 26.21
N LEU B 314 35.44 41.20 26.98
CA LEU B 314 34.79 40.10 27.68
C LEU B 314 35.30 40.09 29.11
N ASP B 315 34.39 40.29 30.07
CA ASP B 315 34.78 40.35 31.47
C ASP B 315 34.94 38.95 32.06
N SER B 316 33.86 38.16 32.04
CA SER B 316 33.84 36.86 32.68
C SER B 316 32.98 35.90 31.88
N ILE B 317 33.22 34.61 32.10
CA ILE B 317 32.44 33.54 31.47
C ILE B 317 31.93 32.64 32.59
N ASN B 318 30.60 32.60 32.74
CA ASN B 318 29.95 31.79 33.76
C ASN B 318 30.49 32.11 35.16
N GLY B 319 30.78 33.39 35.40
CA GLY B 319 31.31 33.80 36.68
C GLY B 319 32.78 33.49 36.89
N GLY B 320 33.48 33.01 35.88
CA GLY B 320 34.89 32.69 35.96
C GLY B 320 35.75 33.76 35.31
N SER B 321 36.73 33.32 34.53
CA SER B 321 37.62 34.21 33.80
C SER B 321 38.03 33.56 32.49
N VAL B 322 38.56 34.39 31.59
CA VAL B 322 38.96 33.89 30.28
C VAL B 322 40.07 32.85 30.41
N GLU B 323 41.06 33.11 31.26
CA GLU B 323 42.17 32.18 31.43
C GLU B 323 41.74 30.90 32.12
N ASP B 324 40.58 30.88 32.75
CA ASP B 324 40.09 29.68 33.43
C ASP B 324 39.30 28.76 32.50
N ALA B 325 39.26 29.07 31.21
CA ALA B 325 38.48 28.28 30.25
C ALA B 325 39.31 27.10 29.76
N LYS B 326 39.45 26.11 30.66
CA LYS B 326 40.02 24.80 30.32
C LYS B 326 39.12 23.76 30.98
N LYS B 327 38.08 23.35 30.26
CA LYS B 327 37.09 22.41 30.77
C LYS B 327 36.99 21.22 29.82
N ARG B 328 36.87 20.03 30.39
CA ARG B 328 36.81 18.81 29.60
C ARG B 328 35.45 18.70 28.90
N PRO B 329 35.41 18.61 27.57
CA PRO B 329 34.11 18.55 26.88
C PRO B 329 33.27 17.37 27.37
N GLU B 330 31.94 17.56 27.31
CA GLU B 330 31.05 16.56 27.89
C GLU B 330 31.17 15.21 27.20
N PHE B 331 31.32 15.22 25.87
CA PHE B 331 31.51 13.95 25.17
C PHE B 331 32.82 13.28 25.54
N GLY B 332 33.75 14.03 26.15
CA GLY B 332 35.01 13.45 26.56
C GLY B 332 34.95 12.67 27.85
N LYS B 333 34.04 13.03 28.77
CA LYS B 333 33.97 12.33 30.04
C LYS B 333 33.07 11.10 29.96
N LEU B 334 33.27 10.20 30.92
CA LEU B 334 32.57 8.93 30.97
C LEU B 334 31.13 9.15 31.43
N THR B 335 30.29 8.14 31.18
CA THR B 335 28.85 8.23 31.43
C THR B 335 28.38 7.01 32.21
N PRO B 336 28.57 6.99 33.53
CA PRO B 336 28.14 5.85 34.33
C PRO B 336 26.63 5.65 34.28
N LEU B 337 26.21 4.49 34.80
CA LEU B 337 24.83 4.01 34.68
C LEU B 337 23.94 4.61 35.77
N TYR B 338 24.00 5.91 35.92
CA TYR B 338 23.18 6.75 36.80
C TYR B 338 23.05 6.17 38.20
N PRO B 339 24.13 5.66 38.83
CA PRO B 339 23.96 4.85 40.04
C PRO B 339 24.16 5.62 41.34
N ASN B 340 24.64 6.85 41.25
CA ASN B 340 25.21 7.49 42.43
C ASN B 340 24.15 8.05 43.37
N GLN B 341 23.38 9.03 42.90
CA GLN B 341 22.51 9.80 43.78
C GLN B 341 21.06 9.67 43.34
N ARG B 342 20.15 9.85 44.30
CA ARG B 342 18.72 9.80 44.06
C ARG B 342 18.13 11.19 44.28
N LEU B 343 17.30 11.62 43.34
CA LEU B 343 16.58 12.88 43.46
C LEU B 343 15.31 12.62 44.26
N ARG B 344 15.35 12.94 45.55
CA ARG B 344 14.18 12.77 46.40
C ARG B 344 13.09 13.73 45.97
N LEU B 345 11.85 13.24 45.94
CA LEU B 345 10.71 14.06 45.56
C LEU B 345 9.64 14.19 46.64
N GLU B 346 9.60 13.29 47.61
CA GLU B 346 8.61 13.37 48.67
C GLU B 346 8.98 14.48 49.64
N THR B 347 8.11 15.48 49.78
CA THR B 347 8.33 16.60 50.68
C THR B 347 7.33 16.63 51.82
N SER B 348 6.04 16.67 51.52
CA SER B 348 4.99 16.74 52.53
C SER B 348 3.99 15.61 52.31
N THR B 349 3.53 15.02 53.41
CA THR B 349 2.62 13.88 53.32
C THR B 349 1.27 14.25 52.74
N GLU B 350 0.88 15.52 52.80
CA GLU B 350 -0.39 15.94 52.22
C GLU B 350 -0.31 16.06 50.70
N ARG B 351 0.83 16.49 50.18
CA ARG B 351 0.99 16.67 48.75
C ARG B 351 1.28 15.32 48.09
N LEU B 352 0.30 14.80 47.36
CA LEU B 352 0.49 13.60 46.56
C LEU B 352 1.19 14.00 45.26
N THR B 353 1.16 13.09 44.28
CA THR B 353 1.70 13.32 42.94
C THR B 353 3.23 13.31 42.96
N THR B 354 3.81 13.18 44.14
CA THR B 354 5.22 12.89 44.31
C THR B 354 5.46 11.61 45.10
N ARG B 355 4.63 11.36 46.12
CA ARG B 355 4.68 10.07 46.81
C ARG B 355 4.25 8.94 45.87
N VAL B 356 3.52 9.24 44.81
CA VAL B 356 3.19 8.24 43.81
C VAL B 356 4.34 8.03 42.84
N ILE B 357 5.01 9.11 42.44
CA ILE B 357 6.13 9.00 41.52
C ILE B 357 7.29 8.27 42.18
N ASP B 358 7.58 8.58 43.44
CA ASP B 358 8.77 8.04 44.10
C ASP B 358 8.73 6.52 44.18
N LEU B 359 7.59 5.94 44.54
CA LEU B 359 7.51 4.50 44.67
C LEU B 359 7.44 3.80 43.31
N ILE B 360 6.89 4.47 42.31
CA ILE B 360 6.67 3.86 41.00
C ILE B 360 7.84 4.14 40.06
N MET B 361 8.25 5.40 39.94
CA MET B 361 9.32 5.80 39.03
C MET B 361 10.36 6.59 39.81
N PRO B 362 11.25 5.91 40.53
CA PRO B 362 12.36 6.62 41.18
C PRO B 362 13.21 7.34 40.16
N ILE B 363 13.70 8.51 40.52
CA ILE B 363 14.50 9.34 39.63
C ILE B 363 15.89 9.49 40.22
N GLY B 364 16.90 9.14 39.42
CA GLY B 364 18.28 9.33 39.82
C GLY B 364 18.78 10.71 39.48
N LYS B 365 20.06 10.92 39.77
CA LYS B 365 20.66 12.23 39.57
C LYS B 365 20.96 12.52 38.10
N GLY B 366 20.85 11.53 37.22
CA GLY B 366 21.10 11.74 35.81
C GLY B 366 20.17 11.03 34.85
N GLN B 367 19.04 10.52 35.36
CA GLN B 367 18.12 9.76 34.54
C GLN B 367 17.45 10.65 33.50
N ARG B 368 17.24 10.10 32.30
CA ARG B 368 16.40 10.73 31.30
C ARG B 368 15.05 10.03 31.33
N ALA B 369 14.03 10.73 31.83
CA ALA B 369 12.72 10.15 32.04
C ALA B 369 11.73 10.70 31.04
N LEU B 370 10.77 9.86 30.66
CA LEU B 370 9.69 10.23 29.76
C LEU B 370 8.36 10.11 30.51
N ILE B 371 7.61 11.20 30.55
CA ILE B 371 6.27 11.23 31.12
C ILE B 371 5.30 11.13 29.95
N VAL B 372 4.81 9.92 29.69
CA VAL B 372 3.87 9.67 28.61
C VAL B 372 2.48 10.06 29.10
N SER B 373 1.91 11.11 28.51
CA SER B 373 0.65 11.68 29.00
C SER B 373 -0.29 11.96 27.83
N PRO B 374 -1.49 11.39 27.84
CA PRO B 374 -2.52 11.84 26.90
C PRO B 374 -2.99 13.24 27.26
N PRO B 375 -3.58 13.97 26.31
CA PRO B 375 -4.00 15.34 26.61
C PRO B 375 -5.00 15.41 27.75
N LYS B 376 -4.87 16.45 28.57
CA LYS B 376 -5.76 16.70 29.70
C LYS B 376 -5.77 15.53 30.68
N ALA B 377 -4.56 15.09 31.06
CA ALA B 377 -4.40 14.02 32.04
C ALA B 377 -3.68 14.47 33.30
N GLY B 378 -3.29 15.74 33.40
CA GLY B 378 -2.62 16.25 34.58
C GLY B 378 -1.11 16.30 34.43
N LYS B 379 -0.63 16.74 33.26
CA LYS B 379 0.79 16.75 32.98
C LYS B 379 1.47 18.00 33.54
N THR B 380 0.86 19.17 33.33
CA THR B 380 1.45 20.41 33.83
C THR B 380 1.53 20.41 35.36
N THR B 381 0.50 19.88 36.02
CA THR B 381 0.53 19.78 37.47
C THR B 381 1.69 18.90 37.93
N ILE B 382 1.90 17.78 37.25
CA ILE B 382 3.00 16.89 37.61
C ILE B 382 4.34 17.59 37.40
N LEU B 383 4.49 18.31 36.30
CA LEU B 383 5.75 19.02 36.05
C LEU B 383 6.01 20.08 37.12
N GLN B 384 4.97 20.83 37.50
CA GLN B 384 5.14 21.84 38.55
C GLN B 384 5.46 21.20 39.88
N ASP B 385 4.81 20.08 40.21
CA ASP B 385 5.10 19.39 41.46
C ASP B 385 6.55 18.89 41.48
N ILE B 386 7.01 18.32 40.37
CA ILE B 386 8.38 17.83 40.30
C ILE B 386 9.38 18.97 40.44
N ALA B 387 9.14 20.08 39.74
CA ALA B 387 10.05 21.21 39.82
C ALA B 387 10.10 21.78 41.24
N ASN B 388 8.94 21.92 41.88
CA ASN B 388 8.92 22.44 43.24
C ASN B 388 9.62 21.50 44.21
N ALA B 389 9.40 20.19 44.06
CA ALA B 389 10.05 19.23 44.95
C ALA B 389 11.55 19.24 44.76
N ILE B 390 12.02 19.33 43.52
CA ILE B 390 13.45 19.38 43.26
C ILE B 390 14.07 20.65 43.84
N THR B 391 13.41 21.79 43.65
CA THR B 391 13.94 23.04 44.18
C THR B 391 13.96 23.04 45.70
N ARG B 392 12.92 22.50 46.33
CA ARG B 392 12.83 22.53 47.79
C ARG B 392 13.79 21.55 48.44
N ASN B 393 13.88 20.33 47.89
CA ASN B 393 14.69 19.30 48.55
C ASN B 393 16.18 19.62 48.47
N ASN B 394 16.72 19.72 47.26
CA ASN B 394 18.14 20.00 47.06
C ASN B 394 18.35 21.19 46.12
N PRO B 395 18.68 22.36 46.66
CA PRO B 395 18.92 23.54 45.80
C PRO B 395 20.22 23.47 45.02
N GLU B 396 21.09 22.49 45.30
CA GLU B 396 22.33 22.35 44.57
C GLU B 396 22.12 22.04 43.09
N CYS B 397 20.97 21.46 42.74
CA CYS B 397 20.70 21.09 41.36
C CYS B 397 20.12 22.28 40.61
N HIS B 398 20.86 22.75 39.60
CA HIS B 398 20.33 23.79 38.73
C HIS B 398 19.09 23.29 38.01
N LEU B 399 18.05 24.11 38.01
CA LEU B 399 16.75 23.74 37.44
C LEU B 399 16.47 24.60 36.22
N MET B 400 16.15 23.94 35.11
CA MET B 400 15.80 24.60 33.86
C MET B 400 14.51 24.00 33.34
N VAL B 401 13.57 24.85 32.95
CA VAL B 401 12.30 24.41 32.38
C VAL B 401 12.22 24.94 30.96
N VAL B 402 12.06 24.04 30.00
CA VAL B 402 12.01 24.39 28.59
C VAL B 402 10.62 24.05 28.07
N LEU B 403 9.92 25.06 27.55
CA LEU B 403 8.61 24.89 26.94
C LEU B 403 8.73 25.25 25.47
N VAL B 404 8.57 24.25 24.60
CA VAL B 404 8.84 24.46 23.18
C VAL B 404 7.63 24.95 22.42
N ASP B 405 6.43 24.46 22.76
CA ASP B 405 5.19 24.87 22.09
C ASP B 405 4.13 25.08 23.16
N GLU B 406 4.02 26.32 23.65
CA GLU B 406 3.07 26.64 24.70
C GLU B 406 2.38 27.95 24.38
N ARG B 407 1.17 28.09 24.90
CA ARG B 407 0.44 29.34 24.80
C ARG B 407 1.11 30.39 25.68
N PRO B 408 1.05 31.66 25.27
CA PRO B 408 1.72 32.72 26.05
C PRO B 408 1.18 32.88 27.45
N GLU B 409 -0.01 32.38 27.76
CA GLU B 409 -0.52 32.44 29.12
C GLU B 409 0.10 31.37 30.01
N GLU B 410 0.36 30.18 29.46
CA GLU B 410 0.93 29.10 30.25
C GLU B 410 2.38 29.37 30.62
N VAL B 411 3.08 30.16 29.81
CA VAL B 411 4.44 30.55 30.14
C VAL B 411 4.47 31.36 31.42
N THR B 412 3.56 32.33 31.55
CA THR B 412 3.51 33.14 32.76
C THR B 412 3.11 32.31 33.97
N ASP B 413 2.15 31.40 33.80
CA ASP B 413 1.76 30.53 34.91
C ASP B 413 2.93 29.67 35.36
N MET B 414 3.70 29.13 34.42
CA MET B 414 4.88 28.36 34.78
C MET B 414 5.92 29.22 35.48
N GLN B 415 6.12 30.45 35.00
CA GLN B 415 7.10 31.33 35.61
C GLN B 415 6.75 31.65 37.05
N ARG B 416 5.47 31.91 37.32
CA ARG B 416 5.06 32.16 38.71
C ARG B 416 5.14 30.89 39.55
N SER B 417 4.69 29.76 39.01
CA SER B 417 4.54 28.56 39.83
C SER B 417 5.86 27.83 40.09
N VAL B 418 6.88 28.03 39.25
CA VAL B 418 8.14 27.33 39.37
C VAL B 418 9.20 28.32 39.86
N LYS B 419 9.95 27.93 40.89
CA LYS B 419 10.93 28.80 41.51
C LYS B 419 12.28 28.79 40.79
N GLY B 420 12.42 28.01 39.73
CA GLY B 420 13.65 27.92 38.98
C GLY B 420 13.67 28.84 37.77
N GLU B 421 14.34 28.41 36.71
CA GLU B 421 14.47 29.17 35.48
C GLU B 421 13.54 28.58 34.43
N VAL B 422 12.78 29.45 33.76
CA VAL B 422 11.82 29.03 32.75
C VAL B 422 12.25 29.63 31.41
N ILE B 423 12.46 28.78 30.42
CA ILE B 423 12.75 29.18 29.06
C ILE B 423 11.65 28.62 28.16
N ALA B 424 11.06 29.49 27.34
CA ALA B 424 9.92 29.07 26.55
C ALA B 424 9.88 29.83 25.23
N SER B 425 9.24 29.22 24.25
CA SER B 425 8.98 29.85 22.95
C SER B 425 7.51 29.61 22.62
N THR B 426 6.73 30.69 22.61
CA THR B 426 5.30 30.58 22.39
C THR B 426 5.00 30.17 20.95
N PHE B 427 3.80 29.64 20.74
CA PHE B 427 3.47 29.07 19.43
C PHE B 427 3.39 30.11 18.33
N ASP B 428 3.36 31.40 18.66
CA ASP B 428 3.42 32.46 17.67
C ASP B 428 4.84 32.71 17.16
N ARG B 429 5.76 31.77 17.40
CA ARG B 429 7.12 31.77 16.93
C ARG B 429 7.34 30.67 15.90
N PRO B 430 8.25 30.85 14.95
CA PRO B 430 8.48 29.82 13.93
C PRO B 430 9.07 28.57 14.56
N PRO B 431 8.92 27.41 13.91
CA PRO B 431 9.53 26.19 14.45
C PRO B 431 11.03 26.29 14.60
N SER B 432 11.69 27.08 13.74
CA SER B 432 13.12 27.30 13.89
C SER B 432 13.45 27.90 15.25
N ASP B 433 12.58 28.77 15.76
CA ASP B 433 12.81 29.33 17.09
C ASP B 433 12.67 28.27 18.18
N HIS B 434 11.71 27.35 18.04
CA HIS B 434 11.61 26.26 19.00
C HIS B 434 12.88 25.42 19.02
N THR B 435 13.39 25.08 17.83
CA THR B 435 14.62 24.30 17.76
C THR B 435 15.79 25.06 18.35
N SER B 436 15.91 26.35 18.04
CA SER B 436 17.01 27.15 18.58
C SER B 436 16.94 27.23 20.10
N VAL B 437 15.75 27.42 20.66
CA VAL B 437 15.61 27.50 22.11
C VAL B 437 16.00 26.18 22.76
N ALA B 438 15.51 25.06 22.21
CA ALA B 438 15.85 23.77 22.80
C ALA B 438 17.34 23.50 22.72
N GLU B 439 17.96 23.79 21.57
CA GLU B 439 19.40 23.56 21.42
C GLU B 439 20.20 24.41 22.39
N LEU B 440 19.85 25.70 22.51
CA LEU B 440 20.61 26.57 23.41
C LEU B 440 20.42 26.15 24.86
N ALA B 441 19.21 25.74 25.24
CA ALA B 441 18.99 25.30 26.61
C ALA B 441 19.82 24.06 26.93
N ILE B 442 19.85 23.09 26.01
CA ILE B 442 20.63 21.89 26.30
C ILE B 442 22.12 22.20 26.28
N GLU B 443 22.57 23.15 25.45
CA GLU B 443 23.98 23.52 25.46
C GLU B 443 24.37 24.20 26.76
N ARG B 444 23.51 25.08 27.29
CA ARG B 444 23.78 25.70 28.58
C ARG B 444 23.83 24.65 29.68
N ALA B 445 22.91 23.68 29.64
CA ALA B 445 22.97 22.59 30.61
C ALA B 445 24.27 21.81 30.47
N LYS B 446 24.72 21.58 29.24
CA LYS B 446 25.97 20.87 29.02
C LYS B 446 27.15 21.63 29.63
N ARG B 447 27.19 22.95 29.44
CA ARG B 447 28.28 23.73 30.01
C ARG B 447 28.24 23.70 31.54
N LEU B 448 27.05 23.81 32.12
CA LEU B 448 26.94 23.76 33.58
C LEU B 448 27.41 22.41 34.12
N VAL B 449 27.07 21.32 33.43
CA VAL B 449 27.57 20.00 33.83
C VAL B 449 29.07 19.92 33.64
N GLU B 450 29.58 20.58 32.60
CA GLU B 450 31.01 20.60 32.33
C GLU B 450 31.77 21.22 33.50
N GLN B 451 31.25 22.31 34.05
CA GLN B 451 31.88 22.91 35.22
C GLN B 451 31.75 22.06 36.47
N GLY B 452 30.89 21.04 36.47
CA GLY B 452 30.74 20.16 37.61
C GLY B 452 29.47 20.34 38.42
N LYS B 453 28.51 21.11 37.94
CA LYS B 453 27.28 21.37 38.67
C LYS B 453 26.15 20.49 38.16
N ASP B 454 25.37 19.94 39.08
CA ASP B 454 24.22 19.15 38.70
C ASP B 454 23.16 20.04 38.04
N VAL B 455 22.56 19.53 36.97
CA VAL B 455 21.53 20.24 36.23
C VAL B 455 20.33 19.33 36.05
N VAL B 456 19.14 19.90 36.17
CA VAL B 456 17.89 19.19 35.91
C VAL B 456 17.12 20.00 34.88
N VAL B 457 16.87 19.42 33.71
CA VAL B 457 16.19 20.10 32.62
C VAL B 457 14.79 19.50 32.51
N LEU B 458 13.77 20.31 32.74
CA LEU B 458 12.38 19.89 32.62
C LEU B 458 11.88 20.31 31.25
N LEU B 459 11.69 19.33 30.36
CA LEU B 459 11.22 19.59 29.01
C LEU B 459 9.74 19.21 28.90
N ASP B 460 8.96 20.09 28.29
CA ASP B 460 7.54 19.89 28.11
C ASP B 460 7.27 19.56 26.65
N SER B 461 6.68 18.40 26.38
CA SER B 461 6.26 17.99 25.04
C SER B 461 7.45 17.95 24.08
N ILE B 462 8.29 16.93 24.29
CA ILE B 462 9.35 16.59 23.34
C ILE B 462 8.71 16.30 21.99
N THR B 463 7.45 15.88 22.00
CA THR B 463 6.71 15.67 20.77
C THR B 463 6.59 16.97 19.97
N ARG B 464 6.32 18.08 20.65
CA ARG B 464 6.26 19.36 19.95
C ARG B 464 7.63 19.75 19.40
N LEU B 465 8.70 19.42 20.11
CA LEU B 465 10.04 19.67 19.58
C LEU B 465 10.30 18.86 18.33
N GLY B 466 9.90 17.59 18.33
CA GLY B 466 10.03 16.78 17.13
C GLY B 466 9.20 17.32 15.98
N ARG B 467 8.00 17.81 16.27
CA ARG B 467 7.17 18.41 15.23
C ARG B 467 7.82 19.67 14.66
N ALA B 468 8.43 20.49 15.53
CA ALA B 468 9.12 21.68 15.05
C ALA B 468 10.28 21.31 14.15
N TYR B 469 11.05 20.29 14.54
CA TYR B 469 12.16 19.84 13.69
C TYR B 469 11.65 19.31 12.35
N ASN B 470 10.54 18.57 12.38
CA ASN B 470 9.97 18.02 11.16
C ASN B 470 9.49 19.11 10.22
N ASN B 471 8.81 20.13 10.77
CA ASN B 471 8.28 21.22 9.96
C ASN B 471 9.34 22.24 9.55
N ALA B 472 10.52 22.22 10.18
CA ALA B 472 11.52 23.23 9.90
C ALA B 472 12.02 23.16 8.45
N SER B 473 12.28 21.96 7.96
CA SER B 473 12.94 21.74 6.68
C SER B 473 12.15 20.75 5.84
N PRO B 474 12.30 20.81 4.51
CA PRO B 474 11.60 19.84 3.66
C PRO B 474 12.07 18.42 3.91
N ALA B 475 11.18 17.47 3.64
CA ALA B 475 11.47 16.07 3.94
C ALA B 475 12.65 15.58 3.12
N SER B 476 13.56 14.86 3.77
CA SER B 476 14.77 14.37 3.13
C SER B 476 15.00 12.88 3.31
N GLY B 477 14.67 12.33 4.46
CA GLY B 477 14.85 10.92 4.74
C GLY B 477 13.67 10.08 4.33
N ARG B 478 13.48 8.97 5.04
CA ARG B 478 12.38 8.06 4.75
C ARG B 478 11.07 8.73 5.15
N ILE B 479 10.38 9.32 4.17
CA ILE B 479 9.17 10.08 4.45
C ILE B 479 8.07 9.17 4.97
N LEU B 480 8.00 7.93 4.46
CA LEU B 480 6.91 7.05 4.78
C LEU B 480 7.01 6.56 6.22
N SER B 481 6.84 7.49 7.17
CA SER B 481 6.88 7.20 8.59
C SER B 481 5.64 7.79 9.27
N GLY B 482 4.47 7.58 8.67
CA GLY B 482 3.24 8.06 9.24
C GLY B 482 3.00 9.55 9.11
N GLY B 483 3.67 10.21 8.16
CA GLY B 483 3.50 11.63 7.94
C GLY B 483 4.61 12.50 8.46
N VAL B 484 5.51 11.95 9.28
CA VAL B 484 6.62 12.70 9.86
C VAL B 484 7.93 12.20 9.27
N ASP B 485 8.80 13.13 8.91
CA ASP B 485 10.08 12.78 8.32
C ASP B 485 10.93 11.97 9.31
N SER B 486 11.74 11.06 8.77
CA SER B 486 12.58 10.21 9.60
C SER B 486 13.90 10.85 9.97
N THR B 487 14.46 11.68 9.08
CA THR B 487 15.71 12.37 9.41
C THR B 487 15.49 13.42 10.49
N ALA B 488 14.31 14.05 10.49
CA ALA B 488 14.02 15.13 11.43
C ALA B 488 13.85 14.66 12.86
N LEU B 489 13.79 13.35 13.11
CA LEU B 489 13.69 12.83 14.46
C LEU B 489 15.03 12.47 15.07
N TYR B 490 16.13 12.91 14.45
CA TYR B 490 17.45 12.77 15.05
C TYR B 490 17.75 13.84 16.09
N PRO B 491 17.60 15.14 15.81
CA PRO B 491 17.98 16.16 16.79
C PRO B 491 17.24 16.03 18.11
N PRO B 492 15.93 15.69 18.12
CA PRO B 492 15.31 15.40 19.42
C PRO B 492 15.94 14.23 20.14
N LYS B 493 16.41 13.21 19.42
CA LYS B 493 17.13 12.12 20.07
C LYS B 493 18.45 12.60 20.66
N ARG B 494 19.12 13.52 19.97
CA ARG B 494 20.34 14.11 20.53
C ARG B 494 20.02 14.85 21.83
N PHE B 495 18.95 15.65 21.83
CA PHE B 495 18.54 16.35 23.03
C PHE B 495 18.25 15.37 24.16
N LEU B 496 17.47 14.33 23.88
CA LEU B 496 17.08 13.38 24.92
C LEU B 496 18.25 12.54 25.41
N GLY B 497 19.23 12.27 24.56
CA GLY B 497 20.41 11.54 24.94
C GLY B 497 21.52 12.36 25.54
N ALA B 498 21.38 13.69 25.56
CA ALA B 498 22.36 14.52 26.25
C ALA B 498 22.35 14.32 27.76
N ALA B 499 21.33 13.64 28.31
CA ALA B 499 21.25 13.40 29.74
C ALA B 499 22.16 12.24 30.12
N ARG B 500 23.10 12.49 31.04
CA ARG B 500 24.09 11.48 31.40
C ARG B 500 24.74 11.84 32.73
N ASN B 501 24.79 10.87 33.63
CA ASN B 501 25.63 10.99 34.82
C ASN B 501 27.09 10.96 34.40
N ILE B 502 27.95 11.57 35.21
CA ILE B 502 29.37 11.66 34.93
C ILE B 502 30.13 11.32 36.20
N GLU B 503 31.11 10.42 36.08
CA GLU B 503 31.85 9.98 37.26
C GLU B 503 32.84 11.03 37.76
N GLU B 504 33.38 11.85 36.86
CA GLU B 504 34.29 12.92 37.29
C GLU B 504 33.58 13.92 38.20
N GLY B 505 32.35 14.28 37.86
CA GLY B 505 31.59 15.20 38.69
C GLY B 505 30.37 15.77 38.00
N GLY B 506 29.28 15.91 38.73
CA GLY B 506 28.06 16.46 38.17
C GLY B 506 27.23 15.42 37.46
N SER B 507 26.14 15.90 36.86
CA SER B 507 25.22 15.07 36.10
C SER B 507 24.26 15.98 35.36
N LEU B 508 23.59 15.42 34.36
CA LEU B 508 22.53 16.12 33.63
C LEU B 508 21.29 15.26 33.63
N THR B 509 20.17 15.85 34.03
CA THR B 509 18.89 15.17 34.15
C THR B 509 17.88 15.81 33.22
N ILE B 510 17.10 14.99 32.52
CA ILE B 510 16.09 15.48 31.60
C ILE B 510 14.80 14.73 31.88
N ILE B 511 13.81 15.44 32.41
CA ILE B 511 12.47 14.88 32.62
C ILE B 511 11.61 15.41 31.48
N ALA B 512 11.56 14.65 30.39
CA ALA B 512 10.80 15.04 29.21
C ALA B 512 9.42 14.41 29.23
N THR B 513 8.50 15.02 28.51
CA THR B 513 7.11 14.57 28.43
C THR B 513 6.77 14.25 26.99
N ALA B 514 6.14 13.10 26.78
CA ALA B 514 5.75 12.64 25.46
C ALA B 514 4.22 12.67 25.34
N MET B 515 3.72 13.33 24.31
CA MET B 515 2.29 13.45 24.09
C MET B 515 1.83 12.29 23.20
N VAL B 516 0.91 11.48 23.72
CA VAL B 516 0.40 10.32 23.01
C VAL B 516 -1.12 10.40 23.06
N GLU B 517 -1.76 9.67 22.13
CA GLU B 517 -3.22 9.62 22.04
C GLU B 517 -3.79 11.03 21.89
N THR B 518 -3.18 11.81 21.00
CA THR B 518 -3.60 13.18 20.75
C THR B 518 -4.50 13.31 19.53
N GLY B 519 -4.85 12.19 18.88
CA GLY B 519 -5.64 12.22 17.67
C GLY B 519 -4.84 12.41 16.40
N SER B 520 -3.54 12.63 16.51
CA SER B 520 -2.67 12.80 15.35
C SER B 520 -1.68 11.66 15.28
N THR B 521 -1.53 11.08 14.09
CA THR B 521 -0.63 9.94 13.91
C THR B 521 0.83 10.35 14.00
N GLY B 522 1.15 11.58 13.62
CA GLY B 522 2.54 12.03 13.66
C GLY B 522 3.13 11.98 15.06
N ASP B 523 2.37 12.44 16.05
CA ASP B 523 2.86 12.42 17.43
C ASP B 523 3.03 10.99 17.93
N THR B 524 2.10 10.11 17.58
CA THR B 524 2.23 8.70 17.99
C THR B 524 3.47 8.07 17.37
N VAL B 525 3.72 8.35 16.09
CA VAL B 525 4.93 7.83 15.44
C VAL B 525 6.19 8.38 16.11
N ILE B 526 6.19 9.68 16.39
CA ILE B 526 7.35 10.30 17.02
C ILE B 526 7.64 9.66 18.36
N PHE B 527 6.61 9.45 19.17
CA PHE B 527 6.81 8.77 20.45
C PHE B 527 7.27 7.34 20.23
N GLU B 528 6.73 6.66 19.22
CA GLU B 528 7.07 5.25 19.00
C GLU B 528 8.54 5.09 18.65
N GLU B 529 9.09 6.02 17.84
CA GLU B 529 10.50 5.91 17.49
C GLU B 529 11.41 6.20 18.67
N PHE B 530 10.91 6.82 19.73
CA PHE B 530 11.70 7.13 20.91
C PHE B 530 11.74 5.99 21.92
N LYS B 531 11.27 4.80 21.56
CA LYS B 531 11.33 3.67 22.48
C LYS B 531 12.76 3.18 22.62
N GLY B 532 13.13 2.76 23.82
CA GLY B 532 14.46 2.24 24.08
C GLY B 532 15.54 3.26 24.30
N THR B 533 15.19 4.55 24.36
CA THR B 533 16.18 5.59 24.63
C THR B 533 16.22 5.93 26.12
N GLY B 534 15.10 6.39 26.67
CA GLY B 534 15.07 6.72 28.08
C GLY B 534 15.01 5.49 28.95
N ASN B 535 15.62 5.60 30.14
CA ASN B 535 15.64 4.52 31.11
C ASN B 535 14.70 4.76 32.28
N ALA B 536 13.73 5.65 32.13
CA ALA B 536 12.68 5.83 33.13
C ALA B 536 11.44 6.31 32.40
N GLU B 537 10.30 5.70 32.69
CA GLU B 537 9.06 6.06 32.02
C GLU B 537 7.91 6.04 33.02
N LEU B 538 7.09 7.09 32.99
CA LEU B 538 5.88 7.19 33.79
C LEU B 538 4.71 7.41 32.85
N LYS B 539 3.77 6.49 32.83
CA LYS B 539 2.64 6.55 31.91
C LYS B 539 1.39 6.96 32.67
N LEU B 540 0.75 8.03 32.22
CA LEU B 540 -0.52 8.48 32.75
C LEU B 540 -1.65 7.99 31.85
N ASP B 541 -2.80 7.72 32.45
CA ASP B 541 -3.94 7.15 31.75
C ASP B 541 -5.02 8.21 31.60
N ARG B 542 -5.53 8.35 30.37
CA ARG B 542 -6.60 9.31 30.11
C ARG B 542 -7.87 8.95 30.86
N LYS B 543 -8.20 7.65 30.92
CA LYS B 543 -9.43 7.23 31.57
C LYS B 543 -9.43 7.56 33.05
N ILE B 544 -8.30 7.32 33.74
CA ILE B 544 -8.21 7.66 35.15
C ILE B 544 -8.28 9.17 35.36
N ALA B 545 -7.86 9.96 34.37
CA ALA B 545 -8.03 11.40 34.46
C ALA B 545 -9.51 11.78 34.46
N GLU B 546 -10.33 11.08 33.69
CA GLU B 546 -11.76 11.36 33.65
C GLU B 546 -12.41 11.06 35.00
N ARG B 547 -11.96 9.99 35.67
CA ARG B 547 -12.50 9.63 36.97
C ARG B 547 -12.06 10.57 38.08
N ARG B 548 -11.20 11.54 37.76
CA ARG B 548 -10.68 12.50 38.74
C ARG B 548 -9.99 11.79 39.90
N VAL B 549 -9.26 10.73 39.58
CA VAL B 549 -8.37 10.05 40.51
C VAL B 549 -6.95 10.40 40.07
N PHE B 550 -6.33 11.35 40.76
CA PHE B 550 -5.04 11.88 40.37
C PHE B 550 -3.96 11.43 41.34
N PRO B 551 -2.68 11.35 40.89
CA PRO B 551 -2.10 11.82 39.62
C PRO B 551 -2.44 10.99 38.38
N ALA B 552 -3.18 9.89 38.55
CA ALA B 552 -3.65 9.06 37.45
C ALA B 552 -2.49 8.48 36.65
N VAL B 553 -1.70 7.64 37.33
CA VAL B 553 -0.58 6.96 36.71
C VAL B 553 -0.99 5.54 36.37
N ASP B 554 -0.41 5.01 35.30
CA ASP B 554 -0.55 3.59 34.96
C ASP B 554 0.62 2.85 35.60
N VAL B 555 0.33 2.10 36.67
CA VAL B 555 1.40 1.61 37.54
C VAL B 555 2.30 0.63 36.78
N ASN B 556 1.71 -0.32 36.09
CA ASN B 556 2.52 -1.41 35.54
C ASN B 556 3.27 -0.99 34.27
N PRO B 557 2.66 -0.24 33.34
CA PRO B 557 3.45 0.28 32.23
C PRO B 557 4.63 1.15 32.66
N SER B 558 4.56 1.77 33.83
CA SER B 558 5.54 2.75 34.27
C SER B 558 6.59 2.12 35.16
N GLY B 559 7.77 2.73 35.17
CA GLY B 559 8.86 2.25 36.00
C GLY B 559 10.16 2.92 35.60
N THR B 560 11.23 2.47 36.25
CA THR B 560 12.58 2.94 35.94
C THR B 560 13.48 1.73 35.70
N ARG B 561 14.49 1.93 34.86
CA ARG B 561 15.34 0.83 34.40
C ARG B 561 16.44 0.54 35.42
N LYS B 562 16.41 -0.67 35.97
CA LYS B 562 17.43 -1.18 36.88
C LYS B 562 17.78 -0.17 37.99
N ASP B 563 16.77 0.06 38.84
CA ASP B 563 16.92 0.89 40.03
C ASP B 563 17.64 0.17 41.16
N GLU B 564 18.30 -0.95 40.86
CA GLU B 564 19.05 -1.67 41.90
C GLU B 564 20.14 -0.81 42.51
N LEU B 565 20.58 0.24 41.82
CA LEU B 565 21.71 1.03 42.24
C LEU B 565 21.31 2.19 43.16
N LEU B 566 20.32 2.98 42.77
CA LEU B 566 19.94 4.15 43.54
C LEU B 566 19.01 3.84 44.70
N LEU B 567 18.56 2.61 44.84
CA LEU B 567 17.74 2.21 45.98
C LEU B 567 18.54 1.33 46.93
N SER B 568 18.28 1.49 48.22
CA SER B 568 18.88 0.62 49.21
C SER B 568 18.32 -0.80 49.07
N PRO B 569 19.12 -1.83 49.37
CA PRO B 569 18.65 -3.21 49.15
C PRO B 569 17.36 -3.54 49.88
N ASP B 570 17.21 -3.09 51.13
CA ASP B 570 15.96 -3.34 51.84
C ASP B 570 14.81 -2.56 51.21
N GLU B 571 15.04 -1.29 50.90
CA GLU B 571 14.01 -0.51 50.22
C GLU B 571 13.72 -1.08 48.84
N PHE B 572 14.75 -1.59 48.16
CA PHE B 572 14.54 -2.24 46.88
C PHE B 572 13.61 -3.45 47.01
N ALA B 573 13.86 -4.29 48.02
CA ALA B 573 13.01 -5.46 48.22
C ALA B 573 11.57 -5.06 48.54
N ILE B 574 11.39 -4.05 49.39
CA ILE B 574 10.04 -3.61 49.72
C ILE B 574 9.35 -3.04 48.48
N VAL B 575 10.07 -2.23 47.69
CA VAL B 575 9.47 -1.61 46.51
C VAL B 575 9.06 -2.67 45.50
N HIS B 576 9.88 -3.70 45.31
CA HIS B 576 9.47 -4.75 44.37
C HIS B 576 8.40 -5.67 44.92
N LYS B 577 8.32 -5.84 46.24
CA LYS B 577 7.15 -6.53 46.79
C LYS B 577 5.88 -5.74 46.48
N LEU B 578 5.93 -4.42 46.65
CA LEU B 578 4.79 -3.58 46.29
C LEU B 578 4.49 -3.65 44.80
N ARG B 579 5.54 -3.65 43.97
CA ARG B 579 5.34 -3.71 42.53
C ARG B 579 4.72 -5.04 42.12
N ARG B 580 5.10 -6.13 42.76
CA ARG B 580 4.47 -7.42 42.47
C ARG B 580 3.00 -7.41 42.87
N VAL B 581 2.70 -6.97 44.09
CA VAL B 581 1.30 -6.98 44.53
C VAL B 581 0.46 -5.98 43.76
N LEU B 582 1.08 -4.99 43.12
CA LEU B 582 0.34 -4.06 42.27
C LEU B 582 0.18 -4.58 40.85
N SER B 583 1.17 -5.32 40.34
CA SER B 583 1.03 -5.94 39.02
C SER B 583 0.07 -7.10 39.05
N GLY B 584 -0.19 -7.68 40.22
CA GLY B 584 -1.23 -8.70 40.32
C GLY B 584 -2.60 -8.14 39.97
N LEU B 585 -2.87 -6.89 40.34
CA LEU B 585 -4.15 -6.26 40.09
C LEU B 585 -4.19 -5.63 38.70
N ASP B 586 -5.30 -4.98 38.39
CA ASP B 586 -5.49 -4.30 37.12
C ASP B 586 -5.02 -2.86 37.27
N SER B 587 -5.32 -2.02 36.28
CA SER B 587 -4.84 -0.63 36.32
C SER B 587 -5.57 0.19 37.38
N HIS B 588 -6.89 0.32 37.23
CA HIS B 588 -7.68 1.14 38.14
C HIS B 588 -7.59 0.64 39.58
N GLN B 589 -7.66 -0.67 39.76
CA GLN B 589 -7.54 -1.24 41.10
C GLN B 589 -6.19 -0.91 41.71
N ALA B 590 -5.11 -1.03 40.93
CA ALA B 590 -3.78 -0.76 41.45
C ALA B 590 -3.62 0.69 41.86
N ILE B 591 -4.05 1.61 41.00
CA ILE B 591 -3.88 3.02 41.33
C ILE B 591 -4.74 3.40 42.52
N ASP B 592 -5.97 2.86 42.61
CA ASP B 592 -6.82 3.16 43.75
C ASP B 592 -6.22 2.63 45.04
N LEU B 593 -5.68 1.40 45.01
CA LEU B 593 -5.07 0.82 46.19
C LEU B 593 -3.85 1.63 46.63
N LEU B 594 -3.02 2.04 45.67
CA LEU B 594 -1.86 2.84 46.02
C LEU B 594 -2.27 4.17 46.61
N MET B 595 -3.30 4.81 46.05
CA MET B 595 -3.78 6.07 46.59
C MET B 595 -4.27 5.90 48.02
N SER B 596 -5.04 4.83 48.27
CA SER B 596 -5.55 4.59 49.61
C SER B 596 -4.42 4.39 50.61
N GLN B 597 -3.46 3.52 50.26
CA GLN B 597 -2.37 3.24 51.18
C GLN B 597 -1.48 4.46 51.42
N LEU B 598 -1.31 5.31 50.40
CA LEU B 598 -0.54 6.53 50.60
C LEU B 598 -1.30 7.51 51.49
N ARG B 599 -2.61 7.60 51.34
CA ARG B 599 -3.41 8.45 52.22
C ARG B 599 -3.45 7.91 53.64
N LYS B 600 -3.18 6.63 53.84
CA LYS B 600 -3.21 6.05 55.18
C LYS B 600 -2.18 6.71 56.10
N THR B 601 -0.94 6.84 55.62
CA THR B 601 0.15 7.33 56.46
C THR B 601 1.28 7.84 55.57
N LYS B 602 2.39 8.21 56.21
CA LYS B 602 3.55 8.74 55.51
C LYS B 602 4.21 7.66 54.64
N ASN B 603 5.15 8.09 53.81
CA ASN B 603 5.80 7.18 52.85
C ASN B 603 6.62 6.12 53.56
N ASN B 604 7.50 6.53 54.47
CA ASN B 604 8.34 5.55 55.17
C ASN B 604 7.50 4.61 56.02
N TYR B 605 6.50 5.14 56.72
CA TYR B 605 5.63 4.29 57.52
C TYR B 605 4.84 3.34 56.63
N GLU B 606 4.53 3.76 55.40
CA GLU B 606 3.87 2.85 54.45
C GLU B 606 4.74 1.65 54.16
N PHE B 607 6.05 1.87 53.97
CA PHE B 607 6.96 0.74 53.78
C PHE B 607 7.04 -0.11 55.05
N LEU B 608 7.05 0.53 56.22
CA LEU B 608 6.99 -0.23 57.46
C LEU B 608 5.67 -0.96 57.60
N VAL B 609 4.56 -0.34 57.18
CA VAL B 609 3.28 -1.03 57.23
C VAL B 609 3.25 -2.17 56.22
N GLN B 610 3.89 -1.99 55.06
CA GLN B 610 3.89 -3.04 54.04
C GLN B 610 4.59 -4.29 54.54
N VAL B 611 5.75 -4.14 55.18
CA VAL B 611 6.46 -5.31 55.68
C VAL B 611 5.73 -5.93 56.87
N SER B 612 5.07 -5.10 57.68
CA SER B 612 4.36 -5.60 58.86
C SER B 612 3.15 -4.74 59.18
N VAL C 242 55.50 17.89 13.55
CA VAL C 242 55.01 16.63 13.04
C VAL C 242 54.54 15.74 14.18
N VAL C 243 53.33 15.21 14.05
CA VAL C 243 52.75 14.34 15.07
C VAL C 243 52.59 12.95 14.49
N GLN C 244 52.12 12.00 15.30
CA GLN C 244 52.05 10.59 14.92
C GLN C 244 50.65 10.04 15.16
N PRO C 245 49.73 10.25 14.23
CA PRO C 245 48.40 9.65 14.36
C PRO C 245 48.45 8.14 14.21
N VAL C 246 47.48 7.48 14.84
CA VAL C 246 47.30 6.04 14.72
C VAL C 246 45.81 5.73 14.83
N ALA C 247 45.30 4.99 13.84
CA ALA C 247 43.86 4.76 13.75
C ALA C 247 43.51 3.77 12.64
N GLY C 248 42.22 3.47 12.50
CA GLY C 248 41.75 2.67 11.39
C GLY C 248 41.31 3.55 10.23
N ILE C 249 41.84 3.27 9.06
CA ILE C 249 41.58 4.08 7.87
C ILE C 249 40.22 3.70 7.27
N LEU C 250 39.47 4.72 6.86
CA LEU C 250 38.17 4.52 6.22
C LEU C 250 38.21 5.12 4.82
N ASP C 251 37.85 4.32 3.83
CA ASP C 251 37.93 4.71 2.42
C ASP C 251 36.52 5.02 1.93
N VAL C 252 36.19 6.31 1.88
CA VAL C 252 34.91 6.73 1.30
C VAL C 252 34.95 6.47 -0.20
N LEU C 253 33.77 6.26 -0.79
CA LEU C 253 33.66 5.93 -2.21
C LEU C 253 34.44 6.91 -3.08
N ASP C 254 34.25 8.20 -2.86
CA ASP C 254 34.96 9.21 -3.63
C ASP C 254 36.44 9.21 -3.27
N ASN C 255 37.23 9.93 -4.08
CA ASN C 255 38.69 9.87 -3.98
C ASN C 255 39.20 10.68 -2.78
N TYR C 256 38.76 10.26 -1.59
CA TYR C 256 39.29 10.78 -0.35
C TYR C 256 39.06 9.77 0.75
N ALA C 257 40.05 9.63 1.64
CA ALA C 257 40.00 8.69 2.74
C ALA C 257 40.46 9.37 4.01
N PHE C 258 39.83 9.04 5.13
CA PHE C 258 40.12 9.64 6.42
C PHE C 258 40.69 8.61 7.37
N VAL C 259 41.56 9.07 8.27
CA VAL C 259 42.11 8.26 9.33
C VAL C 259 41.34 8.61 10.60
N ARG C 260 40.41 7.76 10.99
CA ARG C 260 39.52 8.06 12.11
C ARG C 260 40.25 7.95 13.44
N THR C 261 40.84 9.05 13.89
CA THR C 261 41.70 9.03 15.08
C THR C 261 40.94 8.59 16.32
N SER C 262 39.63 8.83 16.37
CA SER C 262 38.80 8.35 17.47
C SER C 262 38.50 6.87 17.24
N GLY C 263 37.55 6.31 17.99
CA GLY C 263 37.22 4.92 17.78
C GLY C 263 36.14 4.75 16.73
N TYR C 264 36.56 4.51 15.49
CA TYR C 264 35.70 4.15 14.36
C TYR C 264 34.59 5.17 14.10
N LEU C 265 34.62 6.33 14.75
CA LEU C 265 33.57 7.33 14.62
C LEU C 265 34.09 8.56 13.92
N PRO C 266 33.34 9.14 12.99
CA PRO C 266 33.82 10.34 12.29
C PRO C 266 33.98 11.52 13.23
N GLY C 267 35.22 11.96 13.42
CA GLY C 267 35.50 13.06 14.30
C GLY C 267 36.16 14.22 13.59
N PRO C 268 36.14 15.40 14.21
CA PRO C 268 36.79 16.57 13.60
C PRO C 268 38.28 16.39 13.37
N HIS C 269 38.96 15.61 14.21
CA HIS C 269 40.40 15.40 14.08
C HIS C 269 40.63 14.19 13.17
N ASP C 270 40.54 14.42 11.88
CA ASP C 270 40.78 13.40 10.87
C ASP C 270 41.94 13.84 9.98
N VAL C 271 42.70 12.87 9.48
CA VAL C 271 43.98 13.17 8.85
C VAL C 271 43.87 13.38 7.34
N TYR C 272 42.82 12.85 6.70
CA TYR C 272 42.57 13.07 5.27
C TYR C 272 43.75 12.59 4.42
N VAL C 273 43.92 11.27 4.41
CA VAL C 273 44.90 10.68 3.51
C VAL C 273 44.34 10.66 2.09
N SER C 274 45.14 11.14 1.14
CA SER C 274 44.68 11.24 -0.24
C SER C 274 44.56 9.87 -0.88
N MET C 275 43.65 9.77 -1.86
CA MET C 275 43.37 8.47 -2.46
C MET C 275 44.52 7.99 -3.34
N ASN C 276 45.25 8.90 -3.96
CA ASN C 276 46.44 8.48 -4.72
C ASN C 276 47.47 7.85 -3.79
N MET C 277 47.64 8.42 -2.59
CA MET C 277 48.54 7.83 -1.62
C MET C 277 48.04 6.45 -1.18
N VAL C 278 46.72 6.29 -1.07
CA VAL C 278 46.15 4.99 -0.73
C VAL C 278 46.48 3.97 -1.82
N ARG C 279 46.31 4.37 -3.08
CA ARG C 279 46.61 3.47 -4.19
C ARG C 279 48.08 3.11 -4.25
N LYS C 280 48.97 4.07 -3.98
CA LYS C 280 50.39 3.80 -4.04
C LYS C 280 50.83 2.87 -2.90
N ASN C 281 50.40 3.17 -1.67
CA ASN C 281 50.84 2.37 -0.53
C ASN C 281 50.05 1.09 -0.35
N GLY C 282 49.03 0.86 -1.16
CA GLY C 282 48.28 -0.38 -1.06
C GLY C 282 47.41 -0.50 0.17
N MET C 283 47.06 0.62 0.80
CA MET C 283 46.17 0.56 1.96
C MET C 283 44.77 0.15 1.53
N ARG C 284 44.18 -0.76 2.29
CA ARG C 284 42.80 -1.14 2.08
C ARG C 284 41.92 -0.29 2.99
N ARG C 285 40.66 -0.68 3.14
CA ARG C 285 39.72 -0.01 4.03
C ARG C 285 39.67 -0.79 5.35
N GLY C 286 40.03 -0.13 6.45
CA GLY C 286 40.06 -0.77 7.74
C GLY C 286 41.43 -1.11 8.28
N ASP C 287 42.50 -0.71 7.61
CA ASP C 287 43.85 -0.96 8.08
C ASP C 287 44.22 0.02 9.19
N ALA C 288 44.94 -0.49 10.19
CA ALA C 288 45.50 0.38 11.22
C ALA C 288 46.69 1.14 10.64
N VAL C 289 46.61 2.46 10.63
CA VAL C 289 47.60 3.31 9.97
C VAL C 289 48.34 4.10 11.03
N THR C 290 49.60 3.78 11.26
CA THR C 290 50.45 4.52 12.18
C THR C 290 51.27 5.59 11.46
N GLY C 291 50.58 6.45 10.72
CA GLY C 291 51.25 7.45 9.90
C GLY C 291 51.74 8.63 10.70
N ALA C 292 52.06 9.71 9.98
CA ALA C 292 52.52 10.94 10.59
C ALA C 292 52.10 12.12 9.72
N VAL C 293 51.58 13.16 10.35
CA VAL C 293 51.16 14.38 9.66
C VAL C 293 51.82 15.57 10.31
N ARG C 294 52.32 16.49 9.48
CA ARG C 294 52.92 17.71 10.00
C ARG C 294 51.86 18.61 10.62
N VAL C 295 52.20 19.19 11.77
CA VAL C 295 51.25 20.07 12.46
C VAL C 295 51.00 21.30 11.60
N PRO C 296 49.75 21.76 11.46
CA PRO C 296 49.48 22.95 10.65
C PRO C 296 50.21 24.17 11.20
N LYS C 297 50.65 25.03 10.29
CA LYS C 297 51.37 26.24 10.67
C LYS C 297 50.45 27.45 10.70
N PHE C 308 41.23 19.01 5.66
CA PHE C 308 42.08 18.92 6.84
C PHE C 308 43.54 18.88 6.40
N ASN C 309 44.44 18.79 7.37
CA ASN C 309 45.86 18.72 7.02
C ASN C 309 46.19 17.34 6.46
N PRO C 310 46.64 17.24 5.21
CA PRO C 310 46.84 15.93 4.60
C PRO C 310 47.99 15.17 5.27
N LEU C 311 47.84 13.85 5.30
CA LEU C 311 48.88 12.99 5.83
C LEU C 311 50.12 13.05 4.94
N VAL C 312 51.29 12.83 5.55
CA VAL C 312 52.57 12.97 4.87
C VAL C 312 53.31 11.63 4.78
N ARG C 313 53.50 10.97 5.91
CA ARG C 313 54.31 9.76 5.97
C ARG C 313 53.49 8.59 6.52
N LEU C 314 53.95 7.38 6.21
CA LEU C 314 53.35 6.14 6.72
C LEU C 314 54.45 5.35 7.40
N ASP C 315 54.53 5.44 8.73
CA ASP C 315 55.55 4.70 9.46
C ASP C 315 55.32 3.20 9.36
N SER C 316 54.08 2.75 9.63
CA SER C 316 53.75 1.34 9.55
C SER C 316 52.26 1.20 9.28
N ILE C 317 51.87 0.02 8.79
CA ILE C 317 50.49 -0.28 8.45
C ILE C 317 50.10 -1.57 9.16
N ASN C 318 49.22 -1.46 10.16
CA ASN C 318 48.72 -2.60 10.92
C ASN C 318 49.87 -3.41 11.53
N GLY C 319 50.86 -2.68 12.05
CA GLY C 319 52.03 -3.30 12.66
C GLY C 319 53.08 -3.78 11.69
N GLY C 320 52.90 -3.58 10.38
CA GLY C 320 53.84 -4.04 9.40
C GLY C 320 54.28 -2.92 8.48
N SER C 321 55.23 -3.24 7.62
CA SER C 321 55.77 -2.27 6.68
C SER C 321 54.81 -2.06 5.52
N VAL C 322 55.10 -1.02 4.72
CA VAL C 322 54.29 -0.74 3.54
C VAL C 322 54.45 -1.85 2.51
N GLU C 323 55.67 -2.36 2.34
CA GLU C 323 55.89 -3.42 1.36
C GLU C 323 55.22 -4.71 1.77
N ASP C 324 55.14 -4.99 3.08
CA ASP C 324 54.47 -6.18 3.56
C ASP C 324 52.98 -6.15 3.26
N ALA C 325 52.39 -4.96 3.15
CA ALA C 325 50.95 -4.76 2.98
C ALA C 325 50.40 -5.37 1.69
N LYS C 326 51.17 -6.00 0.81
CA LYS C 326 50.63 -6.66 -0.38
C LYS C 326 50.24 -8.08 0.02
N LYS C 327 48.97 -8.27 0.36
CA LYS C 327 48.49 -9.48 1.01
C LYS C 327 47.22 -9.96 0.31
N ARG C 328 46.83 -11.19 0.64
CA ARG C 328 45.68 -11.80 -0.01
C ARG C 328 44.38 -11.13 0.44
N PRO C 329 43.49 -10.81 -0.50
CA PRO C 329 42.17 -10.28 -0.12
C PRO C 329 41.20 -11.38 0.29
N GLU C 330 40.23 -10.99 1.12
CA GLU C 330 39.27 -11.98 1.61
C GLU C 330 38.28 -12.40 0.55
N PHE C 331 37.97 -11.51 -0.40
CA PHE C 331 36.99 -11.83 -1.42
C PHE C 331 37.44 -13.02 -2.26
N GLY C 332 38.72 -13.05 -2.64
CA GLY C 332 39.26 -14.16 -3.40
C GLY C 332 39.92 -15.24 -2.58
N LYS C 333 39.21 -15.79 -1.59
CA LYS C 333 39.71 -16.93 -0.84
C LYS C 333 38.60 -17.96 -0.63
N LEU C 334 39.00 -19.22 -0.57
CA LEU C 334 38.06 -20.30 -0.35
C LEU C 334 37.46 -20.20 1.04
N THR C 335 36.18 -20.59 1.15
CA THR C 335 35.40 -20.41 2.36
C THR C 335 34.77 -21.74 2.75
N PRO C 336 35.52 -22.68 3.30
CA PRO C 336 34.94 -23.95 3.73
C PRO C 336 33.87 -23.73 4.79
N LEU C 337 33.18 -24.82 5.11
CA LEU C 337 32.09 -24.77 6.07
C LEU C 337 32.62 -24.28 7.41
N TYR C 338 31.89 -23.35 8.02
CA TYR C 338 32.37 -22.71 9.24
C TYR C 338 32.69 -23.70 10.36
N PRO C 339 31.91 -24.75 10.60
CA PRO C 339 32.32 -25.71 11.64
C PRO C 339 33.57 -26.47 11.24
N ASN C 340 34.70 -26.06 11.77
CA ASN C 340 35.94 -26.82 11.65
C ASN C 340 36.65 -27.00 12.97
N GLN C 341 36.64 -25.97 13.82
CA GLN C 341 37.33 -25.99 15.10
C GLN C 341 36.38 -25.48 16.18
N ARG C 342 36.21 -26.28 17.23
CA ARG C 342 35.27 -25.93 18.29
C ARG C 342 35.77 -24.70 19.05
N LEU C 343 34.87 -23.74 19.26
CA LEU C 343 35.16 -22.53 20.01
C LEU C 343 34.51 -22.68 21.38
N ARG C 344 35.22 -23.34 22.29
CA ARG C 344 34.64 -23.73 23.57
C ARG C 344 34.26 -22.49 24.38
N LEU C 345 33.14 -22.61 25.09
CA LEU C 345 32.63 -21.51 25.92
C LEU C 345 32.47 -21.88 27.39
N GLU C 346 32.64 -23.14 27.77
CA GLU C 346 32.52 -23.53 29.16
C GLU C 346 33.75 -23.08 29.94
N THR C 347 33.54 -22.28 30.98
CA THR C 347 34.63 -21.78 31.80
C THR C 347 34.56 -22.26 33.24
N SER C 348 33.42 -22.08 33.92
CA SER C 348 33.28 -22.43 35.32
C SER C 348 32.05 -23.30 35.51
N THR C 349 32.18 -24.33 36.35
CA THR C 349 31.08 -25.25 36.60
C THR C 349 29.90 -24.60 37.30
N GLU C 350 30.10 -23.43 37.93
CA GLU C 350 29.02 -22.72 38.60
C GLU C 350 28.41 -21.65 37.72
N ARG C 351 29.12 -21.21 36.69
CA ARG C 351 28.63 -20.16 35.80
C ARG C 351 27.93 -20.80 34.62
N LEU C 352 26.60 -20.80 34.65
CA LEU C 352 25.80 -21.25 33.51
C LEU C 352 25.78 -20.12 32.49
N THR C 353 24.85 -20.20 31.53
CA THR C 353 24.63 -19.25 30.45
C THR C 353 25.68 -19.44 29.34
N THR C 354 26.70 -20.26 29.56
CA THR C 354 27.60 -20.68 28.49
C THR C 354 27.62 -22.20 28.33
N ARG C 355 27.49 -22.95 29.42
CA ARG C 355 27.38 -24.39 29.31
C ARG C 355 26.11 -24.78 28.56
N VAL C 356 25.00 -24.08 28.82
CA VAL C 356 23.77 -24.35 28.09
C VAL C 356 23.95 -24.04 26.61
N ILE C 357 24.62 -22.93 26.29
CA ILE C 357 24.85 -22.59 24.89
C ILE C 357 25.71 -23.66 24.22
N ASP C 358 26.74 -24.14 24.91
CA ASP C 358 27.58 -25.19 24.36
C ASP C 358 26.78 -26.47 24.10
N LEU C 359 25.91 -26.84 25.04
CA LEU C 359 25.10 -28.04 24.84
C LEU C 359 24.12 -27.85 23.68
N ILE C 360 23.50 -26.69 23.57
CA ILE C 360 22.43 -26.47 22.62
C ILE C 360 22.94 -25.99 21.27
N MET C 361 23.79 -24.97 21.26
CA MET C 361 24.26 -24.34 20.03
C MET C 361 25.78 -24.38 20.05
N PRO C 362 26.39 -25.47 19.58
CA PRO C 362 27.84 -25.52 19.51
C PRO C 362 28.39 -24.48 18.55
N ILE C 363 29.15 -23.54 19.06
CA ILE C 363 29.70 -22.46 18.25
C ILE C 363 31.10 -22.87 17.81
N GLY C 364 31.53 -22.35 16.65
CA GLY C 364 32.82 -22.69 16.11
C GLY C 364 33.44 -21.50 15.39
N LYS C 365 34.71 -21.65 15.05
CA LYS C 365 35.42 -20.56 14.40
C LYS C 365 34.88 -20.34 13.00
N GLY C 366 34.43 -19.12 12.73
CA GLY C 366 33.82 -18.78 11.46
C GLY C 366 32.32 -18.87 11.42
N GLN C 367 31.68 -19.26 12.52
CA GLN C 367 30.22 -19.38 12.54
C GLN C 367 29.56 -18.03 12.30
N ARG C 368 28.46 -18.05 11.57
CA ARG C 368 27.61 -16.87 11.39
C ARG C 368 26.41 -17.04 12.32
N ALA C 369 26.64 -16.79 13.60
CA ALA C 369 25.61 -16.99 14.60
C ALA C 369 24.57 -15.88 14.54
N LEU C 370 23.44 -16.11 15.21
CA LEU C 370 22.36 -15.13 15.25
C LEU C 370 21.47 -15.47 16.44
N ILE C 371 21.44 -14.59 17.44
CA ILE C 371 20.68 -14.81 18.66
C ILE C 371 19.42 -13.94 18.60
N VAL C 372 18.27 -14.58 18.52
CA VAL C 372 16.99 -13.87 18.46
C VAL C 372 16.40 -13.83 19.85
N SER C 373 16.04 -12.63 20.31
CA SER C 373 15.59 -12.45 21.67
C SER C 373 14.61 -11.30 21.78
N PRO C 374 13.49 -11.49 22.46
CA PRO C 374 12.63 -10.35 22.79
C PRO C 374 13.28 -9.49 23.86
N PRO C 375 12.82 -8.25 24.03
CA PRO C 375 13.41 -7.39 25.07
C PRO C 375 13.20 -7.97 26.46
N LYS C 376 14.17 -7.69 27.34
CA LYS C 376 14.16 -8.16 28.72
C LYS C 376 14.17 -9.69 28.81
N ALA C 377 14.94 -10.32 27.93
CA ALA C 377 15.11 -11.77 27.97
C ALA C 377 16.48 -12.20 28.46
N GLY C 378 17.43 -11.29 28.52
CA GLY C 378 18.78 -11.59 28.98
C GLY C 378 19.86 -11.46 27.93
N LYS C 379 19.64 -10.68 26.87
CA LYS C 379 20.58 -10.64 25.76
C LYS C 379 21.93 -10.09 26.17
N THR C 380 21.94 -9.02 26.97
CA THR C 380 23.20 -8.39 27.35
C THR C 380 24.07 -9.32 28.18
N THR C 381 23.46 -10.05 29.11
CA THR C 381 24.22 -11.02 29.88
C THR C 381 24.74 -12.14 28.99
N ILE C 382 23.94 -12.57 28.00
CA ILE C 382 24.43 -13.56 27.05
C ILE C 382 25.69 -13.06 26.36
N LEU C 383 25.64 -11.84 25.84
CA LEU C 383 26.79 -11.32 25.11
C LEU C 383 28.01 -11.17 26.01
N GLN C 384 27.82 -10.67 27.23
CA GLN C 384 28.94 -10.50 28.13
C GLN C 384 29.56 -11.84 28.53
N ASP C 385 28.71 -12.84 28.82
CA ASP C 385 29.24 -14.16 29.17
C ASP C 385 29.98 -14.78 28.00
N ILE C 386 29.46 -14.63 26.78
CA ILE C 386 30.12 -15.18 25.60
C ILE C 386 31.47 -14.50 25.38
N ALA C 387 31.51 -13.17 25.52
CA ALA C 387 32.77 -12.45 25.33
C ALA C 387 33.81 -12.87 26.38
N ASN C 388 33.38 -12.99 27.64
CA ASN C 388 34.32 -13.40 28.68
C ASN C 388 34.80 -14.83 28.47
N ALA C 389 33.91 -15.73 28.05
CA ALA C 389 34.31 -17.11 27.78
C ALA C 389 35.30 -17.18 26.63
N ILE C 390 35.07 -16.40 25.57
CA ILE C 390 35.98 -16.40 24.44
C ILE C 390 37.34 -15.86 24.86
N THR C 391 37.35 -14.78 25.64
CA THR C 391 38.62 -14.21 26.09
C THR C 391 39.39 -15.18 26.98
N ARG C 392 38.69 -15.89 27.86
CA ARG C 392 39.37 -16.78 28.79
C ARG C 392 39.82 -18.06 28.10
N ASN C 393 39.07 -18.54 27.12
CA ASN C 393 39.35 -19.84 26.50
C ASN C 393 40.26 -19.73 25.28
N ASN C 394 40.07 -18.71 24.44
CA ASN C 394 40.79 -18.58 23.18
C ASN C 394 41.44 -17.20 23.13
N PRO C 395 42.58 -17.03 23.78
CA PRO C 395 43.26 -15.72 23.75
C PRO C 395 43.70 -15.30 22.36
N GLU C 396 43.89 -16.24 21.44
CA GLU C 396 44.37 -15.88 20.11
C GLU C 396 43.30 -15.16 19.28
N CYS C 397 42.03 -15.39 19.59
CA CYS C 397 40.95 -14.78 18.81
C CYS C 397 40.83 -13.30 19.15
N HIS C 398 41.01 -12.45 18.15
CA HIS C 398 40.72 -11.04 18.34
C HIS C 398 39.24 -10.85 18.58
N LEU C 399 38.90 -10.12 19.63
CA LEU C 399 37.51 -9.93 20.04
C LEU C 399 37.08 -8.52 19.72
N MET C 400 35.93 -8.40 19.06
CA MET C 400 35.39 -7.12 18.63
C MET C 400 33.92 -7.08 19.01
N VAL C 401 33.51 -6.06 19.75
CA VAL C 401 32.13 -5.93 20.20
C VAL C 401 31.57 -4.67 19.59
N VAL C 402 30.63 -4.81 18.67
CA VAL C 402 30.02 -3.69 17.98
C VAL C 402 28.62 -3.50 18.53
N LEU C 403 28.35 -2.31 19.08
CA LEU C 403 27.05 -1.94 19.60
C LEU C 403 26.52 -0.84 18.69
N VAL C 404 25.70 -1.22 17.70
CA VAL C 404 25.31 -0.29 16.66
C VAL C 404 24.45 0.84 17.25
N ASP C 405 23.54 0.50 18.16
CA ASP C 405 22.68 1.51 18.78
C ASP C 405 22.48 1.13 20.24
N GLU C 406 22.98 1.97 21.14
CA GLU C 406 22.91 1.70 22.57
C GLU C 406 22.81 3.00 23.33
N ARG C 407 22.34 2.90 24.56
CA ARG C 407 22.32 4.06 25.44
C ARG C 407 23.75 4.43 25.84
N PRO C 408 24.06 5.72 25.97
CA PRO C 408 25.43 6.11 26.34
C PRO C 408 25.92 5.54 27.65
N GLU C 409 25.03 5.22 28.58
CA GLU C 409 25.43 4.59 29.82
C GLU C 409 25.64 3.09 29.68
N GLU C 410 25.23 2.49 28.56
CA GLU C 410 25.45 1.07 28.32
C GLU C 410 26.80 0.81 27.66
N VAL C 411 27.30 1.76 26.88
CA VAL C 411 28.64 1.62 26.30
C VAL C 411 29.69 1.50 27.40
N THR C 412 29.56 2.33 28.44
CA THR C 412 30.50 2.26 29.56
C THR C 412 30.38 0.93 30.30
N ASP C 413 29.16 0.45 30.50
CA ASP C 413 28.98 -0.85 31.15
C ASP C 413 29.64 -1.95 30.35
N MET C 414 29.47 -1.94 29.02
CA MET C 414 30.11 -2.95 28.19
C MET C 414 31.63 -2.83 28.25
N GLN C 415 32.15 -1.60 28.21
CA GLN C 415 33.60 -1.42 28.25
C GLN C 415 34.19 -1.92 29.56
N ARG C 416 33.49 -1.68 30.68
CA ARG C 416 33.95 -2.22 31.96
C ARG C 416 33.81 -3.74 32.03
N SER C 417 32.77 -4.30 31.43
CA SER C 417 32.49 -5.72 31.65
C SER C 417 33.39 -6.62 30.82
N VAL C 418 33.31 -6.52 29.50
CA VAL C 418 34.02 -7.42 28.61
C VAL C 418 35.43 -6.91 28.37
N LYS C 419 36.36 -7.83 28.14
CA LYS C 419 37.73 -7.49 27.83
C LYS C 419 37.94 -7.59 26.32
N GLY C 420 38.38 -6.51 25.70
CA GLY C 420 38.57 -6.44 24.28
C GLY C 420 38.02 -5.16 23.69
N GLU C 421 38.13 -5.06 22.37
CA GLU C 421 37.66 -3.87 21.69
C GLU C 421 36.15 -3.75 21.79
N VAL C 422 35.67 -2.55 22.07
CA VAL C 422 34.24 -2.26 22.15
C VAL C 422 33.96 -1.03 21.29
N ILE C 423 33.34 -1.25 20.13
CA ILE C 423 32.95 -0.17 19.24
C ILE C 423 31.45 0.04 19.40
N ALA C 424 31.05 1.28 19.63
CA ALA C 424 29.64 1.55 19.87
C ALA C 424 29.27 2.90 19.30
N SER C 425 28.04 2.99 18.77
CA SER C 425 27.44 4.24 18.36
C SER C 425 26.12 4.40 19.09
N THR C 426 25.96 5.52 19.78
CA THR C 426 24.80 5.73 20.62
C THR C 426 23.67 6.38 19.81
N PHE C 427 22.45 6.29 20.35
CA PHE C 427 21.28 6.75 19.62
C PHE C 427 21.29 8.24 19.36
N ASP C 428 22.09 9.00 20.10
CA ASP C 428 22.23 10.43 19.86
C ASP C 428 23.11 10.76 18.67
N ARG C 429 23.43 9.77 17.84
CA ARG C 429 24.16 9.91 16.59
C ARG C 429 23.23 9.62 15.41
N PRO C 430 23.46 10.25 14.26
CA PRO C 430 22.62 9.97 13.09
C PRO C 430 22.81 8.54 12.62
N PRO C 431 21.81 7.96 11.95
CA PRO C 431 21.98 6.58 11.44
C PRO C 431 23.12 6.44 10.46
N SER C 432 23.53 7.53 9.81
CA SER C 432 24.73 7.48 8.98
C SER C 432 25.94 7.05 9.80
N ASP C 433 26.06 7.54 11.03
CA ASP C 433 27.17 7.13 11.88
C ASP C 433 27.06 5.65 12.27
N HIS C 434 25.84 5.17 12.51
CA HIS C 434 25.66 3.75 12.79
C HIS C 434 26.18 2.91 11.62
N THR C 435 25.77 3.25 10.41
CA THR C 435 26.20 2.50 9.24
C THR C 435 27.70 2.59 9.04
N SER C 436 28.28 3.79 9.22
CA SER C 436 29.71 3.96 9.06
C SER C 436 30.49 3.12 10.06
N VAL C 437 30.06 3.11 11.32
CA VAL C 437 30.75 2.34 12.34
C VAL C 437 30.67 0.85 12.03
N ALA C 438 29.49 0.37 11.64
CA ALA C 438 29.34 -1.06 11.35
C ALA C 438 30.21 -1.46 10.16
N GLU C 439 30.20 -0.65 9.10
CA GLU C 439 30.99 -0.96 7.93
C GLU C 439 32.49 -0.98 8.26
N LEU C 440 32.96 0.01 9.01
CA LEU C 440 34.38 0.08 9.31
C LEU C 440 34.80 -1.07 10.23
N ALA C 441 33.95 -1.45 11.19
CA ALA C 441 34.28 -2.57 12.05
C ALA C 441 34.40 -3.86 11.26
N ILE C 442 33.45 -4.12 10.36
CA ILE C 442 33.53 -5.35 9.58
C ILE C 442 34.72 -5.31 8.63
N GLU C 443 35.06 -4.14 8.09
CA GLU C 443 36.22 -4.04 7.21
C GLU C 443 37.51 -4.33 7.97
N ARG C 444 37.63 -3.83 9.20
CA ARG C 444 38.83 -4.13 9.97
C ARG C 444 38.90 -5.61 10.34
N ALA C 445 37.75 -6.21 10.64
CA ALA C 445 37.74 -7.66 10.88
C ALA C 445 38.22 -8.40 9.63
N LYS C 446 37.78 -7.96 8.46
CA LYS C 446 38.23 -8.57 7.21
C LYS C 446 39.74 -8.43 7.05
N ARG C 447 40.27 -7.24 7.32
CA ARG C 447 41.70 -7.02 7.16
C ARG C 447 42.51 -7.88 8.12
N LEU C 448 42.04 -8.04 9.34
CA LEU C 448 42.73 -8.92 10.29
C LEU C 448 42.67 -10.37 9.84
N VAL C 449 41.54 -10.80 9.27
CA VAL C 449 41.44 -12.18 8.78
C VAL C 449 42.37 -12.40 7.59
N GLU C 450 42.56 -11.39 6.75
CA GLU C 450 43.40 -11.53 5.57
C GLU C 450 44.81 -11.99 5.95
N GLN C 451 45.35 -11.46 7.04
CA GLN C 451 46.69 -11.84 7.49
C GLN C 451 46.71 -13.13 8.30
N GLY C 452 45.55 -13.67 8.66
CA GLY C 452 45.51 -14.99 9.25
C GLY C 452 45.31 -15.04 10.75
N LYS C 453 44.54 -14.11 11.29
CA LYS C 453 44.20 -14.10 12.71
C LYS C 453 42.69 -14.28 12.88
N ASP C 454 42.30 -15.18 13.77
CA ASP C 454 40.88 -15.40 14.04
C ASP C 454 40.27 -14.15 14.65
N VAL C 455 39.09 -13.76 14.16
CA VAL C 455 38.41 -12.56 14.61
C VAL C 455 37.01 -12.94 15.04
N VAL C 456 36.56 -12.39 16.16
CA VAL C 456 35.21 -12.56 16.66
C VAL C 456 34.56 -11.19 16.71
N VAL C 457 33.43 -11.04 16.04
CA VAL C 457 32.69 -9.79 16.02
C VAL C 457 31.34 -10.03 16.66
N LEU C 458 31.17 -9.58 17.90
CA LEU C 458 29.89 -9.67 18.59
C LEU C 458 29.09 -8.42 18.27
N LEU C 459 28.10 -8.55 17.39
CA LEU C 459 27.23 -7.43 17.04
C LEU C 459 25.99 -7.47 17.90
N ASP C 460 25.50 -6.29 18.25
CA ASP C 460 24.30 -6.15 19.06
C ASP C 460 23.17 -5.58 18.20
N SER C 461 22.07 -6.33 18.10
CA SER C 461 20.86 -5.87 17.44
C SER C 461 21.12 -5.53 15.96
N ILE C 462 21.34 -6.59 15.19
CA ILE C 462 21.35 -6.46 13.73
C ILE C 462 20.09 -5.77 13.23
N THR C 463 18.98 -5.87 13.98
CA THR C 463 17.78 -5.13 13.63
C THR C 463 17.98 -3.63 13.73
N ARG C 464 18.74 -3.17 14.73
CA ARG C 464 19.04 -1.74 14.80
C ARG C 464 19.86 -1.29 13.61
N LEU C 465 20.83 -2.10 13.19
CA LEU C 465 21.59 -1.77 11.97
C LEU C 465 20.69 -1.74 10.75
N GLY C 466 19.77 -2.70 10.65
CA GLY C 466 18.85 -2.71 9.53
C GLY C 466 17.98 -1.47 9.49
N ARG C 467 17.47 -1.05 10.65
CA ARG C 467 16.61 0.13 10.64
C ARG C 467 17.41 1.42 10.46
N ALA C 468 18.68 1.45 10.89
CA ALA C 468 19.52 2.59 10.55
C ALA C 468 19.72 2.69 9.05
N TYR C 469 19.98 1.55 8.39
CA TYR C 469 20.12 1.54 6.94
C TYR C 469 18.80 1.95 6.26
N ASN C 470 17.68 1.50 6.82
CA ASN C 470 16.37 1.85 6.28
C ASN C 470 16.10 3.35 6.39
N ASN C 471 16.38 3.94 7.55
CA ASN C 471 16.16 5.37 7.74
C ASN C 471 17.13 6.21 6.93
N ALA C 472 18.29 5.67 6.57
CA ALA C 472 19.23 6.43 5.76
C ALA C 472 18.66 6.72 4.37
N SER C 473 17.98 5.73 3.75
CA SER C 473 17.56 5.86 2.36
C SER C 473 16.04 5.90 2.24
N PRO C 474 15.51 6.83 1.45
CA PRO C 474 14.05 6.96 1.33
C PRO C 474 13.37 5.90 0.47
N ALA C 475 13.96 5.57 -0.68
CA ALA C 475 13.25 4.83 -1.71
C ALA C 475 14.16 3.94 -2.55
N SER C 476 13.67 3.55 -3.72
CA SER C 476 14.39 2.76 -4.74
C SER C 476 14.41 1.27 -4.42
N GLY C 477 13.41 0.78 -3.67
CA GLY C 477 13.27 -0.64 -3.44
C GLY C 477 11.82 -1.04 -3.34
N ARG C 478 11.55 -2.28 -2.95
CA ARG C 478 10.16 -2.68 -2.74
C ARG C 478 9.65 -2.04 -1.45
N ILE C 479 9.20 -0.79 -1.55
CA ILE C 479 8.71 -0.07 -0.38
C ILE C 479 7.54 -0.82 0.22
N LEU C 480 7.34 -0.62 1.53
CA LEU C 480 6.26 -1.24 2.28
C LEU C 480 6.38 -2.76 2.25
N SER C 481 7.57 -3.24 2.60
CA SER C 481 7.76 -4.65 2.90
C SER C 481 7.27 -5.00 4.29
N GLY C 482 6.45 -4.14 4.91
CA GLY C 482 6.02 -4.29 6.28
C GLY C 482 6.32 -3.02 7.07
N GLY C 483 6.55 -1.92 6.35
CA GLY C 483 7.02 -0.67 6.92
C GLY C 483 8.47 -0.38 6.65
N VAL C 484 9.23 -1.34 6.12
CA VAL C 484 10.66 -1.19 5.89
C VAL C 484 10.95 -1.37 4.41
N ASP C 485 11.89 -0.57 3.91
CA ASP C 485 12.30 -0.67 2.52
C ASP C 485 13.05 -1.97 2.28
N SER C 486 13.00 -2.44 1.03
CA SER C 486 13.64 -3.70 0.67
C SER C 486 15.04 -3.55 0.12
N THR C 487 15.44 -2.35 -0.29
CA THR C 487 16.82 -2.10 -0.69
C THR C 487 17.72 -1.80 0.50
N ALA C 488 17.15 -1.79 1.71
CA ALA C 488 17.91 -1.60 2.94
C ALA C 488 18.18 -2.89 3.68
N LEU C 489 17.78 -4.03 3.12
CA LEU C 489 18.09 -5.33 3.69
C LEU C 489 19.33 -5.96 3.09
N TYR C 490 19.91 -5.33 2.07
CA TYR C 490 21.14 -5.85 1.47
C TYR C 490 22.36 -5.52 2.30
N PRO C 491 22.58 -4.27 2.73
CA PRO C 491 23.81 -3.96 3.48
C PRO C 491 23.94 -4.78 4.76
N PRO C 492 22.94 -4.78 5.66
CA PRO C 492 23.12 -5.62 6.85
C PRO C 492 23.49 -7.04 6.48
N LYS C 493 22.79 -7.63 5.51
CA LYS C 493 23.11 -8.98 5.08
C LYS C 493 24.58 -9.11 4.73
N ARG C 494 25.09 -8.19 3.90
CA ARG C 494 26.48 -8.31 3.49
C ARG C 494 27.41 -8.18 4.68
N PHE C 495 27.05 -7.36 5.67
CA PHE C 495 27.77 -7.36 6.94
C PHE C 495 27.80 -8.77 7.51
N LEU C 496 26.61 -9.33 7.77
CA LEU C 496 26.52 -10.71 8.24
C LEU C 496 27.09 -11.69 7.22
N GLY C 497 27.21 -11.28 5.96
CA GLY C 497 27.79 -12.16 4.97
C GLY C 497 29.29 -12.32 5.06
N ALA C 498 29.95 -11.53 5.91
CA ALA C 498 31.40 -11.62 6.02
C ALA C 498 31.88 -12.74 6.93
N ALA C 499 30.97 -13.43 7.63
CA ALA C 499 31.38 -14.49 8.53
C ALA C 499 31.70 -15.74 7.73
N ARG C 500 32.97 -16.16 7.75
CA ARG C 500 33.41 -17.30 6.97
C ARG C 500 34.66 -17.89 7.60
N ASN C 501 34.84 -19.19 7.40
CA ASN C 501 36.01 -19.92 7.89
C ASN C 501 36.96 -20.11 6.71
N ILE C 502 37.96 -19.24 6.60
CA ILE C 502 38.89 -19.31 5.49
C ILE C 502 39.71 -20.58 5.57
N GLU C 503 39.93 -21.22 4.42
CA GLU C 503 40.67 -22.47 4.38
C GLU C 503 42.14 -22.25 4.73
N GLU C 504 42.77 -21.25 4.13
CA GLU C 504 44.20 -21.01 4.32
C GLU C 504 44.44 -20.15 5.56
N GLY C 505 44.00 -20.68 6.69
CA GLY C 505 44.23 -20.03 7.97
C GLY C 505 43.31 -18.87 8.25
N GLY C 506 42.89 -18.73 9.49
CA GLY C 506 42.04 -17.63 9.90
C GLY C 506 40.57 -18.00 9.87
N SER C 507 39.77 -17.15 10.52
CA SER C 507 38.33 -17.34 10.55
C SER C 507 37.65 -16.09 11.11
N LEU C 508 36.64 -15.59 10.40
CA LEU C 508 35.84 -14.47 10.87
C LEU C 508 34.49 -15.01 11.32
N THR C 509 34.17 -14.85 12.60
CA THR C 509 32.89 -15.25 13.16
C THR C 509 32.12 -14.03 13.64
N ILE C 510 30.80 -14.08 13.48
CA ILE C 510 29.91 -12.97 13.80
C ILE C 510 28.80 -13.52 14.68
N ILE C 511 28.87 -13.24 15.98
CA ILE C 511 27.79 -13.65 16.90
C ILE C 511 26.83 -12.46 16.95
N ALA C 512 25.99 -12.35 15.94
CA ALA C 512 25.03 -11.26 15.88
C ALA C 512 23.78 -11.62 16.65
N THR C 513 22.94 -10.61 16.91
CA THR C 513 21.70 -10.84 17.63
C THR C 513 20.61 -9.94 17.06
N ALA C 514 19.38 -10.42 17.13
CA ALA C 514 18.23 -9.75 16.56
C ALA C 514 17.11 -9.66 17.58
N MET C 515 16.28 -8.63 17.44
CA MET C 515 15.18 -8.38 18.37
C MET C 515 13.86 -8.75 17.70
N VAL C 516 13.08 -9.60 18.35
CA VAL C 516 11.77 -10.00 17.88
C VAL C 516 10.78 -9.77 19.01
N GLU C 517 9.49 -9.79 18.67
CA GLU C 517 8.42 -9.51 19.63
C GLU C 517 8.63 -8.17 20.32
N THR C 518 9.12 -7.19 19.56
CA THR C 518 9.49 -5.89 20.10
C THR C 518 8.36 -4.89 20.10
N GLY C 519 7.18 -5.26 19.62
CA GLY C 519 6.10 -4.31 19.48
C GLY C 519 6.12 -3.47 18.22
N SER C 520 7.03 -3.78 17.29
CA SER C 520 7.09 -3.10 16.01
C SER C 520 7.17 -4.16 14.91
N THR C 521 6.59 -3.83 13.75
CA THR C 521 6.57 -4.77 12.64
C THR C 521 7.84 -4.71 11.80
N GLY C 522 8.57 -3.59 11.82
CA GLY C 522 9.79 -3.50 11.06
C GLY C 522 10.84 -4.50 11.50
N ASP C 523 11.02 -4.65 12.82
CA ASP C 523 11.99 -5.60 13.33
C ASP C 523 11.62 -7.04 12.98
N THR C 524 10.33 -7.37 13.10
CA THR C 524 9.90 -8.72 12.73
C THR C 524 10.10 -8.98 11.25
N VAL C 525 9.80 -7.99 10.41
CA VAL C 525 10.01 -8.14 8.97
C VAL C 525 11.48 -8.34 8.67
N ILE C 526 12.36 -7.56 9.33
CA ILE C 526 13.80 -7.71 9.10
C ILE C 526 14.26 -9.10 9.50
N PHE C 527 13.81 -9.59 10.67
CA PHE C 527 14.22 -10.91 11.11
C PHE C 527 13.73 -11.98 10.15
N GLU C 528 12.49 -11.86 9.67
CA GLU C 528 11.99 -12.85 8.72
C GLU C 528 12.78 -12.82 7.42
N GLU C 529 13.18 -11.62 6.97
CA GLU C 529 13.99 -11.52 5.77
C GLU C 529 15.41 -12.02 5.98
N PHE C 530 15.86 -12.11 7.23
CA PHE C 530 17.18 -12.65 7.54
C PHE C 530 17.16 -14.14 7.82
N LYS C 531 16.19 -14.86 7.28
CA LYS C 531 16.04 -16.29 7.50
C LYS C 531 16.73 -17.07 6.39
N GLY C 532 17.54 -18.05 6.76
CA GLY C 532 18.28 -18.82 5.79
C GLY C 532 19.68 -18.32 5.50
N THR C 533 20.23 -17.45 6.35
CA THR C 533 21.59 -16.96 6.20
C THR C 533 22.54 -17.52 7.25
N GLY C 534 22.19 -17.42 8.53
CA GLY C 534 23.04 -17.94 9.57
C GLY C 534 22.93 -19.45 9.71
N ASN C 535 24.05 -20.07 10.07
CA ASN C 535 24.11 -21.51 10.23
C ASN C 535 24.06 -21.95 11.69
N ALA C 536 23.81 -21.03 12.62
CA ALA C 536 23.52 -21.38 14.00
C ALA C 536 22.75 -20.23 14.61
N GLU C 537 21.62 -20.54 15.24
CA GLU C 537 20.80 -19.49 15.80
C GLU C 537 20.17 -19.95 17.11
N LEU C 538 20.17 -19.04 18.09
CA LEU C 538 19.68 -19.31 19.44
C LEU C 538 18.39 -18.53 19.68
N LYS C 539 17.40 -19.20 20.24
CA LYS C 539 16.08 -18.63 20.45
C LYS C 539 15.88 -18.38 21.94
N LEU C 540 16.09 -17.14 22.36
CA LEU C 540 15.75 -16.72 23.71
C LEU C 540 14.27 -16.40 23.80
N ASP C 541 13.63 -16.82 24.89
CA ASP C 541 12.19 -16.70 25.04
C ASP C 541 11.89 -15.91 26.30
N ARG C 542 10.97 -14.95 26.20
CA ARG C 542 10.64 -14.08 27.32
C ARG C 542 9.76 -14.77 28.35
N LYS C 543 8.90 -15.69 27.92
CA LYS C 543 8.01 -16.37 28.87
C LYS C 543 8.78 -17.25 29.85
N ILE C 544 10.01 -17.62 29.53
CA ILE C 544 10.86 -18.29 30.52
C ILE C 544 11.64 -17.27 31.34
N ALA C 545 12.02 -16.14 30.73
CA ALA C 545 12.70 -15.10 31.49
C ALA C 545 11.81 -14.52 32.59
N GLU C 546 10.50 -14.49 32.37
CA GLU C 546 9.59 -14.05 33.41
C GLU C 546 9.63 -14.96 34.62
N ARG C 547 9.72 -16.27 34.39
CA ARG C 547 9.84 -17.24 35.48
C ARG C 547 11.19 -17.20 36.17
N ARG C 548 12.06 -16.25 35.81
CA ARG C 548 13.40 -16.12 36.40
C ARG C 548 14.21 -17.41 36.25
N VAL C 549 14.04 -18.08 35.12
CA VAL C 549 14.84 -19.25 34.76
C VAL C 549 15.72 -18.83 33.59
N PHE C 550 17.03 -18.79 33.83
CA PHE C 550 17.98 -18.22 32.89
C PHE C 550 18.99 -19.28 32.43
N PRO C 551 19.58 -19.11 31.24
CA PRO C 551 19.53 -17.97 30.31
C PRO C 551 18.23 -17.82 29.50
N ALA C 552 17.20 -18.60 29.82
CA ALA C 552 15.89 -18.48 29.18
C ALA C 552 16.01 -18.69 27.66
N VAL C 553 16.39 -19.91 27.30
CA VAL C 553 16.61 -20.28 25.91
C VAL C 553 15.60 -21.34 25.51
N ASP C 554 15.12 -21.24 24.28
CA ASP C 554 14.22 -22.24 23.71
C ASP C 554 15.08 -23.35 23.11
N VAL C 555 15.07 -24.52 23.76
CA VAL C 555 15.97 -25.59 23.37
C VAL C 555 15.61 -26.12 21.98
N ASN C 556 14.33 -26.41 21.76
CA ASN C 556 13.93 -27.13 20.55
C ASN C 556 14.22 -26.37 19.27
N PRO C 557 13.86 -25.09 19.12
CA PRO C 557 14.12 -24.42 17.83
C PRO C 557 15.52 -23.83 17.72
N SER C 558 16.46 -24.28 18.54
CA SER C 558 17.82 -23.79 18.53
C SER C 558 18.79 -24.91 18.21
N GLY C 559 19.79 -24.61 17.38
CA GLY C 559 20.78 -25.60 17.01
C GLY C 559 21.77 -25.02 16.04
N THR C 560 22.73 -25.85 15.66
CA THR C 560 23.79 -25.47 14.72
C THR C 560 23.65 -26.27 13.43
N ARG C 561 23.78 -25.59 12.30
CA ARG C 561 23.67 -26.25 11.01
C ARG C 561 24.98 -26.92 10.64
N LYS C 562 24.89 -28.18 10.21
CA LYS C 562 26.05 -29.02 9.91
C LYS C 562 27.01 -29.04 11.08
N ASP C 563 26.51 -29.58 12.19
CA ASP C 563 27.21 -29.68 13.46
C ASP C 563 28.23 -30.81 13.45
N GLU C 564 28.06 -31.79 12.56
CA GLU C 564 28.88 -33.00 12.59
C GLU C 564 30.36 -32.72 12.42
N LEU C 565 30.73 -31.57 11.86
CA LEU C 565 32.14 -31.23 11.68
C LEU C 565 32.75 -30.53 12.89
N LEU C 566 31.93 -30.04 13.82
CA LEU C 566 32.46 -29.39 15.01
C LEU C 566 32.82 -30.40 16.08
N LEU C 567 31.86 -31.24 16.45
CA LEU C 567 32.01 -32.17 17.57
C LEU C 567 32.65 -33.46 17.10
N SER C 568 33.36 -34.11 18.03
CA SER C 568 33.87 -35.44 17.76
C SER C 568 32.71 -36.44 17.68
N PRO C 569 32.88 -37.54 16.95
CA PRO C 569 31.76 -38.48 16.76
C PRO C 569 31.10 -38.95 18.05
N ASP C 570 31.87 -39.22 19.11
CA ASP C 570 31.26 -39.62 20.37
C ASP C 570 30.47 -38.45 20.98
N GLU C 571 31.08 -37.27 21.01
CA GLU C 571 30.39 -36.09 21.53
C GLU C 571 29.16 -35.77 20.71
N PHE C 572 29.27 -35.88 19.38
CA PHE C 572 28.11 -35.62 18.53
C PHE C 572 26.99 -36.63 18.79
N ALA C 573 27.35 -37.90 18.97
CA ALA C 573 26.33 -38.90 19.25
C ALA C 573 25.61 -38.60 20.56
N ILE C 574 26.37 -38.24 21.60
CA ILE C 574 25.73 -37.96 22.89
C ILE C 574 24.88 -36.70 22.81
N VAL C 575 25.35 -35.67 22.11
CA VAL C 575 24.57 -34.45 21.98
C VAL C 575 23.30 -34.69 21.18
N HIS C 576 23.38 -35.53 20.15
CA HIS C 576 22.18 -35.87 19.39
C HIS C 576 21.19 -36.64 20.26
N LYS C 577 21.70 -37.54 21.11
CA LYS C 577 20.82 -38.24 22.04
C LYS C 577 20.13 -37.27 22.99
N LEU C 578 20.87 -36.29 23.51
CA LEU C 578 20.28 -35.29 24.39
C LEU C 578 19.22 -34.48 23.67
N ARG C 579 19.50 -34.08 22.43
CA ARG C 579 18.54 -33.29 21.67
C ARG C 579 17.28 -34.08 21.36
N ARG C 580 17.42 -35.38 21.05
CA ARG C 580 16.26 -36.21 20.85
C ARG C 580 15.44 -36.35 22.13
N VAL C 581 16.11 -36.47 23.27
CA VAL C 581 15.38 -36.54 24.54
C VAL C 581 14.61 -35.25 24.79
N LEU C 582 15.25 -34.10 24.55
CA LEU C 582 14.62 -32.81 24.83
C LEU C 582 13.62 -32.39 23.76
N SER C 583 13.60 -33.06 22.60
CA SER C 583 12.66 -32.66 21.55
C SER C 583 11.23 -33.02 21.87
N GLY C 584 10.99 -33.96 22.78
CA GLY C 584 9.63 -34.36 23.11
C GLY C 584 8.91 -33.42 24.05
N LEU C 585 9.63 -32.55 24.73
CA LEU C 585 9.03 -31.69 25.74
C LEU C 585 8.84 -30.27 25.19
N ASP C 586 8.03 -29.49 25.91
CA ASP C 586 7.81 -28.10 25.54
C ASP C 586 8.97 -27.23 26.04
N SER C 587 8.84 -25.92 25.84
CA SER C 587 9.94 -25.01 26.15
C SER C 587 10.27 -25.02 27.64
N HIS C 588 9.26 -24.81 28.48
CA HIS C 588 9.50 -24.67 29.92
C HIS C 588 10.02 -25.97 30.51
N GLN C 589 9.40 -27.09 30.18
CA GLN C 589 9.86 -28.38 30.71
C GLN C 589 11.26 -28.69 30.23
N ALA C 590 11.56 -28.42 28.96
CA ALA C 590 12.88 -28.73 28.42
C ALA C 590 13.95 -27.90 29.13
N ILE C 591 13.71 -26.60 29.30
CA ILE C 591 14.72 -25.77 29.95
C ILE C 591 14.86 -26.14 31.42
N ASP C 592 13.75 -26.51 32.08
CA ASP C 592 13.85 -26.93 33.47
C ASP C 592 14.66 -28.21 33.61
N LEU C 593 14.42 -29.18 32.72
CA LEU C 593 15.18 -30.42 32.76
C LEU C 593 16.66 -30.15 32.49
N LEU C 594 16.96 -29.28 31.54
CA LEU C 594 18.35 -28.96 31.23
C LEU C 594 19.04 -28.34 32.45
N MET C 595 18.38 -27.38 33.11
CA MET C 595 18.97 -26.76 34.29
C MET C 595 19.12 -27.77 35.42
N SER C 596 18.13 -28.63 35.62
CA SER C 596 18.19 -29.61 36.70
C SER C 596 19.35 -30.57 36.49
N GLN C 597 19.57 -31.00 35.25
CA GLN C 597 20.67 -31.91 35.00
C GLN C 597 22.02 -31.21 35.02
N LEU C 598 22.08 -29.93 34.64
CA LEU C 598 23.35 -29.22 34.63
C LEU C 598 23.80 -28.79 36.03
N ARG C 599 22.87 -28.47 36.92
CA ARG C 599 23.24 -27.93 38.22
C ARG C 599 23.92 -28.94 39.13
N LYS C 600 24.21 -30.14 38.64
CA LYS C 600 24.87 -31.17 39.45
C LYS C 600 26.33 -31.40 39.06
N THR C 601 26.65 -31.35 37.76
CA THR C 601 27.98 -31.68 37.27
C THR C 601 28.40 -30.70 36.18
N LYS C 602 29.56 -30.94 35.58
CA LYS C 602 30.07 -30.15 34.47
C LYS C 602 29.70 -30.83 33.15
N ASN C 603 30.16 -30.26 32.03
CA ASN C 603 29.75 -30.75 30.72
C ASN C 603 30.20 -32.18 30.47
N ASN C 604 31.49 -32.47 30.71
CA ASN C 604 32.00 -33.81 30.45
C ASN C 604 31.33 -34.83 31.35
N TYR C 605 31.13 -34.50 32.62
CA TYR C 605 30.47 -35.42 33.53
C TYR C 605 29.01 -35.61 33.14
N GLU C 606 28.37 -34.56 32.62
CA GLU C 606 26.98 -34.68 32.20
C GLU C 606 26.84 -35.53 30.95
N PHE C 607 27.82 -35.48 30.05
CA PHE C 607 27.86 -36.43 28.94
C PHE C 607 28.08 -37.86 29.43
N LEU C 608 29.03 -38.05 30.35
CA LEU C 608 29.29 -39.41 30.82
C LEU C 608 28.09 -39.99 31.55
N VAL C 609 27.33 -39.15 32.26
CA VAL C 609 26.10 -39.62 32.89
C VAL C 609 25.09 -40.05 31.84
N GLN C 610 24.98 -39.30 30.74
CA GLN C 610 23.99 -39.60 29.72
C GLN C 610 24.27 -40.95 29.05
N VAL C 611 25.55 -41.26 28.79
CA VAL C 611 25.88 -42.55 28.20
C VAL C 611 25.51 -43.69 29.14
N SER C 612 25.86 -43.55 30.42
CA SER C 612 25.58 -44.60 31.39
C SER C 612 24.68 -44.09 32.50
N VAL D 242 48.22 -6.88 -25.59
CA VAL D 242 48.66 -6.79 -24.21
C VAL D 242 48.02 -7.90 -23.37
N VAL D 243 47.12 -7.51 -22.46
CA VAL D 243 46.42 -8.49 -21.64
C VAL D 243 45.39 -9.22 -22.48
N GLN D 244 45.14 -10.49 -22.15
CA GLN D 244 44.26 -11.36 -22.91
C GLN D 244 43.14 -11.90 -22.04
N PRO D 245 42.10 -11.11 -21.79
CA PRO D 245 40.97 -11.61 -21.00
C PRO D 245 40.18 -12.68 -21.73
N VAL D 246 39.59 -13.57 -20.94
CA VAL D 246 38.68 -14.61 -21.43
C VAL D 246 37.45 -14.59 -20.54
N ALA D 247 36.27 -14.44 -21.14
CA ALA D 247 35.07 -14.25 -20.34
C ALA D 247 33.83 -14.51 -21.20
N GLY D 248 32.69 -14.64 -20.53
CA GLY D 248 31.41 -14.73 -21.19
C GLY D 248 30.71 -13.38 -21.24
N ILE D 249 30.49 -12.86 -22.45
CA ILE D 249 29.96 -11.51 -22.60
C ILE D 249 28.55 -11.41 -22.05
N LEU D 250 28.25 -10.29 -21.41
CA LEU D 250 26.88 -9.93 -21.03
C LEU D 250 26.54 -8.61 -21.72
N ASP D 251 25.47 -8.62 -22.50
CA ASP D 251 25.04 -7.47 -23.29
C ASP D 251 23.84 -6.83 -22.59
N VAL D 252 24.08 -5.73 -21.89
CA VAL D 252 23.02 -5.06 -21.14
C VAL D 252 22.10 -4.35 -22.14
N LEU D 253 20.94 -3.90 -21.64
CA LEU D 253 19.93 -3.31 -22.54
C LEU D 253 20.48 -2.08 -23.25
N ASP D 254 21.23 -1.25 -22.55
CA ASP D 254 21.80 -0.04 -23.15
C ASP D 254 22.93 -0.43 -24.10
N ASN D 255 23.66 0.58 -24.58
CA ASN D 255 24.76 0.32 -25.51
C ASN D 255 25.96 -0.34 -24.86
N TYR D 256 25.98 -0.45 -23.53
CA TYR D 256 27.13 -1.06 -22.88
C TYR D 256 27.13 -2.56 -23.12
N ALA D 257 28.32 -3.16 -22.99
CA ALA D 257 28.48 -4.61 -23.06
C ALA D 257 29.82 -4.95 -22.43
N PHE D 258 29.79 -5.79 -21.40
CA PHE D 258 31.00 -6.15 -20.66
C PHE D 258 31.23 -7.65 -20.77
N VAL D 259 32.49 -8.04 -20.72
CA VAL D 259 32.84 -9.44 -20.57
C VAL D 259 33.07 -9.72 -19.09
N ARG D 260 32.47 -10.78 -18.58
CA ARG D 260 32.45 -11.08 -17.16
C ARG D 260 33.52 -12.12 -16.86
N THR D 261 34.73 -11.64 -16.56
CA THR D 261 35.86 -12.52 -16.24
C THR D 261 35.95 -12.78 -14.73
N SER D 262 34.85 -13.21 -14.16
CA SER D 262 34.74 -13.47 -12.73
C SER D 262 34.51 -14.94 -12.37
N GLY D 263 33.57 -15.66 -13.00
CA GLY D 263 32.70 -15.19 -14.06
C GLY D 263 31.24 -15.05 -13.68
N TYR D 264 30.46 -14.44 -14.57
CA TYR D 264 29.02 -14.23 -14.46
C TYR D 264 28.65 -13.23 -13.38
N LEU D 265 29.60 -12.74 -12.60
CA LEU D 265 29.32 -11.76 -11.56
C LEU D 265 29.98 -10.44 -11.92
N PRO D 266 29.25 -9.32 -11.84
CA PRO D 266 29.87 -8.03 -12.13
C PRO D 266 31.05 -7.77 -11.22
N GLY D 267 32.26 -7.76 -11.79
CA GLY D 267 33.46 -7.64 -11.01
C GLY D 267 34.00 -6.22 -10.98
N PRO D 268 35.13 -6.03 -10.30
CA PRO D 268 35.71 -4.68 -10.26
C PRO D 268 36.35 -4.26 -11.57
N HIS D 269 36.90 -5.21 -12.33
CA HIS D 269 37.55 -4.93 -13.60
C HIS D 269 36.98 -5.85 -14.66
N ASP D 270 36.08 -5.31 -15.48
CA ASP D 270 35.50 -6.02 -16.62
C ASP D 270 35.80 -5.24 -17.88
N VAL D 271 36.26 -5.94 -18.92
CA VAL D 271 36.63 -5.27 -20.16
C VAL D 271 35.38 -4.78 -20.87
N TYR D 272 35.38 -3.50 -21.24
CA TYR D 272 34.24 -2.88 -21.89
C TYR D 272 34.23 -3.22 -23.38
N VAL D 273 33.05 -3.55 -23.90
CA VAL D 273 32.85 -3.85 -25.31
C VAL D 273 31.76 -2.93 -25.84
N SER D 274 32.06 -2.21 -26.93
CA SER D 274 31.07 -1.34 -27.53
C SER D 274 30.14 -2.13 -28.43
N MET D 275 29.00 -1.53 -28.77
CA MET D 275 28.07 -2.18 -29.68
C MET D 275 28.65 -2.37 -31.07
N ASN D 276 29.55 -1.47 -31.48
CA ASN D 276 30.15 -1.60 -32.81
C ASN D 276 30.91 -2.91 -32.93
N MET D 277 31.68 -3.26 -31.89
CA MET D 277 32.37 -4.55 -31.91
C MET D 277 31.39 -5.71 -31.92
N VAL D 278 30.29 -5.58 -31.18
CA VAL D 278 29.29 -6.64 -31.12
C VAL D 278 28.70 -6.90 -32.51
N ARG D 279 28.32 -5.82 -33.20
CA ARG D 279 27.74 -5.98 -34.53
C ARG D 279 28.77 -6.48 -35.54
N LYS D 280 30.00 -5.95 -35.47
CA LYS D 280 31.01 -6.35 -36.44
C LYS D 280 31.40 -7.81 -36.30
N ASN D 281 31.50 -8.29 -35.06
CA ASN D 281 31.95 -9.65 -34.81
C ASN D 281 30.83 -10.65 -34.67
N GLY D 282 29.58 -10.25 -34.91
CA GLY D 282 28.46 -11.16 -34.74
C GLY D 282 28.23 -11.60 -33.32
N MET D 283 28.59 -10.76 -32.36
CA MET D 283 28.48 -11.12 -30.95
C MET D 283 27.02 -11.10 -30.50
N ARG D 284 26.74 -11.89 -29.47
CA ARG D 284 25.43 -11.88 -28.85
C ARG D 284 25.58 -12.30 -27.40
N ARG D 285 24.59 -11.93 -26.59
CA ARG D 285 24.69 -12.10 -25.14
C ARG D 285 24.87 -13.57 -24.78
N GLY D 286 25.84 -13.84 -23.92
CA GLY D 286 26.14 -15.18 -23.48
C GLY D 286 27.31 -15.85 -24.17
N ASP D 287 27.86 -15.24 -25.21
CA ASP D 287 28.99 -15.81 -25.92
C ASP D 287 30.23 -15.83 -25.04
N ALA D 288 31.01 -16.90 -25.16
CA ALA D 288 32.32 -16.96 -24.54
C ALA D 288 33.33 -16.30 -25.47
N VAL D 289 34.02 -15.30 -24.97
CA VAL D 289 34.84 -14.42 -25.80
C VAL D 289 36.28 -14.51 -25.34
N THR D 290 37.21 -14.68 -26.30
CA THR D 290 38.63 -14.63 -26.02
C THR D 290 39.23 -13.57 -26.93
N GLY D 291 39.87 -12.57 -26.31
CA GLY D 291 40.44 -11.45 -27.04
C GLY D 291 41.44 -10.73 -26.17
N ALA D 292 41.90 -9.58 -26.66
CA ALA D 292 42.91 -8.79 -25.96
C ALA D 292 42.33 -7.45 -25.51
N VAL D 293 43.07 -6.77 -24.65
CA VAL D 293 42.68 -5.47 -24.11
C VAL D 293 43.94 -4.64 -23.88
N ARG D 294 43.77 -3.32 -23.93
CA ARG D 294 44.91 -2.41 -23.81
C ARG D 294 45.41 -2.33 -22.35
N VAL D 295 46.60 -1.77 -22.22
CA VAL D 295 47.19 -1.46 -20.91
C VAL D 295 46.47 -0.21 -20.38
N PRO D 296 46.53 0.06 -19.07
CA PRO D 296 45.89 1.28 -18.55
C PRO D 296 46.47 2.52 -19.21
N LYS D 297 45.59 3.32 -19.82
CA LYS D 297 45.99 4.46 -20.63
C LYS D 297 45.41 5.77 -20.14
N GLU D 298 44.11 5.82 -19.85
CA GLU D 298 43.45 7.06 -19.45
C GLU D 298 43.85 7.46 -18.03
N GLN D 306 35.72 6.85 -18.64
CA GLN D 306 35.88 5.44 -18.98
C GLN D 306 36.70 4.71 -17.93
N LYS D 307 36.02 4.18 -16.92
CA LYS D 307 36.71 3.45 -15.85
C LYS D 307 37.21 2.10 -16.35
N PHE D 308 36.47 1.47 -17.25
CA PHE D 308 36.82 0.15 -17.77
C PHE D 308 37.45 0.29 -19.14
N ASN D 309 38.62 -0.31 -19.32
CA ASN D 309 39.35 -0.18 -20.58
C ASN D 309 38.63 -0.94 -21.70
N PRO D 310 38.36 -0.29 -22.83
CA PRO D 310 37.65 -0.98 -23.92
C PRO D 310 38.46 -2.13 -24.51
N LEU D 311 37.73 -3.11 -25.05
CA LEU D 311 38.35 -4.22 -25.76
C LEU D 311 38.93 -3.74 -27.08
N VAL D 312 40.01 -4.39 -27.51
CA VAL D 312 40.70 -4.00 -28.74
C VAL D 312 40.64 -5.08 -29.80
N ARG D 313 41.13 -6.28 -29.49
CA ARG D 313 41.14 -7.38 -30.44
C ARG D 313 40.25 -8.51 -29.95
N LEU D 314 39.90 -9.40 -30.87
CA LEU D 314 39.12 -10.59 -30.56
C LEU D 314 39.77 -11.77 -31.25
N ASP D 315 40.02 -12.85 -30.49
CA ASP D 315 40.65 -14.04 -31.04
C ASP D 315 39.65 -15.14 -31.35
N SER D 316 38.64 -15.33 -30.50
CA SER D 316 37.67 -16.38 -30.74
C SER D 316 36.37 -16.06 -30.02
N ILE D 317 35.27 -16.59 -30.58
CA ILE D 317 33.94 -16.47 -29.99
C ILE D 317 33.43 -17.89 -29.73
N ASN D 318 33.13 -18.18 -28.47
CA ASN D 318 32.52 -19.44 -28.07
C ASN D 318 33.35 -20.63 -28.50
N GLY D 319 34.66 -20.44 -28.64
CA GLY D 319 35.55 -21.46 -29.12
C GLY D 319 35.65 -21.55 -30.63
N GLY D 320 34.89 -20.75 -31.37
CA GLY D 320 34.90 -20.80 -32.82
C GLY D 320 35.69 -19.68 -33.45
N SER D 321 35.09 -19.00 -34.43
CA SER D 321 35.76 -17.95 -35.17
C SER D 321 34.85 -16.73 -35.27
N VAL D 322 35.45 -15.58 -35.55
CA VAL D 322 34.69 -14.34 -35.66
C VAL D 322 33.79 -14.39 -36.90
N GLU D 323 34.24 -15.02 -37.98
CA GLU D 323 33.43 -15.13 -39.18
C GLU D 323 32.44 -16.29 -39.12
N ASP D 324 32.73 -17.31 -38.32
CA ASP D 324 31.88 -18.48 -38.20
C ASP D 324 30.62 -18.21 -37.37
N ALA D 325 30.32 -16.95 -37.07
CA ALA D 325 29.12 -16.60 -36.30
C ALA D 325 27.93 -16.49 -37.24
N LYS D 326 27.49 -17.67 -37.71
CA LYS D 326 26.28 -17.80 -38.52
C LYS D 326 25.27 -18.74 -37.86
N LYS D 327 25.44 -18.99 -36.56
CA LYS D 327 24.59 -19.92 -35.83
C LYS D 327 23.17 -19.38 -35.72
N ARG D 328 22.20 -20.29 -35.77
CA ARG D 328 20.79 -19.93 -35.77
C ARG D 328 20.34 -19.52 -34.36
N PRO D 329 19.52 -18.47 -34.26
CA PRO D 329 18.97 -18.10 -32.95
C PRO D 329 18.04 -19.17 -32.41
N GLU D 330 18.00 -19.29 -31.08
CA GLU D 330 17.17 -20.32 -30.47
C GLU D 330 15.69 -20.00 -30.58
N PHE D 331 15.33 -18.72 -30.60
CA PHE D 331 13.92 -18.35 -30.61
C PHE D 331 13.24 -18.81 -31.91
N GLY D 332 13.94 -18.73 -33.03
CA GLY D 332 13.39 -19.09 -34.32
C GLY D 332 13.45 -20.56 -34.67
N LYS D 333 13.91 -21.41 -33.77
CA LYS D 333 14.04 -22.84 -34.06
C LYS D 333 12.90 -23.63 -33.43
N LEU D 334 12.50 -24.69 -34.12
CA LEU D 334 11.36 -25.50 -33.71
C LEU D 334 11.68 -26.27 -32.42
N THR D 335 10.65 -26.47 -31.61
CA THR D 335 10.81 -26.96 -30.24
C THR D 335 9.93 -28.19 -30.02
N PRO D 336 10.43 -29.39 -30.33
CA PRO D 336 9.61 -30.59 -30.14
C PRO D 336 9.28 -30.85 -28.68
N LEU D 337 8.52 -31.92 -28.42
CA LEU D 337 8.00 -32.21 -27.10
C LEU D 337 9.08 -32.66 -26.13
N TYR D 338 10.29 -32.93 -26.61
CA TYR D 338 11.42 -33.40 -25.81
C TYR D 338 11.16 -34.52 -24.80
N PRO D 339 10.50 -35.61 -25.21
CA PRO D 339 10.76 -36.90 -24.56
C PRO D 339 11.63 -37.83 -25.40
N ASN D 340 12.23 -37.34 -26.48
CA ASN D 340 12.86 -38.21 -27.47
C ASN D 340 13.96 -39.05 -26.86
N GLN D 341 14.90 -38.41 -26.18
CA GLN D 341 16.08 -39.08 -25.65
C GLN D 341 16.16 -38.83 -24.16
N ARG D 342 16.25 -39.89 -23.38
CA ARG D 342 16.20 -39.79 -21.93
C ARG D 342 17.60 -39.84 -21.33
N LEU D 343 17.77 -39.14 -20.21
CA LEU D 343 19.01 -39.14 -19.45
C LEU D 343 18.91 -40.20 -18.37
N ARG D 344 19.65 -41.30 -18.52
CA ARG D 344 19.69 -42.31 -17.48
C ARG D 344 20.38 -41.75 -16.25
N LEU D 345 19.82 -42.04 -15.08
CA LEU D 345 20.38 -41.58 -13.82
C LEU D 345 20.86 -42.71 -12.93
N GLU D 346 20.29 -43.91 -13.05
CA GLU D 346 20.71 -45.04 -12.23
C GLU D 346 22.15 -45.41 -12.58
N THR D 347 23.08 -45.12 -11.67
CA THR D 347 24.49 -45.36 -11.91
C THR D 347 25.14 -46.34 -10.94
N SER D 348 24.51 -46.63 -9.81
CA SER D 348 25.09 -47.55 -8.84
C SER D 348 23.98 -48.16 -8.01
N THR D 349 24.27 -49.32 -7.43
CA THR D 349 23.28 -50.02 -6.61
C THR D 349 23.12 -49.37 -5.25
N GLU D 350 24.22 -48.88 -4.67
CA GLU D 350 24.17 -48.38 -3.29
C GLU D 350 23.24 -47.17 -3.16
N ARG D 351 23.30 -46.23 -4.10
CA ARG D 351 22.53 -45.00 -4.00
C ARG D 351 21.14 -45.22 -4.56
N LEU D 352 20.13 -44.93 -3.74
CA LEU D 352 18.73 -45.10 -4.13
C LEU D 352 18.06 -43.77 -4.46
N THR D 353 18.84 -42.68 -4.47
CA THR D 353 18.25 -41.39 -4.84
C THR D 353 17.93 -41.34 -6.33
N THR D 354 18.88 -41.76 -7.17
CA THR D 354 18.66 -41.70 -8.61
C THR D 354 17.76 -42.83 -9.11
N ARG D 355 17.80 -43.99 -8.45
CA ARG D 355 16.95 -45.09 -8.87
C ARG D 355 15.47 -44.73 -8.68
N VAL D 356 15.14 -44.13 -7.55
CA VAL D 356 13.77 -43.69 -7.30
C VAL D 356 13.35 -42.64 -8.31
N ILE D 357 14.24 -41.70 -8.63
CA ILE D 357 13.91 -40.67 -9.61
C ILE D 357 13.64 -41.29 -10.98
N ASP D 358 14.47 -42.25 -11.40
CA ASP D 358 14.24 -42.90 -12.68
C ASP D 358 12.93 -43.65 -12.71
N LEU D 359 12.59 -44.36 -11.63
CA LEU D 359 11.32 -45.07 -11.61
C LEU D 359 10.14 -44.10 -11.61
N ILE D 360 10.23 -43.03 -10.83
CA ILE D 360 9.07 -42.16 -10.61
C ILE D 360 9.00 -41.07 -11.68
N MET D 361 10.08 -40.32 -11.87
CA MET D 361 10.09 -39.18 -12.76
C MET D 361 11.21 -39.39 -13.78
N PRO D 362 10.92 -40.05 -14.89
CA PRO D 362 11.91 -40.13 -15.96
C PRO D 362 12.27 -38.74 -16.48
N ILE D 363 13.54 -38.56 -16.83
CA ILE D 363 14.05 -37.28 -17.30
C ILE D 363 14.65 -37.49 -18.68
N GLY D 364 14.31 -36.61 -19.62
CA GLY D 364 14.85 -36.67 -20.96
C GLY D 364 15.54 -35.37 -21.32
N LYS D 365 16.29 -35.43 -22.41
CA LYS D 365 17.00 -34.25 -22.88
C LYS D 365 15.99 -33.20 -23.33
N GLY D 366 15.90 -32.11 -22.56
CA GLY D 366 14.98 -31.03 -22.86
C GLY D 366 13.83 -30.85 -21.90
N GLN D 367 13.76 -31.65 -20.84
CA GLN D 367 12.68 -31.51 -19.87
C GLN D 367 12.71 -30.13 -19.21
N ARG D 368 11.63 -29.83 -18.51
CA ARG D 368 11.49 -28.61 -17.73
C ARG D 368 11.02 -29.07 -16.35
N ALA D 369 11.97 -29.49 -15.52
CA ALA D 369 11.64 -30.18 -14.28
C ALA D 369 11.41 -29.17 -13.15
N LEU D 370 10.84 -29.68 -12.06
CA LEU D 370 10.61 -28.87 -10.87
C LEU D 370 10.68 -29.79 -9.67
N ILE D 371 11.66 -29.59 -8.80
CA ILE D 371 11.77 -30.33 -7.55
C ILE D 371 11.09 -29.48 -6.47
N VAL D 372 9.94 -29.94 -6.00
CA VAL D 372 9.21 -29.23 -4.96
C VAL D 372 9.61 -29.82 -3.62
N SER D 373 10.18 -28.98 -2.75
CA SER D 373 10.72 -29.47 -1.49
C SER D 373 10.57 -28.42 -0.39
N PRO D 374 10.16 -28.85 0.80
CA PRO D 374 10.23 -27.98 1.96
C PRO D 374 11.65 -27.92 2.49
N PRO D 375 11.95 -26.98 3.39
CA PRO D 375 13.29 -26.95 3.98
C PRO D 375 13.61 -28.23 4.73
N LYS D 376 14.88 -28.63 4.68
CA LYS D 376 15.37 -29.82 5.36
C LYS D 376 14.65 -31.09 4.91
N ALA D 377 14.46 -31.21 3.60
CA ALA D 377 13.83 -32.39 3.02
C ALA D 377 14.80 -33.28 2.25
N GLY D 378 16.02 -32.82 1.99
CA GLY D 378 16.98 -33.60 1.26
C GLY D 378 17.14 -33.14 -0.18
N LYS D 379 17.17 -31.83 -0.39
CA LYS D 379 17.22 -31.27 -1.73
C LYS D 379 18.64 -31.14 -2.27
N THR D 380 19.58 -30.67 -1.46
CA THR D 380 20.95 -30.48 -1.94
C THR D 380 21.61 -31.82 -2.28
N THR D 381 21.39 -32.84 -1.46
CA THR D 381 21.93 -34.16 -1.77
C THR D 381 21.33 -34.69 -3.07
N ILE D 382 20.03 -34.47 -3.28
CA ILE D 382 19.40 -34.92 -4.51
C ILE D 382 19.99 -34.20 -5.72
N LEU D 383 20.19 -32.88 -5.62
CA LEU D 383 20.80 -32.15 -6.72
C LEU D 383 22.21 -32.63 -7.00
N GLN D 384 22.99 -32.89 -5.95
CA GLN D 384 24.35 -33.38 -6.15
C GLN D 384 24.35 -34.76 -6.80
N ASP D 385 23.44 -35.64 -6.37
CA ASP D 385 23.34 -36.96 -6.98
C ASP D 385 22.94 -36.86 -8.44
N ILE D 386 22.00 -35.98 -8.77
CA ILE D 386 21.58 -35.79 -10.15
C ILE D 386 22.74 -35.28 -10.99
N ALA D 387 23.49 -34.30 -10.47
CA ALA D 387 24.61 -33.75 -11.23
C ALA D 387 25.69 -34.80 -11.45
N ASN D 388 26.01 -35.59 -10.42
CA ASN D 388 27.01 -36.63 -10.56
C ASN D 388 26.56 -37.68 -11.57
N ALA D 389 25.30 -38.10 -11.50
CA ALA D 389 24.79 -39.11 -12.43
C ALA D 389 24.80 -38.59 -13.86
N ILE D 390 24.43 -37.33 -14.06
CA ILE D 390 24.42 -36.76 -15.41
C ILE D 390 25.84 -36.68 -15.96
N THR D 391 26.80 -36.22 -15.14
CA THR D 391 28.18 -36.12 -15.60
C THR D 391 28.76 -37.50 -15.91
N ARG D 392 28.45 -38.50 -15.08
CA ARG D 392 29.00 -39.83 -15.30
C ARG D 392 28.37 -40.50 -16.51
N ASN D 393 27.04 -40.56 -16.56
CA ASN D 393 26.34 -41.31 -17.60
C ASN D 393 26.31 -40.58 -18.93
N ASN D 394 26.22 -39.26 -18.93
CA ASN D 394 26.09 -38.47 -20.16
C ASN D 394 27.17 -37.39 -20.18
N PRO D 395 28.42 -37.76 -20.44
CA PRO D 395 29.49 -36.76 -20.48
C PRO D 395 29.35 -35.75 -21.61
N GLU D 396 28.54 -36.06 -22.64
CA GLU D 396 28.37 -35.11 -23.74
C GLU D 396 27.59 -33.88 -23.31
N CYS D 397 26.74 -34.00 -22.30
CA CYS D 397 25.94 -32.87 -21.84
C CYS D 397 26.79 -31.91 -21.02
N HIS D 398 26.69 -30.63 -21.34
CA HIS D 398 27.38 -29.59 -20.57
C HIS D 398 26.54 -29.28 -19.33
N LEU D 399 27.11 -29.55 -18.16
CA LEU D 399 26.38 -29.40 -16.91
C LEU D 399 26.69 -28.07 -16.25
N MET D 400 25.63 -27.31 -15.96
CA MET D 400 25.72 -26.03 -15.29
C MET D 400 24.90 -26.13 -14.02
N VAL D 401 25.39 -25.54 -12.94
CA VAL D 401 24.67 -25.52 -11.66
C VAL D 401 24.58 -24.09 -11.19
N VAL D 402 23.36 -23.55 -11.14
CA VAL D 402 23.13 -22.16 -10.78
C VAL D 402 22.55 -22.10 -9.38
N LEU D 403 23.17 -21.32 -8.51
CA LEU D 403 22.70 -21.08 -7.15
C LEU D 403 22.44 -19.59 -6.99
N VAL D 404 21.24 -19.24 -6.53
CA VAL D 404 20.77 -17.85 -6.55
C VAL D 404 20.96 -17.17 -5.20
N ASP D 405 20.63 -17.85 -4.10
CA ASP D 405 20.86 -17.32 -2.76
C ASP D 405 21.35 -18.47 -1.88
N GLU D 406 22.67 -18.59 -1.76
CA GLU D 406 23.27 -19.66 -0.98
C GLU D 406 24.29 -19.08 -0.01
N ARG D 407 24.52 -19.81 1.07
CA ARG D 407 25.58 -19.46 1.99
C ARG D 407 26.93 -19.53 1.27
N PRO D 408 27.88 -18.66 1.59
CA PRO D 408 29.19 -18.74 0.92
C PRO D 408 29.91 -20.06 1.14
N GLU D 409 29.58 -20.79 2.19
CA GLU D 409 30.14 -22.12 2.40
C GLU D 409 29.51 -23.15 1.48
N GLU D 410 28.22 -23.03 1.20
CA GLU D 410 27.55 -24.01 0.34
C GLU D 410 28.02 -23.91 -1.09
N VAL D 411 28.43 -22.72 -1.54
CA VAL D 411 28.98 -22.59 -2.89
C VAL D 411 30.25 -23.41 -3.02
N THR D 412 31.13 -23.33 -2.02
CA THR D 412 32.34 -24.14 -2.06
C THR D 412 32.04 -25.63 -1.91
N ASP D 413 31.04 -25.97 -1.08
CA ASP D 413 30.65 -27.37 -0.97
C ASP D 413 30.20 -27.93 -2.33
N MET D 414 29.37 -27.17 -3.04
CA MET D 414 28.92 -27.60 -4.36
C MET D 414 30.09 -27.66 -5.33
N GLN D 415 30.96 -26.65 -5.33
CA GLN D 415 32.11 -26.64 -6.22
C GLN D 415 33.02 -27.83 -5.99
N ARG D 416 33.10 -28.33 -4.76
CA ARG D 416 33.89 -29.52 -4.48
C ARG D 416 33.13 -30.82 -4.78
N SER D 417 31.80 -30.80 -4.75
CA SER D 417 31.02 -32.01 -4.97
C SER D 417 30.41 -32.12 -6.37
N VAL D 418 30.66 -31.16 -7.25
CA VAL D 418 30.09 -31.15 -8.60
C VAL D 418 31.19 -30.84 -9.59
N LYS D 419 31.24 -31.61 -10.69
CA LYS D 419 32.30 -31.47 -11.68
C LYS D 419 32.00 -30.44 -12.75
N GLY D 420 30.73 -30.17 -13.02
CA GLY D 420 30.37 -29.20 -14.04
C GLY D 420 30.55 -27.78 -13.56
N GLU D 421 30.14 -26.84 -14.41
CA GLU D 421 30.20 -25.43 -14.04
C GLU D 421 29.32 -25.18 -12.81
N VAL D 422 29.79 -24.32 -11.92
CA VAL D 422 29.03 -23.92 -10.74
C VAL D 422 29.02 -22.40 -10.70
N ILE D 423 27.90 -21.80 -11.10
CA ILE D 423 27.71 -20.36 -11.01
C ILE D 423 26.83 -20.09 -9.80
N ALA D 424 27.25 -19.14 -8.97
CA ALA D 424 26.51 -18.87 -7.75
C ALA D 424 26.70 -17.42 -7.34
N SER D 425 25.64 -16.85 -6.78
CA SER D 425 25.69 -15.53 -6.15
C SER D 425 25.19 -15.68 -4.73
N THR D 426 26.06 -15.42 -3.77
CA THR D 426 25.72 -15.64 -2.36
C THR D 426 24.76 -14.55 -1.88
N PHE D 427 24.15 -14.81 -0.72
CA PHE D 427 23.11 -13.91 -0.21
C PHE D 427 23.64 -12.53 0.16
N ASP D 428 24.95 -12.35 0.27
CA ASP D 428 25.54 -11.07 0.59
C ASP D 428 25.69 -10.16 -0.62
N ARG D 429 24.94 -10.42 -1.68
CA ARG D 429 24.96 -9.65 -2.91
C ARG D 429 23.57 -9.07 -3.19
N PRO D 430 23.48 -7.97 -3.94
CA PRO D 430 22.18 -7.38 -4.20
C PRO D 430 21.32 -8.32 -5.02
N PRO D 431 19.98 -8.20 -4.93
CA PRO D 431 19.12 -9.03 -5.79
C PRO D 431 19.39 -8.82 -7.27
N SER D 432 19.87 -7.63 -7.65
CA SER D 432 20.25 -7.40 -9.04
C SER D 432 21.35 -8.35 -9.47
N ASP D 433 22.27 -8.68 -8.57
CA ASP D 433 23.34 -9.62 -8.92
C ASP D 433 22.78 -11.02 -9.15
N HIS D 434 21.84 -11.47 -8.33
CA HIS D 434 21.22 -12.77 -8.58
C HIS D 434 20.49 -12.78 -9.91
N THR D 435 19.77 -11.70 -10.21
CA THR D 435 19.10 -11.58 -11.50
C THR D 435 20.10 -11.69 -12.65
N SER D 436 21.19 -10.93 -12.58
CA SER D 436 22.17 -10.94 -13.65
C SER D 436 22.80 -12.31 -13.81
N VAL D 437 23.12 -12.97 -12.70
CA VAL D 437 23.73 -14.30 -12.77
C VAL D 437 22.79 -15.28 -13.45
N ALA D 438 21.53 -15.32 -13.02
CA ALA D 438 20.59 -16.27 -13.61
C ALA D 438 20.38 -15.99 -15.10
N GLU D 439 20.20 -14.72 -15.46
CA GLU D 439 19.97 -14.39 -16.86
C GLU D 439 21.17 -14.73 -17.72
N LEU D 440 22.38 -14.40 -17.25
CA LEU D 440 23.57 -14.69 -18.04
C LEU D 440 23.80 -16.19 -18.16
N ALA D 441 23.51 -16.95 -17.10
CA ALA D 441 23.66 -18.40 -17.17
C ALA D 441 22.72 -18.99 -18.22
N ILE D 442 21.45 -18.55 -18.22
CA ILE D 442 20.53 -19.12 -19.19
C ILE D 442 20.87 -18.67 -20.61
N GLU D 443 21.37 -17.44 -20.78
CA GLU D 443 21.78 -17.01 -22.11
C GLU D 443 22.97 -17.81 -22.61
N ARG D 444 23.92 -18.12 -21.72
CA ARG D 444 25.04 -18.97 -22.09
C ARG D 444 24.56 -20.37 -22.48
N ALA D 445 23.59 -20.90 -21.73
CA ALA D 445 23.03 -22.20 -22.10
C ALA D 445 22.38 -22.15 -23.48
N LYS D 446 21.67 -21.07 -23.78
CA LYS D 446 21.07 -20.92 -25.10
C LYS D 446 22.13 -20.85 -26.19
N ARG D 447 23.19 -20.10 -25.95
CA ARG D 447 24.26 -19.97 -26.94
C ARG D 447 24.97 -21.29 -27.18
N LEU D 448 25.07 -22.12 -26.14
CA LEU D 448 25.64 -23.46 -26.33
C LEU D 448 24.69 -24.37 -27.08
N VAL D 449 23.38 -24.26 -26.82
CA VAL D 449 22.40 -25.09 -27.51
C VAL D 449 22.37 -24.75 -28.99
N GLU D 450 22.51 -23.48 -29.33
CA GLU D 450 22.53 -23.08 -30.73
C GLU D 450 23.65 -23.77 -31.51
N GLN D 451 24.74 -24.13 -30.83
CA GLN D 451 25.80 -24.89 -31.46
C GLN D 451 25.44 -26.36 -31.65
N GLY D 452 24.33 -26.81 -31.08
CA GLY D 452 23.93 -28.20 -31.18
C GLY D 452 24.29 -29.06 -29.99
N LYS D 453 24.96 -28.49 -28.98
CA LYS D 453 25.34 -29.25 -27.80
C LYS D 453 24.15 -29.39 -26.86
N ASP D 454 24.26 -30.36 -25.96
CA ASP D 454 23.24 -30.59 -24.94
C ASP D 454 23.65 -29.87 -23.66
N VAL D 455 22.76 -29.06 -23.12
CA VAL D 455 23.01 -28.29 -21.91
C VAL D 455 22.02 -28.73 -20.85
N VAL D 456 22.51 -28.90 -19.62
CA VAL D 456 21.69 -29.30 -18.49
C VAL D 456 21.93 -28.29 -17.38
N VAL D 457 20.91 -27.51 -17.03
CA VAL D 457 21.01 -26.49 -16.00
C VAL D 457 20.31 -27.00 -14.74
N LEU D 458 21.03 -26.96 -13.62
CA LEU D 458 20.51 -27.34 -12.32
C LEU D 458 20.35 -26.05 -11.53
N LEU D 459 19.16 -25.46 -11.59
CA LEU D 459 18.90 -24.26 -10.82
C LEU D 459 18.48 -24.62 -9.40
N ASP D 460 18.88 -23.79 -8.45
CA ASP D 460 18.49 -23.97 -7.06
C ASP D 460 17.53 -22.87 -6.65
N SER D 461 16.35 -23.27 -6.17
CA SER D 461 15.37 -22.35 -5.59
C SER D 461 14.95 -21.28 -6.60
N ILE D 462 14.18 -21.73 -7.60
CA ILE D 462 13.49 -20.79 -8.49
C ILE D 462 12.69 -19.77 -7.69
N THR D 463 12.24 -20.15 -6.49
CA THR D 463 11.57 -19.20 -5.61
C THR D 463 12.51 -18.09 -5.16
N ARG D 464 13.79 -18.41 -4.91
CA ARG D 464 14.75 -17.36 -4.60
C ARG D 464 14.93 -16.40 -5.76
N LEU D 465 14.96 -16.91 -6.99
CA LEU D 465 15.03 -16.04 -8.15
C LEU D 465 13.79 -15.17 -8.27
N GLY D 466 12.62 -15.74 -8.00
CA GLY D 466 11.40 -14.95 -8.03
C GLY D 466 11.39 -13.86 -6.98
N ARG D 467 11.85 -14.17 -5.76
CA ARG D 467 11.92 -13.16 -4.72
C ARG D 467 12.97 -12.10 -5.02
N ALA D 468 14.09 -12.48 -5.64
CA ALA D 468 15.07 -11.49 -6.07
C ALA D 468 14.48 -10.55 -7.12
N TYR D 469 13.73 -11.10 -8.08
CA TYR D 469 13.06 -10.25 -9.07
C TYR D 469 12.03 -9.35 -8.41
N ASN D 470 11.30 -9.86 -7.42
CA ASN D 470 10.30 -9.06 -6.73
C ASN D 470 10.95 -7.90 -5.98
N ASN D 471 12.03 -8.17 -5.24
CA ASN D 471 12.68 -7.14 -4.45
C ASN D 471 13.52 -6.18 -5.30
N ALA D 472 13.91 -6.58 -6.50
CA ALA D 472 14.80 -5.73 -7.29
C ALA D 472 14.11 -4.46 -7.78
N SER D 473 12.79 -4.46 -7.90
CA SER D 473 12.09 -3.32 -8.48
C SER D 473 10.87 -2.97 -7.64
N PRO D 474 10.46 -1.70 -7.65
CA PRO D 474 9.23 -1.33 -6.95
C PRO D 474 8.01 -1.93 -7.64
N ALA D 475 6.98 -2.19 -6.83
CA ALA D 475 5.78 -2.84 -7.34
C ALA D 475 5.11 -1.99 -8.40
N SER D 476 4.76 -2.61 -9.53
CA SER D 476 4.10 -1.93 -10.63
C SER D 476 2.91 -2.68 -11.21
N GLY D 477 2.82 -3.98 -11.05
CA GLY D 477 1.69 -4.76 -11.53
C GLY D 477 0.63 -4.94 -10.48
N ARG D 478 -0.10 -6.05 -10.58
CA ARG D 478 -1.12 -6.38 -9.58
C ARG D 478 -0.43 -6.82 -8.31
N ILE D 479 -0.25 -5.89 -7.37
CA ILE D 479 0.43 -6.22 -6.12
C ILE D 479 -0.37 -7.23 -5.32
N LEU D 480 -1.70 -7.16 -5.40
CA LEU D 480 -2.54 -8.04 -4.60
C LEU D 480 -2.41 -9.46 -5.12
N SER D 481 -1.32 -10.12 -4.76
CA SER D 481 -1.11 -11.52 -5.11
C SER D 481 -0.66 -12.36 -3.92
N GLY D 482 -0.43 -11.75 -2.77
CA GLY D 482 0.01 -12.47 -1.59
C GLY D 482 1.31 -11.92 -1.03
N GLY D 483 1.61 -10.66 -1.33
CA GLY D 483 2.85 -10.03 -0.93
C GLY D 483 3.87 -9.91 -2.04
N VAL D 484 3.63 -10.53 -3.19
CA VAL D 484 4.57 -10.54 -4.31
C VAL D 484 3.91 -9.89 -5.52
N ASP D 485 4.68 -9.05 -6.22
CA ASP D 485 4.19 -8.39 -7.40
C ASP D 485 3.92 -9.38 -8.52
N SER D 486 2.93 -9.06 -9.37
CA SER D 486 2.60 -9.93 -10.49
C SER D 486 3.61 -9.80 -11.63
N THR D 487 4.19 -8.61 -11.81
CA THR D 487 5.21 -8.44 -12.84
C THR D 487 6.47 -9.24 -12.51
N ALA D 488 6.72 -9.49 -11.22
CA ALA D 488 7.91 -10.22 -10.80
C ALA D 488 7.87 -11.70 -11.16
N LEU D 489 6.73 -12.22 -11.61
CA LEU D 489 6.62 -13.63 -11.94
C LEU D 489 6.89 -13.92 -13.41
N TYR D 490 7.13 -12.91 -14.23
CA TYR D 490 7.39 -13.14 -15.65
C TYR D 490 8.82 -13.59 -15.92
N PRO D 491 9.86 -12.90 -15.44
CA PRO D 491 11.23 -13.32 -15.78
C PRO D 491 11.58 -14.71 -15.25
N PRO D 492 11.13 -15.11 -14.06
CA PRO D 492 11.34 -16.52 -13.68
C PRO D 492 10.67 -17.49 -14.63
N LYS D 493 9.48 -17.14 -15.14
CA LYS D 493 8.83 -18.01 -16.12
C LYS D 493 9.61 -18.05 -17.41
N ARG D 494 10.21 -16.92 -17.81
CA ARG D 494 11.06 -16.91 -18.99
C ARG D 494 12.26 -17.84 -18.82
N PHE D 495 12.92 -17.75 -17.65
CA PHE D 495 14.04 -18.62 -17.36
C PHE D 495 13.63 -20.09 -17.41
N LEU D 496 12.51 -20.42 -16.78
CA LEU D 496 12.06 -21.80 -16.74
C LEU D 496 11.63 -22.29 -18.11
N GLY D 497 11.02 -21.42 -18.92
CA GLY D 497 10.55 -21.77 -20.23
C GLY D 497 11.57 -21.74 -21.33
N ALA D 498 12.79 -21.31 -21.03
CA ALA D 498 13.87 -21.48 -22.00
C ALA D 498 14.24 -22.94 -22.23
N ALA D 499 13.68 -23.86 -21.45
CA ALA D 499 14.02 -25.29 -21.55
C ALA D 499 13.21 -25.91 -22.68
N ARG D 500 13.80 -25.96 -23.87
CA ARG D 500 13.13 -26.46 -25.06
C ARG D 500 14.06 -27.43 -25.78
N ASN D 501 13.47 -28.44 -26.42
CA ASN D 501 14.23 -29.27 -27.33
C ASN D 501 14.38 -28.56 -28.67
N ILE D 502 15.24 -29.11 -29.52
CA ILE D 502 15.43 -28.60 -30.87
C ILE D 502 15.34 -29.77 -31.84
N GLU D 503 14.54 -29.60 -32.89
CA GLU D 503 14.49 -30.62 -33.93
C GLU D 503 15.78 -30.66 -34.73
N GLU D 504 16.41 -29.50 -34.94
CA GLU D 504 17.68 -29.43 -35.67
C GLU D 504 18.85 -30.03 -34.90
N GLY D 505 18.66 -30.32 -33.61
CA GLY D 505 19.75 -30.88 -32.82
C GLY D 505 20.01 -30.03 -31.58
N GLY D 506 20.19 -30.70 -30.46
CA GLY D 506 20.43 -30.05 -29.19
C GLY D 506 19.26 -30.22 -28.24
N SER D 507 19.47 -29.74 -27.02
CA SER D 507 18.45 -29.77 -25.98
C SER D 507 18.91 -28.89 -24.84
N LEU D 508 17.96 -28.39 -24.06
CA LEU D 508 18.25 -27.55 -22.90
C LEU D 508 17.38 -28.02 -21.75
N THR D 509 17.94 -28.88 -20.90
CA THR D 509 17.24 -29.35 -19.71
C THR D 509 17.38 -28.33 -18.60
N ILE D 510 16.33 -28.15 -17.81
CA ILE D 510 16.35 -27.25 -16.67
C ILE D 510 15.68 -27.98 -15.51
N ILE D 511 16.47 -28.47 -14.57
CA ILE D 511 15.95 -29.11 -13.36
C ILE D 511 16.00 -28.05 -12.26
N ALA D 512 14.93 -27.27 -12.16
CA ALA D 512 14.84 -26.25 -11.12
C ALA D 512 14.24 -26.85 -9.86
N THR D 513 14.39 -26.13 -8.76
CA THR D 513 13.82 -26.53 -7.48
C THR D 513 12.95 -25.41 -6.94
N ALA D 514 11.79 -25.77 -6.42
CA ALA D 514 10.84 -24.82 -5.86
C ALA D 514 10.69 -25.09 -4.37
N MET D 515 10.66 -24.02 -3.58
CA MET D 515 10.58 -24.12 -2.13
C MET D 515 9.17 -23.84 -1.68
N VAL D 516 8.59 -24.77 -0.91
CA VAL D 516 7.27 -24.63 -0.34
C VAL D 516 7.36 -24.92 1.15
N GLU D 517 6.30 -24.56 1.88
CA GLU D 517 6.22 -24.75 3.32
C GLU D 517 7.39 -24.06 4.04
N THR D 518 7.80 -22.92 3.51
CA THR D 518 8.94 -22.18 4.08
C THR D 518 8.52 -21.19 5.14
N GLY D 519 7.23 -21.13 5.48
CA GLY D 519 6.74 -20.14 6.43
C GLY D 519 6.54 -18.76 5.84
N SER D 520 6.72 -18.59 4.54
CA SER D 520 6.52 -17.32 3.86
C SER D 520 5.46 -17.49 2.79
N THR D 521 4.56 -16.50 2.68
CA THR D 521 3.50 -16.58 1.69
C THR D 521 4.03 -16.36 0.27
N GLY D 522 5.13 -15.63 0.13
CA GLY D 522 5.67 -15.37 -1.19
C GLY D 522 6.10 -16.65 -1.91
N ASP D 523 6.74 -17.56 -1.19
CA ASP D 523 7.19 -18.81 -1.79
C ASP D 523 6.00 -19.63 -2.29
N THR D 524 4.96 -19.75 -1.46
CA THR D 524 3.79 -20.51 -1.85
C THR D 524 3.07 -19.86 -3.03
N VAL D 525 2.97 -18.53 -3.02
CA VAL D 525 2.31 -17.84 -4.12
C VAL D 525 3.08 -18.04 -5.42
N ILE D 526 4.40 -17.94 -5.37
CA ILE D 526 5.20 -18.12 -6.58
C ILE D 526 5.06 -19.56 -7.10
N PHE D 527 5.12 -20.54 -6.19
CA PHE D 527 4.96 -21.92 -6.62
C PHE D 527 3.59 -22.15 -7.25
N GLU D 528 2.55 -21.56 -6.67
CA GLU D 528 1.21 -21.71 -7.24
C GLU D 528 1.14 -21.07 -8.62
N GLU D 529 1.77 -19.90 -8.79
CA GLU D 529 1.80 -19.27 -10.11
C GLU D 529 2.64 -20.06 -11.10
N PHE D 530 3.48 -20.97 -10.62
CA PHE D 530 4.26 -21.86 -11.49
C PHE D 530 3.60 -23.21 -11.67
N LYS D 531 2.27 -23.26 -11.68
CA LYS D 531 1.53 -24.51 -11.85
C LYS D 531 1.13 -24.66 -13.31
N GLY D 532 1.28 -25.88 -13.82
CA GLY D 532 0.96 -26.16 -15.21
C GLY D 532 1.98 -25.67 -16.21
N THR D 533 3.20 -25.39 -15.77
CA THR D 533 4.28 -24.94 -16.64
C THR D 533 5.36 -25.99 -16.83
N GLY D 534 5.70 -26.74 -15.79
CA GLY D 534 6.69 -27.79 -15.90
C GLY D 534 6.04 -29.13 -16.17
N ASN D 535 6.65 -29.89 -17.07
CA ASN D 535 6.13 -31.18 -17.49
C ASN D 535 6.78 -32.34 -16.77
N ALA D 536 7.61 -32.07 -15.76
CA ALA D 536 8.10 -33.10 -14.87
C ALA D 536 8.22 -32.49 -13.48
N GLU D 537 7.59 -33.14 -12.49
CA GLU D 537 7.59 -32.62 -11.14
C GLU D 537 7.90 -33.74 -10.16
N LEU D 538 8.75 -33.44 -9.18
CA LEU D 538 9.06 -34.37 -8.10
C LEU D 538 8.74 -33.66 -6.79
N LYS D 539 7.93 -34.30 -5.95
CA LYS D 539 7.49 -33.72 -4.70
C LYS D 539 8.20 -34.40 -3.54
N LEU D 540 8.98 -33.63 -2.79
CA LEU D 540 9.61 -34.10 -1.58
C LEU D 540 8.76 -33.73 -0.38
N ASP D 541 8.55 -34.68 0.52
CA ASP D 541 7.64 -34.50 1.65
C ASP D 541 8.45 -34.42 2.94
N ARG D 542 8.16 -33.40 3.75
CA ARG D 542 8.89 -33.20 4.99
C ARG D 542 8.66 -34.34 5.97
N LYS D 543 7.41 -34.78 6.11
CA LYS D 543 7.08 -35.84 7.07
C LYS D 543 7.74 -37.16 6.72
N ILE D 544 7.97 -37.42 5.43
CA ILE D 544 8.73 -38.61 5.05
C ILE D 544 10.19 -38.46 5.43
N ALA D 545 10.77 -37.26 5.27
CA ALA D 545 12.16 -37.06 5.65
C ALA D 545 12.35 -37.17 7.16
N GLU D 546 11.37 -36.72 7.95
CA GLU D 546 11.50 -36.80 9.40
C GLU D 546 11.59 -38.24 9.87
N ARG D 547 11.03 -39.19 9.11
CA ARG D 547 11.12 -40.60 9.44
C ARG D 547 12.49 -41.19 9.12
N ARG D 548 13.45 -40.37 8.69
CA ARG D 548 14.79 -40.82 8.33
C ARG D 548 14.76 -41.86 7.21
N VAL D 549 13.86 -41.69 6.25
CA VAL D 549 13.83 -42.49 5.03
C VAL D 549 13.99 -41.56 3.84
N PHE D 550 14.94 -41.89 2.97
CA PHE D 550 15.33 -41.03 1.87
C PHE D 550 15.29 -41.81 0.55
N PRO D 551 15.12 -41.13 -0.59
CA PRO D 551 15.13 -39.68 -0.83
C PRO D 551 13.87 -38.93 -0.40
N ALA D 552 12.88 -39.67 0.11
CA ALA D 552 11.65 -39.07 0.63
C ALA D 552 10.93 -38.25 -0.44
N VAL D 553 10.52 -38.93 -1.49
CA VAL D 553 9.69 -38.33 -2.54
C VAL D 553 8.24 -38.64 -2.25
N ASP D 554 7.36 -37.72 -2.62
CA ASP D 554 5.92 -37.91 -2.48
C ASP D 554 5.44 -38.42 -3.83
N VAL D 555 5.24 -39.75 -3.92
CA VAL D 555 5.21 -40.41 -5.23
C VAL D 555 3.98 -39.99 -6.03
N ASN D 556 2.81 -39.98 -5.40
CA ASN D 556 1.56 -39.88 -6.15
C ASN D 556 1.45 -38.64 -7.02
N PRO D 557 1.73 -37.42 -6.53
CA PRO D 557 1.66 -36.25 -7.41
C PRO D 557 2.94 -35.95 -8.19
N SER D 558 3.87 -36.89 -8.27
CA SER D 558 5.12 -36.70 -8.97
C SER D 558 5.20 -37.63 -10.17
N GLY D 559 5.58 -37.07 -11.31
CA GLY D 559 5.71 -37.85 -12.52
C GLY D 559 6.10 -36.97 -13.69
N THR D 560 6.23 -37.60 -14.84
CA THR D 560 6.61 -36.92 -16.07
C THR D 560 5.42 -36.86 -17.01
N ARG D 561 5.29 -35.73 -17.71
CA ARG D 561 4.24 -35.55 -18.69
C ARG D 561 4.74 -36.00 -20.06
N LYS D 562 3.94 -36.81 -20.74
CA LYS D 562 4.30 -37.36 -22.05
C LYS D 562 5.59 -38.17 -21.97
N ASP D 563 5.60 -39.16 -21.10
CA ASP D 563 6.74 -40.07 -21.00
C ASP D 563 6.61 -41.25 -21.95
N GLU D 564 5.57 -41.28 -22.78
CA GLU D 564 5.42 -42.35 -23.77
C GLU D 564 6.58 -42.35 -24.75
N LEU D 565 7.14 -41.18 -25.05
CA LEU D 565 8.23 -41.07 -26.00
C LEU D 565 9.60 -41.29 -25.36
N LEU D 566 9.68 -41.35 -24.03
CA LEU D 566 10.94 -41.61 -23.35
C LEU D 566 11.20 -43.11 -23.20
N LEU D 567 10.17 -43.87 -22.85
CA LEU D 567 10.33 -45.26 -22.49
C LEU D 567 9.92 -46.17 -23.65
N SER D 568 10.52 -47.35 -23.69
CA SER D 568 10.09 -48.38 -24.62
C SER D 568 8.71 -48.89 -24.21
N PRO D 569 7.90 -49.37 -25.16
CA PRO D 569 6.51 -49.71 -24.83
C PRO D 569 6.37 -50.74 -23.72
N ASP D 570 7.22 -51.77 -23.69
CA ASP D 570 7.15 -52.74 -22.60
C ASP D 570 7.59 -52.12 -21.28
N GLU D 571 8.67 -51.34 -21.31
CA GLU D 571 9.10 -50.64 -20.11
C GLU D 571 8.04 -49.63 -19.66
N PHE D 572 7.41 -48.95 -20.61
CA PHE D 572 6.34 -48.03 -20.26
C PHE D 572 5.18 -48.74 -19.60
N ALA D 573 4.81 -49.91 -20.12
CA ALA D 573 3.73 -50.69 -19.50
C ALA D 573 4.11 -51.13 -18.09
N ILE D 574 5.35 -51.57 -17.89
CA ILE D 574 5.78 -51.99 -16.56
C ILE D 574 5.76 -50.83 -15.59
N VAL D 575 6.26 -49.66 -16.02
CA VAL D 575 6.27 -48.49 -15.16
C VAL D 575 4.85 -48.03 -14.87
N HIS D 576 3.94 -48.16 -15.84
CA HIS D 576 2.54 -47.80 -15.60
C HIS D 576 1.92 -48.72 -14.56
N LYS D 577 2.22 -50.02 -14.64
CA LYS D 577 1.73 -50.96 -13.62
C LYS D 577 2.29 -50.61 -12.24
N LEU D 578 3.58 -50.29 -12.17
CA LEU D 578 4.18 -49.92 -10.90
C LEU D 578 3.56 -48.64 -10.35
N ARG D 579 3.30 -47.66 -11.20
CA ARG D 579 2.69 -46.42 -10.75
C ARG D 579 1.27 -46.65 -10.26
N ARG D 580 0.53 -47.53 -10.93
CA ARG D 580 -0.80 -47.88 -10.43
C ARG D 580 -0.71 -48.52 -9.05
N VAL D 581 0.22 -49.45 -8.88
CA VAL D 581 0.38 -50.12 -7.58
C VAL D 581 0.71 -49.11 -6.50
N LEU D 582 1.64 -48.19 -6.80
CA LEU D 582 2.03 -47.17 -5.82
C LEU D 582 0.87 -46.23 -5.51
N SER D 583 0.11 -45.83 -6.53
CA SER D 583 -1.03 -44.96 -6.32
C SER D 583 -2.13 -45.65 -5.53
N GLY D 584 -2.13 -46.99 -5.48
CA GLY D 584 -3.08 -47.68 -4.63
C GLY D 584 -2.94 -47.34 -3.16
N LEU D 585 -1.73 -46.99 -2.72
CA LEU D 585 -1.45 -46.74 -1.31
C LEU D 585 -1.19 -45.26 -1.06
N ASP D 586 -1.13 -44.90 0.23
CA ASP D 586 -0.82 -43.54 0.63
C ASP D 586 0.65 -43.24 0.42
N SER D 587 1.04 -41.99 0.68
CA SER D 587 2.39 -41.54 0.37
C SER D 587 3.44 -42.30 1.18
N HIS D 588 3.26 -42.34 2.50
CA HIS D 588 4.26 -42.97 3.36
C HIS D 588 4.41 -44.45 3.03
N GLN D 589 3.28 -45.15 2.91
CA GLN D 589 3.33 -46.57 2.57
C GLN D 589 3.91 -46.78 1.18
N ALA D 590 3.59 -45.89 0.24
CA ALA D 590 4.11 -46.02 -1.12
C ALA D 590 5.63 -45.93 -1.14
N ILE D 591 6.18 -44.90 -0.48
CA ILE D 591 7.63 -44.74 -0.48
C ILE D 591 8.31 -45.85 0.31
N ASP D 592 7.69 -46.30 1.40
CA ASP D 592 8.27 -47.41 2.15
C ASP D 592 8.33 -48.68 1.30
N LEU D 593 7.24 -48.99 0.59
CA LEU D 593 7.22 -50.17 -0.25
C LEU D 593 8.20 -50.05 -1.41
N LEU D 594 8.30 -48.86 -2.00
CA LEU D 594 9.24 -48.66 -3.10
C LEU D 594 10.68 -48.84 -2.63
N MET D 595 11.03 -48.27 -1.49
CA MET D 595 12.38 -48.46 -0.95
C MET D 595 12.64 -49.91 -0.61
N SER D 596 11.63 -50.61 -0.05
CA SER D 596 11.81 -52.00 0.31
C SER D 596 12.06 -52.86 -0.94
N GLN D 597 11.33 -52.61 -2.02
CA GLN D 597 11.50 -53.42 -3.21
C GLN D 597 12.67 -52.97 -4.08
N LEU D 598 13.20 -51.76 -3.86
CA LEU D 598 14.26 -51.26 -4.72
C LEU D 598 15.60 -51.91 -4.45
N ARG D 599 15.73 -52.69 -3.38
CA ARG D 599 17.01 -53.31 -3.04
C ARG D 599 17.13 -54.68 -3.73
N LYS D 600 16.99 -54.63 -5.06
CA LYS D 600 17.14 -55.79 -5.94
C LYS D 600 18.20 -55.52 -7.00
N THR D 601 19.31 -54.90 -6.59
CA THR D 601 20.60 -54.77 -7.29
C THR D 601 20.51 -54.10 -8.66
N LYS D 602 19.32 -53.62 -9.07
CA LYS D 602 19.19 -52.89 -10.32
C LYS D 602 17.73 -52.44 -10.46
N ASN D 603 17.49 -51.58 -11.45
CA ASN D 603 16.13 -51.23 -11.84
C ASN D 603 15.56 -52.23 -12.83
N ASN D 604 16.36 -52.62 -13.82
CA ASN D 604 15.91 -53.60 -14.81
C ASN D 604 15.58 -54.93 -14.14
N TYR D 605 16.39 -55.34 -13.16
CA TYR D 605 16.11 -56.57 -12.44
C TYR D 605 14.84 -56.48 -11.61
N GLU D 606 14.43 -55.28 -11.20
CA GLU D 606 13.14 -55.12 -10.56
C GLU D 606 12.01 -55.16 -11.58
N PHE D 607 12.24 -54.60 -12.77
CA PHE D 607 11.24 -54.67 -13.83
C PHE D 607 10.97 -56.10 -14.24
N LEU D 608 12.03 -56.92 -14.33
CA LEU D 608 11.83 -58.34 -14.58
C LEU D 608 11.05 -58.99 -13.46
N VAL D 609 11.34 -58.60 -12.21
CA VAL D 609 10.57 -59.11 -11.07
C VAL D 609 9.14 -58.61 -11.14
N GLN D 610 8.94 -57.38 -11.62
CA GLN D 610 7.59 -56.81 -11.64
C GLN D 610 6.64 -57.61 -12.52
N VAL D 611 7.14 -58.18 -13.61
CA VAL D 611 6.29 -58.98 -14.49
C VAL D 611 5.77 -60.21 -13.75
N SER D 612 6.68 -60.96 -13.12
CA SER D 612 6.31 -62.19 -12.44
C SER D 612 5.98 -61.93 -10.97
N VAL E 242 10.64 -4.25 -51.60
CA VAL E 242 11.67 -4.41 -50.59
C VAL E 242 11.32 -5.58 -49.67
N VAL E 243 10.82 -5.27 -48.49
CA VAL E 243 10.43 -6.27 -47.50
C VAL E 243 8.92 -6.48 -47.65
N GLN E 244 8.56 -7.51 -48.40
CA GLN E 244 7.18 -7.84 -48.74
C GLN E 244 6.35 -8.51 -47.64
N PRO E 245 6.91 -9.43 -46.80
CA PRO E 245 6.06 -10.39 -46.05
C PRO E 245 4.75 -9.87 -45.49
N VAL E 246 3.70 -10.65 -45.72
CA VAL E 246 2.37 -10.30 -45.26
C VAL E 246 2.30 -10.38 -43.73
N ALA E 247 1.52 -9.50 -43.13
CA ALA E 247 1.41 -9.49 -41.68
C ALA E 247 0.15 -8.74 -41.27
N GLY E 248 -0.42 -9.15 -40.14
CA GLY E 248 -1.63 -8.52 -39.65
C GLY E 248 -1.32 -7.20 -38.98
N ILE E 249 -1.85 -6.10 -39.51
CA ILE E 249 -1.63 -4.79 -38.93
C ILE E 249 -2.38 -4.66 -37.61
N LEU E 250 -1.76 -4.01 -36.64
CA LEU E 250 -2.39 -3.76 -35.35
C LEU E 250 -2.23 -2.28 -35.01
N ASP E 251 -3.34 -1.62 -34.72
CA ASP E 251 -3.32 -0.21 -34.33
C ASP E 251 -3.41 -0.15 -32.80
N VAL E 252 -2.28 0.12 -32.16
CA VAL E 252 -2.27 0.25 -30.70
C VAL E 252 -3.14 1.45 -30.31
N LEU E 253 -3.65 1.42 -29.07
CA LEU E 253 -4.60 2.43 -28.62
C LEU E 253 -4.04 3.84 -28.70
N ASP E 254 -2.72 4.00 -28.66
CA ASP E 254 -2.11 5.32 -28.82
C ASP E 254 -2.02 5.63 -30.31
N ASN E 255 -1.26 6.66 -30.67
CA ASN E 255 -1.10 7.05 -32.06
C ASN E 255 -0.29 6.04 -32.88
N TYR E 256 0.38 5.08 -32.24
CA TYR E 256 1.25 4.15 -32.96
C TYR E 256 0.43 3.02 -33.60
N ALA E 257 0.86 2.63 -34.80
CA ALA E 257 0.30 1.48 -35.50
C ALA E 257 1.44 0.67 -36.10
N PHE E 258 1.45 -0.63 -35.85
CA PHE E 258 2.56 -1.50 -36.22
C PHE E 258 2.08 -2.65 -37.08
N VAL E 259 2.93 -3.08 -38.01
CA VAL E 259 2.68 -4.26 -38.81
C VAL E 259 3.41 -5.42 -38.14
N ARG E 260 2.66 -6.31 -37.49
CA ARG E 260 3.27 -7.40 -36.74
C ARG E 260 3.80 -8.46 -37.68
N THR E 261 5.07 -8.33 -38.09
CA THR E 261 5.63 -9.20 -39.11
C THR E 261 5.58 -10.66 -38.68
N SER E 262 5.04 -11.49 -39.57
CA SER E 262 4.90 -12.94 -39.42
C SER E 262 3.83 -13.32 -38.41
N GLY E 263 3.33 -12.33 -37.65
CA GLY E 263 2.24 -12.55 -36.72
C GLY E 263 2.61 -13.42 -35.53
N TYR E 264 1.95 -13.21 -34.39
CA TYR E 264 1.08 -12.07 -34.18
C TYR E 264 1.67 -11.25 -33.05
N LEU E 265 2.71 -11.82 -32.43
CA LEU E 265 3.35 -11.18 -31.30
C LEU E 265 4.16 -9.97 -31.74
N PRO E 266 4.33 -8.98 -30.88
CA PRO E 266 5.25 -7.88 -31.19
C PRO E 266 6.67 -8.41 -31.38
N GLY E 267 7.15 -8.35 -32.63
CA GLY E 267 8.44 -8.90 -32.97
C GLY E 267 9.55 -7.87 -32.90
N PRO E 268 10.77 -8.28 -33.28
CA PRO E 268 11.88 -7.33 -33.30
C PRO E 268 12.18 -6.69 -34.64
N HIS E 269 11.46 -7.05 -35.71
CA HIS E 269 11.62 -6.44 -37.02
C HIS E 269 10.27 -5.94 -37.53
N ASP E 270 9.46 -5.39 -36.64
CA ASP E 270 8.16 -4.88 -37.02
C ASP E 270 8.30 -3.59 -37.83
N VAL E 271 7.22 -3.23 -38.52
CA VAL E 271 7.19 -2.06 -39.38
C VAL E 271 6.19 -1.06 -38.83
N TYR E 272 6.57 0.21 -38.84
CA TYR E 272 5.76 1.29 -38.28
C TYR E 272 4.81 1.83 -39.33
N VAL E 273 3.57 2.09 -38.90
CA VAL E 273 2.54 2.72 -39.74
C VAL E 273 2.03 3.95 -39.01
N SER E 274 2.11 5.10 -39.67
CA SER E 274 1.53 6.32 -39.12
C SER E 274 0.06 6.40 -39.51
N MET E 275 -0.76 6.92 -38.59
CA MET E 275 -2.19 7.00 -38.87
C MET E 275 -2.51 7.92 -40.03
N ASN E 276 -1.57 8.74 -40.49
CA ASN E 276 -1.76 9.42 -41.76
C ASN E 276 -1.99 8.41 -42.87
N MET E 277 -1.10 7.42 -42.98
CA MET E 277 -1.27 6.38 -43.99
C MET E 277 -2.49 5.51 -43.73
N VAL E 278 -2.81 5.27 -42.46
CA VAL E 278 -4.01 4.49 -42.13
C VAL E 278 -5.26 5.21 -42.63
N ARG E 279 -5.34 6.51 -42.41
CA ARG E 279 -6.52 7.26 -42.79
C ARG E 279 -6.60 7.46 -44.30
N LYS E 280 -5.46 7.70 -44.96
CA LYS E 280 -5.49 7.82 -46.42
C LYS E 280 -5.63 6.48 -47.12
N ASN E 281 -5.56 5.36 -46.40
CA ASN E 281 -5.74 4.05 -46.99
C ASN E 281 -6.99 3.31 -46.50
N GLY E 282 -7.71 3.86 -45.52
CA GLY E 282 -8.88 3.21 -44.99
C GLY E 282 -8.54 1.89 -44.32
N MET E 283 -7.48 1.88 -43.52
CA MET E 283 -6.97 0.66 -42.91
C MET E 283 -7.75 0.33 -41.64
N ARG E 284 -8.08 -0.94 -41.47
CA ARG E 284 -8.74 -1.42 -40.28
C ARG E 284 -7.70 -1.88 -39.26
N ARG E 285 -8.13 -2.60 -38.24
CA ARG E 285 -7.26 -3.06 -37.16
C ARG E 285 -6.78 -4.49 -37.34
N GLY E 286 -7.11 -5.15 -38.45
CA GLY E 286 -6.71 -6.54 -38.62
C GLY E 286 -6.37 -6.93 -40.04
N ASP E 287 -6.11 -5.94 -40.89
CA ASP E 287 -5.80 -6.23 -42.29
C ASP E 287 -4.43 -6.88 -42.42
N ALA E 288 -4.25 -7.62 -43.52
CA ALA E 288 -2.98 -8.23 -43.86
C ALA E 288 -2.38 -7.45 -45.03
N VAL E 289 -1.34 -6.67 -44.73
CA VAL E 289 -0.77 -5.76 -45.71
C VAL E 289 0.42 -6.44 -46.38
N THR E 290 0.82 -5.89 -47.53
CA THR E 290 1.94 -6.42 -48.30
C THR E 290 2.88 -5.29 -48.74
N GLY E 291 2.97 -4.23 -47.95
CA GLY E 291 3.76 -3.08 -48.33
C GLY E 291 5.26 -3.31 -48.21
N ALA E 292 6.01 -2.37 -48.77
CA ALA E 292 7.47 -2.40 -48.77
C ALA E 292 8.02 -1.30 -47.88
N VAL E 293 9.31 -1.40 -47.56
CA VAL E 293 9.98 -0.49 -46.65
C VAL E 293 11.20 0.10 -47.36
N ARG E 294 11.85 1.05 -46.68
CA ARG E 294 13.10 1.64 -47.15
C ARG E 294 14.25 1.04 -46.34
N VAL E 295 15.02 0.16 -46.97
CA VAL E 295 16.12 -0.51 -46.28
C VAL E 295 17.28 0.46 -46.16
N PRO E 296 17.82 0.68 -44.94
CA PRO E 296 18.94 1.61 -44.74
C PRO E 296 20.24 1.11 -45.36
N GLN E 306 9.82 6.98 -34.86
CA GLN E 306 9.69 5.55 -35.10
C GLN E 306 11.03 4.92 -35.43
N LYS E 307 11.52 4.07 -34.52
CA LYS E 307 12.80 3.41 -34.74
C LYS E 307 12.76 2.43 -35.90
N PHE E 308 11.57 1.98 -36.30
CA PHE E 308 11.43 0.95 -37.32
C PHE E 308 11.28 1.59 -38.69
N ASN E 309 10.94 0.78 -39.69
CA ASN E 309 10.86 1.24 -41.06
C ASN E 309 9.62 2.13 -41.28
N PRO E 310 9.64 2.98 -42.31
CA PRO E 310 8.51 3.89 -42.52
C PRO E 310 7.31 3.28 -43.25
N LEU E 311 7.53 2.18 -43.97
CA LEU E 311 6.49 1.52 -44.77
C LEU E 311 5.89 2.48 -45.81
N VAL E 312 6.72 2.83 -46.77
CA VAL E 312 6.30 3.64 -47.89
C VAL E 312 5.84 2.72 -49.01
N ARG E 313 4.89 3.19 -49.82
CA ARG E 313 4.40 2.47 -51.01
C ARG E 313 3.75 1.14 -50.62
N LEU E 314 2.61 1.24 -49.93
CA LEU E 314 1.82 0.07 -49.63
C LEU E 314 1.35 -0.61 -50.91
N ASP E 315 1.32 -1.94 -50.88
CA ASP E 315 0.95 -2.73 -52.06
C ASP E 315 -0.53 -3.11 -52.06
N SER E 316 -0.97 -3.82 -51.04
CA SER E 316 -2.32 -4.37 -51.06
C SER E 316 -2.86 -4.48 -49.63
N ILE E 317 -4.16 -4.79 -49.55
CA ILE E 317 -4.85 -5.02 -48.29
C ILE E 317 -5.24 -6.49 -48.27
N ASN E 318 -5.90 -6.94 -47.19
CA ASN E 318 -6.20 -8.36 -47.02
C ASN E 318 -6.98 -8.92 -48.21
N GLY E 319 -8.14 -8.33 -48.52
CA GLY E 319 -9.00 -8.87 -49.54
C GLY E 319 -8.91 -8.17 -50.86
N GLY E 320 -8.76 -6.85 -50.84
CA GLY E 320 -8.73 -6.07 -52.06
C GLY E 320 -7.52 -5.18 -52.20
N SER E 321 -7.75 -3.87 -52.30
CA SER E 321 -6.68 -2.92 -52.51
C SER E 321 -6.92 -1.64 -51.73
N VAL E 322 -6.16 -0.59 -52.05
CA VAL E 322 -6.27 0.67 -51.32
C VAL E 322 -7.64 1.29 -51.51
N GLU E 323 -8.15 1.30 -52.74
CA GLU E 323 -9.44 1.95 -53.00
C GLU E 323 -10.61 1.15 -52.45
N ASP E 324 -10.37 -0.07 -51.97
CA ASP E 324 -11.44 -0.83 -51.32
C ASP E 324 -11.73 -0.29 -49.93
N ALA E 325 -12.30 0.91 -49.86
CA ALA E 325 -12.68 1.54 -48.60
C ALA E 325 -14.16 1.37 -48.29
N LYS E 326 -14.85 0.50 -49.04
CA LYS E 326 -16.27 0.21 -48.84
C LYS E 326 -16.37 -1.09 -48.04
N LYS E 327 -16.19 -0.99 -46.74
CA LYS E 327 -16.23 -2.15 -45.85
C LYS E 327 -17.31 -1.93 -44.80
N ARG E 328 -18.11 -2.95 -44.58
CA ARG E 328 -19.15 -2.89 -43.55
C ARG E 328 -18.55 -3.15 -42.18
N PRO E 329 -18.71 -2.22 -41.24
CA PRO E 329 -18.14 -2.43 -39.90
C PRO E 329 -18.78 -3.62 -39.19
N GLU E 330 -17.99 -4.26 -38.33
CA GLU E 330 -18.52 -5.33 -37.49
C GLU E 330 -19.51 -4.78 -36.47
N PHE E 331 -19.24 -3.60 -35.92
CA PHE E 331 -20.06 -3.06 -34.84
C PHE E 331 -21.45 -2.66 -35.34
N GLY E 332 -21.51 -1.69 -36.24
CA GLY E 332 -22.78 -1.26 -36.79
C GLY E 332 -23.29 -2.23 -37.83
N LYS E 333 -23.71 -3.42 -37.39
CA LYS E 333 -24.07 -4.48 -38.32
C LYS E 333 -25.11 -5.37 -37.67
N LEU E 334 -25.85 -6.10 -38.50
CA LEU E 334 -26.95 -6.92 -38.01
C LEU E 334 -26.44 -8.29 -37.56
N THR E 335 -26.98 -8.78 -36.44
CA THR E 335 -26.52 -10.01 -35.81
C THR E 335 -27.69 -10.96 -35.60
N PRO E 336 -28.03 -11.77 -36.61
CA PRO E 336 -29.14 -12.73 -36.44
C PRO E 336 -28.89 -13.79 -35.38
N LEU E 337 -29.89 -14.66 -35.21
CA LEU E 337 -29.97 -15.56 -34.05
C LEU E 337 -28.80 -16.54 -34.00
N TYR E 338 -28.12 -16.77 -35.12
CA TYR E 338 -27.05 -17.72 -35.42
C TYR E 338 -27.24 -19.18 -35.03
N PRO E 339 -28.40 -19.80 -35.24
CA PRO E 339 -28.43 -21.26 -35.46
C PRO E 339 -28.62 -21.69 -36.91
N ASN E 340 -28.53 -20.75 -37.87
CA ASN E 340 -29.00 -21.01 -39.22
C ASN E 340 -28.27 -22.20 -39.85
N GLN E 341 -26.96 -22.08 -40.07
CA GLN E 341 -26.18 -23.10 -40.74
C GLN E 341 -25.49 -23.99 -39.72
N ARG E 342 -25.44 -25.28 -40.01
CA ARG E 342 -24.93 -26.29 -39.10
C ARG E 342 -23.51 -26.68 -39.47
N LEU E 343 -22.62 -26.73 -38.48
CA LEU E 343 -21.25 -27.20 -38.67
C LEU E 343 -21.23 -28.69 -38.39
N ARG E 344 -21.21 -29.49 -39.46
CA ARG E 344 -21.15 -30.94 -39.30
C ARG E 344 -19.79 -31.35 -38.75
N LEU E 345 -19.80 -32.29 -37.80
CA LEU E 345 -18.56 -32.76 -37.19
C LEU E 345 -18.33 -34.25 -37.34
N GLU E 346 -19.31 -35.02 -37.81
CA GLU E 346 -19.10 -36.45 -38.01
C GLU E 346 -18.23 -36.69 -39.23
N THR E 347 -17.12 -37.39 -39.04
CA THR E 347 -16.20 -37.67 -40.14
C THR E 347 -15.84 -39.15 -40.21
N SER E 348 -15.85 -39.84 -39.07
CA SER E 348 -15.45 -41.24 -39.01
C SER E 348 -16.20 -41.92 -37.88
N THR E 349 -16.19 -43.24 -37.90
CA THR E 349 -16.95 -44.03 -36.94
C THR E 349 -16.11 -44.88 -36.00
N GLU E 350 -14.83 -45.13 -36.33
CA GLU E 350 -14.02 -46.00 -35.49
C GLU E 350 -13.73 -45.36 -34.13
N ARG E 351 -13.28 -44.11 -34.14
CA ARG E 351 -13.14 -43.30 -32.93
C ARG E 351 -13.97 -42.05 -33.13
N LEU E 352 -14.87 -41.78 -32.19
CA LEU E 352 -15.90 -40.77 -32.47
C LEU E 352 -15.46 -39.38 -32.02
N THR E 353 -15.47 -39.14 -30.70
CA THR E 353 -14.95 -37.95 -30.05
C THR E 353 -15.64 -36.69 -30.59
N THR E 354 -16.47 -36.86 -31.63
CA THR E 354 -17.21 -35.77 -32.24
C THR E 354 -18.65 -36.11 -32.54
N ARG E 355 -19.00 -37.39 -32.70
CA ARG E 355 -20.40 -37.74 -32.84
C ARG E 355 -21.15 -37.51 -31.54
N VAL E 356 -20.48 -37.70 -30.40
CA VAL E 356 -21.11 -37.39 -29.12
C VAL E 356 -21.37 -35.90 -28.99
N ILE E 357 -20.39 -35.07 -29.36
CA ILE E 357 -20.55 -33.63 -29.22
C ILE E 357 -21.24 -33.08 -30.46
N ASP E 358 -21.73 -33.97 -31.32
CA ASP E 358 -22.65 -33.60 -32.38
C ASP E 358 -24.10 -33.90 -32.04
N LEU E 359 -24.35 -35.03 -31.38
CA LEU E 359 -25.69 -35.33 -30.87
C LEU E 359 -26.02 -34.55 -29.62
N ILE E 360 -25.03 -34.09 -28.87
CA ILE E 360 -25.27 -33.40 -27.62
C ILE E 360 -25.22 -31.88 -27.79
N MET E 361 -24.20 -31.37 -28.48
CA MET E 361 -24.02 -29.93 -28.66
C MET E 361 -23.92 -29.64 -30.15
N PRO E 362 -25.05 -29.54 -30.85
CA PRO E 362 -25.01 -29.18 -32.27
C PRO E 362 -24.42 -27.78 -32.45
N ILE E 363 -23.27 -27.73 -33.09
CA ILE E 363 -22.57 -26.48 -33.33
C ILE E 363 -23.04 -25.92 -34.66
N GLY E 364 -23.30 -24.62 -34.71
CA GLY E 364 -23.69 -23.96 -35.93
C GLY E 364 -22.79 -22.78 -36.22
N LYS E 365 -22.83 -22.33 -37.48
CA LYS E 365 -22.04 -21.18 -37.87
C LYS E 365 -22.46 -19.95 -37.09
N GLY E 366 -21.48 -19.18 -36.63
CA GLY E 366 -21.76 -17.99 -35.86
C GLY E 366 -22.13 -18.24 -34.42
N GLN E 367 -21.90 -19.45 -33.91
CA GLN E 367 -22.25 -19.75 -32.53
C GLN E 367 -21.20 -19.21 -31.57
N ARG E 368 -21.51 -19.29 -30.29
CA ARG E 368 -20.61 -18.87 -29.21
C ARG E 368 -20.57 -20.01 -28.21
N ALA E 369 -19.75 -21.01 -28.50
CA ALA E 369 -19.68 -22.21 -27.67
C ALA E 369 -18.74 -22.00 -26.49
N LEU E 370 -18.73 -22.97 -25.59
CA LEU E 370 -17.90 -22.89 -24.39
C LEU E 370 -17.74 -24.30 -23.85
N ILE E 371 -16.50 -24.77 -23.76
CA ILE E 371 -16.20 -26.11 -23.31
C ILE E 371 -15.64 -26.03 -21.90
N VAL E 372 -16.36 -26.59 -20.94
CA VAL E 372 -15.93 -26.58 -19.55
C VAL E 372 -15.20 -27.88 -19.26
N SER E 373 -13.97 -27.78 -18.74
CA SER E 373 -13.16 -28.95 -18.57
C SER E 373 -12.17 -28.81 -17.43
N PRO E 374 -12.11 -29.77 -16.52
CA PRO E 374 -11.02 -29.81 -15.55
C PRO E 374 -9.72 -30.18 -16.24
N PRO E 375 -8.58 -29.85 -15.67
CA PRO E 375 -7.31 -30.27 -16.26
C PRO E 375 -7.20 -31.78 -16.33
N LYS E 376 -6.58 -32.25 -17.41
CA LYS E 376 -6.36 -33.68 -17.65
C LYS E 376 -7.71 -34.43 -17.74
N ALA E 377 -8.53 -33.99 -18.70
CA ALA E 377 -9.81 -34.63 -18.96
C ALA E 377 -10.07 -34.92 -20.42
N GLY E 378 -9.21 -34.46 -21.34
CA GLY E 378 -9.39 -34.73 -22.74
C GLY E 378 -9.75 -33.50 -23.56
N LYS E 379 -9.20 -32.35 -23.17
CA LYS E 379 -9.56 -31.11 -23.83
C LYS E 379 -8.76 -30.91 -25.13
N THR E 380 -7.46 -31.14 -25.09
CA THR E 380 -6.63 -30.91 -26.27
C THR E 380 -7.01 -31.86 -27.40
N THR E 381 -7.29 -33.12 -27.07
CA THR E 381 -7.73 -34.07 -28.09
C THR E 381 -9.06 -33.61 -28.70
N ILE E 382 -9.97 -33.13 -27.87
CA ILE E 382 -11.26 -32.66 -28.39
C ILE E 382 -11.07 -31.46 -29.30
N LEU E 383 -10.21 -30.52 -28.92
CA LEU E 383 -9.98 -29.35 -29.77
C LEU E 383 -9.34 -29.74 -31.09
N GLN E 384 -8.36 -30.65 -31.05
CA GLN E 384 -7.72 -31.10 -32.29
C GLN E 384 -8.71 -31.81 -33.20
N ASP E 385 -9.56 -32.67 -32.63
CA ASP E 385 -10.55 -33.38 -33.44
C ASP E 385 -11.60 -32.43 -34.00
N ILE E 386 -12.01 -31.43 -33.23
CA ILE E 386 -12.94 -30.43 -33.74
C ILE E 386 -12.32 -29.66 -34.89
N ALA E 387 -11.05 -29.27 -34.75
CA ALA E 387 -10.38 -28.55 -35.83
C ALA E 387 -10.29 -29.41 -37.08
N ASN E 388 -9.93 -30.69 -36.93
CA ASN E 388 -9.84 -31.57 -38.08
C ASN E 388 -11.19 -31.76 -38.75
N ALA E 389 -12.24 -31.97 -37.96
CA ALA E 389 -13.58 -32.16 -38.53
C ALA E 389 -14.05 -30.91 -39.25
N ILE E 390 -13.80 -29.73 -38.68
CA ILE E 390 -14.20 -28.49 -39.34
C ILE E 390 -13.43 -28.30 -40.63
N THR E 391 -12.13 -28.60 -40.63
CA THR E 391 -11.34 -28.43 -41.83
C THR E 391 -11.74 -29.40 -42.93
N ARG E 392 -12.12 -30.62 -42.57
CA ARG E 392 -12.42 -31.63 -43.59
C ARG E 392 -13.86 -31.53 -44.09
N ASN E 393 -14.83 -31.42 -43.19
CA ASN E 393 -16.24 -31.45 -43.59
C ASN E 393 -16.59 -30.27 -44.48
N ASN E 394 -16.11 -29.08 -44.14
CA ASN E 394 -16.37 -27.88 -44.92
C ASN E 394 -15.14 -26.98 -44.93
N PRO E 395 -14.30 -27.08 -45.96
CA PRO E 395 -13.05 -26.30 -45.99
C PRO E 395 -13.25 -24.80 -46.20
N GLU E 396 -14.47 -24.34 -46.44
CA GLU E 396 -14.68 -22.90 -46.63
C GLU E 396 -14.42 -22.12 -45.35
N CYS E 397 -14.63 -22.74 -44.19
CA CYS E 397 -14.43 -22.06 -42.92
C CYS E 397 -12.95 -21.75 -42.71
N HIS E 398 -12.64 -20.48 -42.43
CA HIS E 398 -11.26 -20.05 -42.23
C HIS E 398 -10.88 -20.29 -40.77
N LEU E 399 -10.62 -21.56 -40.46
CA LEU E 399 -10.29 -21.93 -39.09
C LEU E 399 -8.99 -21.30 -38.63
N MET E 400 -8.99 -20.81 -37.39
CA MET E 400 -7.76 -20.39 -36.73
C MET E 400 -7.84 -20.78 -35.26
N VAL E 401 -6.70 -21.17 -34.70
CA VAL E 401 -6.61 -21.66 -33.33
C VAL E 401 -5.76 -20.69 -32.53
N VAL E 402 -6.27 -20.26 -31.39
CA VAL E 402 -5.57 -19.32 -30.52
C VAL E 402 -5.24 -20.05 -29.22
N LEU E 403 -3.95 -20.19 -28.93
CA LEU E 403 -3.46 -20.80 -27.70
C LEU E 403 -2.81 -19.67 -26.89
N VAL E 404 -3.61 -19.05 -26.03
CA VAL E 404 -3.18 -17.82 -25.37
C VAL E 404 -2.01 -18.08 -24.44
N ASP E 405 -2.06 -19.17 -23.67
CA ASP E 405 -1.00 -19.49 -22.70
C ASP E 405 -0.74 -20.99 -22.78
N GLU E 406 0.39 -21.37 -23.38
CA GLU E 406 0.70 -22.77 -23.61
C GLU E 406 2.20 -22.96 -23.51
N ARG E 407 2.59 -24.21 -23.23
CA ARG E 407 3.99 -24.57 -23.26
C ARG E 407 4.51 -24.52 -24.70
N PRO E 408 5.78 -24.14 -24.89
CA PRO E 408 6.34 -24.14 -26.25
C PRO E 408 6.35 -25.52 -26.89
N GLU E 409 6.41 -26.58 -26.09
CA GLU E 409 6.34 -27.93 -26.62
C GLU E 409 4.98 -28.25 -27.21
N GLU E 410 3.90 -27.68 -26.66
CA GLU E 410 2.56 -27.94 -27.14
C GLU E 410 2.18 -27.14 -28.37
N VAL E 411 2.77 -25.96 -28.57
CA VAL E 411 2.46 -25.17 -29.76
C VAL E 411 2.86 -25.90 -31.02
N THR E 412 4.04 -26.54 -31.01
CA THR E 412 4.47 -27.32 -32.16
C THR E 412 3.55 -28.51 -32.41
N ASP E 413 3.12 -29.18 -31.35
CA ASP E 413 2.21 -30.32 -31.51
C ASP E 413 0.89 -29.87 -32.11
N MET E 414 0.36 -28.72 -31.65
CA MET E 414 -0.87 -28.20 -32.22
C MET E 414 -0.68 -27.81 -33.68
N GLN E 415 0.45 -27.18 -34.00
CA GLN E 415 0.70 -26.78 -35.38
C GLN E 415 0.81 -27.98 -36.30
N ARG E 416 1.32 -29.10 -35.80
CA ARG E 416 1.46 -30.29 -36.60
C ARG E 416 0.21 -31.14 -36.66
N SER E 417 -0.67 -31.06 -35.66
CA SER E 417 -1.88 -31.86 -35.62
C SER E 417 -3.12 -31.11 -36.08
N VAL E 418 -2.99 -29.85 -36.48
CA VAL E 418 -4.11 -29.04 -36.94
C VAL E 418 -3.75 -28.42 -38.27
N LYS E 419 -4.62 -28.58 -39.26
CA LYS E 419 -4.34 -28.06 -40.60
C LYS E 419 -4.58 -26.57 -40.71
N GLY E 420 -5.33 -25.97 -39.79
CA GLY E 420 -5.62 -24.56 -39.84
C GLY E 420 -4.50 -23.70 -39.27
N GLU E 421 -4.72 -22.39 -39.33
CA GLU E 421 -3.77 -21.44 -38.77
C GLU E 421 -3.74 -21.56 -37.25
N VAL E 422 -2.54 -21.49 -36.67
CA VAL E 422 -2.36 -21.60 -35.23
C VAL E 422 -1.61 -20.36 -34.74
N ILE E 423 -2.25 -19.61 -33.85
CA ILE E 423 -1.65 -18.44 -33.20
C ILE E 423 -1.51 -18.76 -31.73
N ALA E 424 -0.32 -18.58 -31.18
CA ALA E 424 -0.08 -19.00 -29.81
C ALA E 424 0.94 -18.07 -29.15
N SER E 425 0.74 -17.84 -27.86
CA SER E 425 1.72 -17.17 -27.01
C SER E 425 2.14 -18.13 -25.90
N THR E 426 3.43 -18.37 -25.80
CA THR E 426 3.93 -19.29 -24.79
C THR E 426 3.88 -18.64 -23.41
N PHE E 427 3.94 -19.49 -22.38
CA PHE E 427 3.84 -18.99 -21.00
C PHE E 427 5.03 -18.11 -20.63
N ASP E 428 6.14 -18.20 -21.35
CA ASP E 428 7.31 -17.39 -21.07
C ASP E 428 7.23 -16.00 -21.67
N ARG E 429 6.03 -15.53 -21.97
CA ARG E 429 5.78 -14.20 -22.50
C ARG E 429 5.04 -13.36 -21.47
N PRO E 430 5.21 -12.04 -21.49
CA PRO E 430 4.47 -11.19 -20.56
C PRO E 430 2.98 -11.26 -20.86
N PRO E 431 2.12 -11.07 -19.86
CA PRO E 431 0.68 -11.14 -20.11
C PRO E 431 0.19 -10.11 -21.11
N SER E 432 0.90 -9.00 -21.26
CA SER E 432 0.56 -8.05 -22.31
C SER E 432 0.61 -8.70 -23.67
N ASP E 433 1.58 -9.58 -23.89
CA ASP E 433 1.64 -10.31 -25.16
C ASP E 433 0.43 -11.23 -25.33
N HIS E 434 0.01 -11.91 -24.25
CA HIS E 434 -1.19 -12.73 -24.32
C HIS E 434 -2.39 -11.91 -24.77
N THR E 435 -2.64 -10.78 -24.09
CA THR E 435 -3.79 -9.96 -24.43
C THR E 435 -3.68 -9.40 -25.85
N SER E 436 -2.49 -8.96 -26.24
CA SER E 436 -2.31 -8.41 -27.59
C SER E 436 -2.58 -9.47 -28.65
N VAL E 437 -2.10 -10.69 -28.45
CA VAL E 437 -2.33 -11.74 -29.43
C VAL E 437 -3.81 -12.08 -29.52
N ALA E 438 -4.50 -12.20 -28.38
CA ALA E 438 -5.93 -12.50 -28.44
C ALA E 438 -6.70 -11.39 -29.14
N GLU E 439 -6.37 -10.13 -28.83
CA GLU E 439 -7.05 -9.00 -29.46
C GLU E 439 -6.82 -8.98 -30.96
N LEU E 440 -5.57 -9.17 -31.39
CA LEU E 440 -5.28 -9.15 -32.82
C LEU E 440 -5.95 -10.31 -33.54
N ALA E 441 -5.99 -11.49 -32.92
CA ALA E 441 -6.65 -12.63 -33.53
C ALA E 441 -8.14 -12.35 -33.73
N ILE E 442 -8.79 -11.78 -32.70
CA ILE E 442 -10.23 -11.56 -32.85
C ILE E 442 -10.49 -10.44 -33.86
N GLU E 443 -9.60 -9.44 -33.97
CA GLU E 443 -9.79 -8.42 -34.99
C GLU E 443 -9.61 -9.00 -36.39
N ARG E 444 -8.65 -9.91 -36.57
CA ARG E 444 -8.50 -10.58 -37.86
C ARG E 444 -9.74 -11.39 -38.20
N ALA E 445 -10.30 -12.09 -37.21
CA ALA E 445 -11.53 -12.84 -37.44
C ALA E 445 -12.67 -11.91 -37.83
N LYS E 446 -12.78 -10.76 -37.16
CA LYS E 446 -13.84 -9.81 -37.49
C LYS E 446 -13.67 -9.28 -38.91
N ARG E 447 -12.44 -8.96 -39.31
CA ARG E 447 -12.22 -8.46 -40.67
C ARG E 447 -12.57 -9.53 -41.71
N LEU E 448 -12.19 -10.78 -41.45
CA LEU E 448 -12.57 -11.84 -42.37
C LEU E 448 -14.08 -12.03 -42.43
N VAL E 449 -14.78 -11.81 -41.31
CA VAL E 449 -16.24 -11.85 -41.33
C VAL E 449 -16.80 -10.74 -42.20
N GLU E 450 -16.27 -9.52 -42.04
CA GLU E 450 -16.71 -8.41 -42.88
C GLU E 450 -16.46 -8.70 -44.36
N GLN E 451 -15.40 -9.45 -44.68
CA GLN E 451 -15.22 -9.87 -46.06
C GLN E 451 -16.37 -10.74 -46.53
N GLY E 452 -16.88 -11.61 -45.66
CA GLY E 452 -17.97 -12.49 -46.01
C GLY E 452 -17.60 -13.95 -45.95
N LYS E 453 -16.68 -14.30 -45.06
CA LYS E 453 -16.21 -15.67 -44.90
C LYS E 453 -16.56 -16.19 -43.51
N ASP E 454 -16.98 -17.44 -43.44
CA ASP E 454 -17.27 -18.07 -42.17
C ASP E 454 -15.96 -18.34 -41.43
N VAL E 455 -15.79 -17.72 -40.27
CA VAL E 455 -14.57 -17.83 -39.49
C VAL E 455 -14.84 -18.67 -38.25
N VAL E 456 -13.90 -19.56 -37.93
CA VAL E 456 -13.97 -20.36 -36.71
C VAL E 456 -12.74 -20.04 -35.87
N VAL E 457 -12.97 -19.70 -34.61
CA VAL E 457 -11.89 -19.37 -33.68
C VAL E 457 -11.95 -20.37 -32.54
N LEU E 458 -10.93 -21.22 -32.43
CA LEU E 458 -10.87 -22.21 -31.37
C LEU E 458 -9.94 -21.72 -30.25
N LEU E 459 -10.40 -20.68 -29.55
CA LEU E 459 -9.63 -20.18 -28.42
C LEU E 459 -9.49 -21.24 -27.34
N ASP E 460 -8.30 -21.31 -26.75
CA ASP E 460 -8.01 -22.27 -25.70
C ASP E 460 -7.86 -21.53 -24.38
N SER E 461 -8.61 -21.98 -23.37
CA SER E 461 -8.49 -21.48 -22.00
C SER E 461 -8.79 -19.97 -21.94
N ILE E 462 -10.07 -19.65 -22.13
CA ILE E 462 -10.54 -18.29 -21.86
C ILE E 462 -10.21 -17.87 -20.43
N THR E 463 -10.10 -18.84 -19.51
CA THR E 463 -9.69 -18.51 -18.15
C THR E 463 -8.27 -17.97 -18.11
N ARG E 464 -7.35 -18.53 -18.90
CA ARG E 464 -6.00 -18.00 -18.95
C ARG E 464 -5.97 -16.62 -19.57
N LEU E 465 -6.85 -16.35 -20.55
CA LEU E 465 -6.96 -15.00 -21.09
C LEU E 465 -7.45 -14.03 -20.03
N GLY E 466 -8.44 -14.44 -19.25
CA GLY E 466 -8.91 -13.59 -18.16
C GLY E 466 -7.83 -13.34 -17.13
N ARG E 467 -7.06 -14.37 -16.80
CA ARG E 467 -5.96 -14.19 -15.85
C ARG E 467 -4.88 -13.27 -16.40
N ALA E 468 -4.60 -13.36 -17.70
CA ALA E 468 -3.64 -12.44 -18.30
C ALA E 468 -4.13 -11.01 -18.25
N TYR E 469 -5.41 -10.79 -18.53
CA TYR E 469 -5.98 -9.45 -18.43
C TYR E 469 -5.93 -8.94 -16.99
N ASN E 470 -6.19 -9.83 -16.04
CA ASN E 470 -6.14 -9.46 -14.62
C ASN E 470 -4.73 -9.05 -14.21
N ASN E 471 -3.73 -9.88 -14.55
CA ASN E 471 -2.36 -9.63 -14.11
C ASN E 471 -1.71 -8.48 -14.88
N ALA E 472 -2.21 -8.15 -16.07
CA ALA E 472 -1.59 -7.08 -16.85
C ALA E 472 -1.73 -5.74 -16.15
N SER E 473 -2.89 -5.48 -15.54
CA SER E 473 -3.18 -4.18 -14.96
C SER E 473 -3.25 -4.28 -13.44
N PRO E 474 -3.01 -3.16 -12.73
CA PRO E 474 -3.12 -3.19 -11.27
C PRO E 474 -4.55 -3.26 -10.80
N ALA E 475 -4.76 -3.14 -9.48
CA ALA E 475 -6.09 -3.25 -8.92
C ALA E 475 -7.00 -2.14 -9.42
N SER E 476 -8.29 -2.45 -9.49
CA SER E 476 -9.30 -1.49 -9.95
C SER E 476 -10.60 -1.80 -9.21
N GLY E 477 -11.72 -1.32 -9.75
CA GLY E 477 -13.01 -1.45 -9.09
C GLY E 477 -13.40 -2.86 -8.71
N ARG E 478 -13.82 -3.04 -7.46
CA ARG E 478 -14.24 -4.33 -6.92
C ARG E 478 -13.14 -5.38 -7.05
N ILE E 479 -12.02 -5.09 -6.39
CA ILE E 479 -10.92 -6.05 -6.36
C ILE E 479 -11.27 -7.28 -5.54
N LEU E 480 -12.28 -7.18 -4.68
CA LEU E 480 -12.67 -8.28 -3.78
C LEU E 480 -13.69 -9.15 -4.50
N SER E 481 -13.19 -10.15 -5.23
CA SER E 481 -14.06 -11.14 -5.85
C SER E 481 -13.53 -12.56 -5.70
N GLY E 482 -12.36 -12.75 -5.10
CA GLY E 482 -11.73 -14.05 -5.04
C GLY E 482 -10.31 -13.99 -5.55
N GLY E 483 -9.79 -12.78 -5.70
CA GLY E 483 -8.46 -12.54 -6.23
C GLY E 483 -8.43 -11.82 -7.55
N VAL E 484 -9.57 -11.55 -8.17
CA VAL E 484 -9.63 -10.92 -9.48
C VAL E 484 -10.60 -9.75 -9.43
N ASP E 485 -10.24 -8.64 -10.05
CA ASP E 485 -11.10 -7.48 -10.07
C ASP E 485 -12.15 -7.63 -11.18
N SER E 486 -13.31 -7.00 -10.95
CA SER E 486 -14.41 -7.13 -11.90
C SER E 486 -14.12 -6.42 -13.21
N THR E 487 -13.26 -5.39 -13.18
CA THR E 487 -12.93 -4.67 -14.41
C THR E 487 -12.02 -5.46 -15.33
N ALA E 488 -11.45 -6.57 -14.86
CA ALA E 488 -10.60 -7.42 -15.68
C ALA E 488 -11.37 -8.54 -16.38
N LEU E 489 -12.66 -8.69 -16.10
CA LEU E 489 -13.50 -9.66 -16.78
C LEU E 489 -14.31 -9.05 -17.90
N TYR E 490 -14.15 -7.76 -18.17
CA TYR E 490 -14.76 -7.15 -19.33
C TYR E 490 -14.07 -7.52 -20.65
N PRO E 491 -12.75 -7.37 -20.78
CA PRO E 491 -12.12 -7.64 -22.07
C PRO E 491 -12.37 -9.07 -22.56
N PRO E 492 -12.20 -10.10 -21.72
CA PRO E 492 -12.49 -11.46 -22.22
C PRO E 492 -13.90 -11.60 -22.75
N LYS E 493 -14.88 -11.05 -22.04
CA LYS E 493 -16.26 -11.07 -22.53
C LYS E 493 -16.34 -10.43 -23.91
N ARG E 494 -15.66 -9.29 -24.09
CA ARG E 494 -15.63 -8.64 -25.39
C ARG E 494 -15.17 -9.63 -26.46
N PHE E 495 -14.09 -10.36 -26.18
CA PHE E 495 -13.65 -11.41 -27.09
C PHE E 495 -14.78 -12.41 -27.33
N LEU E 496 -15.32 -12.95 -26.25
CA LEU E 496 -16.41 -13.92 -26.39
C LEU E 496 -17.67 -13.26 -26.94
N GLY E 497 -17.75 -11.93 -26.90
CA GLY E 497 -18.88 -11.26 -27.49
C GLY E 497 -18.80 -11.08 -28.99
N ALA E 498 -17.67 -11.44 -29.60
CA ALA E 498 -17.53 -11.26 -31.04
C ALA E 498 -18.23 -12.34 -31.84
N ALA E 499 -18.62 -13.45 -31.21
CA ALA E 499 -19.24 -14.55 -31.93
C ALA E 499 -20.68 -14.21 -32.26
N ARG E 500 -20.97 -14.06 -33.55
CA ARG E 500 -22.30 -13.69 -33.99
C ARG E 500 -22.47 -14.12 -35.45
N ASN E 501 -23.72 -14.26 -35.87
CA ASN E 501 -24.00 -14.47 -37.28
C ASN E 501 -24.09 -13.15 -38.00
N ILE E 502 -24.39 -13.20 -39.30
CA ILE E 502 -24.58 -12.02 -40.12
C ILE E 502 -25.59 -12.38 -41.20
N GLU E 503 -26.66 -11.58 -41.31
CA GLU E 503 -27.70 -11.89 -42.28
C GLU E 503 -27.19 -11.73 -43.71
N GLU E 504 -26.35 -10.73 -43.94
CA GLU E 504 -25.82 -10.50 -45.29
C GLU E 504 -24.97 -11.67 -45.75
N GLY E 505 -24.14 -12.21 -44.86
CA GLY E 505 -23.26 -13.31 -45.22
C GLY E 505 -22.07 -13.42 -44.29
N GLY E 506 -21.67 -14.64 -43.98
CA GLY E 506 -20.56 -14.88 -43.08
C GLY E 506 -21.04 -15.11 -41.65
N SER E 507 -20.08 -15.51 -40.82
CA SER E 507 -20.35 -15.81 -39.42
C SER E 507 -19.03 -15.85 -38.70
N LEU E 508 -19.09 -15.87 -37.37
CA LEU E 508 -17.89 -15.96 -36.53
C LEU E 508 -18.20 -16.94 -35.40
N THR E 509 -17.74 -18.18 -35.57
CA THR E 509 -17.90 -19.18 -34.52
C THR E 509 -16.72 -19.11 -33.57
N ILE E 510 -17.01 -19.13 -32.27
CA ILE E 510 -15.98 -19.12 -31.24
C ILE E 510 -16.21 -20.31 -30.33
N ILE E 511 -15.22 -21.19 -30.22
CA ILE E 511 -15.29 -22.31 -29.29
C ILE E 511 -14.21 -22.15 -28.25
N ALA E 512 -14.54 -21.48 -27.15
CA ALA E 512 -13.58 -21.26 -26.08
C ALA E 512 -13.68 -22.38 -25.05
N THR E 513 -12.58 -22.59 -24.34
CA THR E 513 -12.51 -23.60 -23.29
C THR E 513 -12.35 -22.90 -21.94
N ALA E 514 -13.10 -23.39 -20.95
CA ALA E 514 -13.08 -22.81 -19.61
C ALA E 514 -12.50 -23.82 -18.64
N MET E 515 -11.65 -23.35 -17.73
CA MET E 515 -11.02 -24.19 -16.72
C MET E 515 -11.79 -24.12 -15.42
N VAL E 516 -12.13 -25.29 -14.89
CA VAL E 516 -12.76 -25.40 -13.58
C VAL E 516 -12.05 -26.50 -12.81
N GLU E 517 -12.22 -26.48 -11.49
CA GLU E 517 -11.61 -27.46 -10.59
C GLU E 517 -10.09 -27.48 -10.74
N THR E 518 -9.48 -26.32 -10.98
CA THR E 518 -8.04 -26.22 -11.16
C THR E 518 -7.29 -25.96 -9.87
N GLY E 519 -7.98 -25.87 -8.74
CA GLY E 519 -7.33 -25.55 -7.49
C GLY E 519 -7.09 -24.07 -7.26
N SER E 520 -7.50 -23.21 -8.19
CA SER E 520 -7.39 -21.77 -8.05
C SER E 520 -8.79 -21.17 -8.03
N THR E 521 -9.05 -20.28 -7.07
CA THR E 521 -10.36 -19.66 -6.97
C THR E 521 -10.62 -18.70 -8.13
N GLY E 522 -9.57 -18.14 -8.70
CA GLY E 522 -9.75 -17.22 -9.82
C GLY E 522 -10.42 -17.86 -11.01
N ASP E 523 -10.04 -19.11 -11.31
CA ASP E 523 -10.65 -19.82 -12.44
C ASP E 523 -12.13 -20.03 -12.22
N THR E 524 -12.52 -20.46 -11.01
CA THR E 524 -13.93 -20.66 -10.72
C THR E 524 -14.69 -19.35 -10.77
N VAL E 525 -14.11 -18.27 -10.26
CA VAL E 525 -14.77 -16.97 -10.29
C VAL E 525 -14.98 -16.53 -11.74
N ILE E 526 -13.94 -16.64 -12.56
CA ILE E 526 -14.06 -16.19 -13.95
C ILE E 526 -15.09 -17.02 -14.70
N PHE E 527 -15.11 -18.33 -14.49
CA PHE E 527 -16.12 -19.16 -15.13
C PHE E 527 -17.52 -18.78 -14.66
N GLU E 528 -17.69 -18.51 -13.36
CA GLU E 528 -19.00 -18.18 -12.85
C GLU E 528 -19.52 -16.87 -13.42
N GLU E 529 -18.66 -15.87 -13.54
CA GLU E 529 -19.12 -14.61 -14.13
C GLU E 529 -19.27 -14.68 -15.65
N PHE E 530 -18.86 -15.78 -16.27
CA PHE E 530 -19.12 -16.00 -17.69
C PHE E 530 -20.39 -16.79 -17.93
N LYS E 531 -21.11 -17.18 -16.88
CA LYS E 531 -22.35 -17.92 -17.03
C LYS E 531 -23.42 -17.01 -17.60
N GLY E 532 -24.17 -17.52 -18.58
CA GLY E 532 -25.23 -16.76 -19.20
C GLY E 532 -24.86 -16.00 -20.45
N THR E 533 -23.66 -16.25 -21.02
CA THR E 533 -23.23 -15.62 -22.25
C THR E 533 -23.13 -16.60 -23.41
N GLY E 534 -22.57 -17.79 -23.17
CA GLY E 534 -22.45 -18.79 -24.21
C GLY E 534 -23.72 -19.60 -24.33
N ASN E 535 -24.28 -19.63 -25.53
CA ASN E 535 -25.53 -20.37 -25.75
C ASN E 535 -25.30 -21.88 -25.70
N ALA E 536 -24.22 -22.36 -26.30
CA ALA E 536 -23.91 -23.78 -26.29
C ALA E 536 -22.77 -24.04 -25.31
N GLU E 537 -22.99 -24.96 -24.39
CA GLU E 537 -22.00 -25.30 -23.37
C GLU E 537 -21.80 -26.80 -23.33
N LEU E 538 -20.56 -27.24 -23.32
CA LEU E 538 -20.20 -28.63 -23.15
C LEU E 538 -19.40 -28.79 -21.86
N LYS E 539 -19.80 -29.73 -21.02
CA LYS E 539 -19.18 -29.95 -19.71
C LYS E 539 -18.48 -31.30 -19.72
N LEU E 540 -17.15 -31.27 -19.58
CA LEU E 540 -16.36 -32.47 -19.43
C LEU E 540 -16.18 -32.77 -17.94
N ASP E 541 -16.32 -34.04 -17.58
CA ASP E 541 -16.28 -34.45 -16.19
C ASP E 541 -14.98 -35.20 -15.92
N ARG E 542 -14.26 -34.79 -14.88
CA ARG E 542 -12.99 -35.43 -14.57
C ARG E 542 -13.18 -36.86 -14.10
N LYS E 543 -14.13 -37.07 -13.16
CA LYS E 543 -14.32 -38.40 -12.59
C LYS E 543 -14.70 -39.44 -13.63
N ILE E 544 -15.27 -39.01 -14.76
CA ILE E 544 -15.54 -39.94 -15.85
C ILE E 544 -14.28 -40.24 -16.66
N ALA E 545 -13.35 -39.28 -16.73
CA ALA E 545 -12.13 -39.50 -17.50
C ALA E 545 -11.25 -40.58 -16.88
N GLU E 546 -11.15 -40.62 -15.55
CA GLU E 546 -10.33 -41.64 -14.90
C GLU E 546 -10.85 -43.05 -15.14
N ARG E 547 -12.12 -43.20 -15.52
CA ARG E 547 -12.64 -44.49 -15.94
C ARG E 547 -12.21 -44.86 -17.35
N ARG E 548 -11.39 -44.02 -17.99
CA ARG E 548 -10.85 -44.28 -19.33
C ARG E 548 -11.95 -44.45 -20.37
N VAL E 549 -13.04 -43.69 -20.23
CA VAL E 549 -14.06 -43.57 -21.25
C VAL E 549 -14.09 -42.12 -21.71
N PHE E 550 -14.00 -41.92 -23.02
CA PHE E 550 -13.81 -40.60 -23.59
C PHE E 550 -14.83 -40.36 -24.69
N PRO E 551 -15.17 -39.10 -24.99
CA PRO E 551 -14.59 -37.83 -24.53
C PRO E 551 -14.99 -37.42 -23.11
N ALA E 552 -15.83 -38.22 -22.45
CA ALA E 552 -16.22 -38.00 -21.06
C ALA E 552 -16.92 -36.63 -20.90
N VAL E 553 -18.04 -36.49 -21.58
CA VAL E 553 -18.87 -35.30 -21.49
C VAL E 553 -19.92 -35.51 -20.42
N ASP E 554 -20.34 -34.42 -19.78
CA ASP E 554 -21.49 -34.45 -18.87
C ASP E 554 -22.75 -34.19 -19.68
N VAL E 555 -23.52 -35.25 -19.93
CA VAL E 555 -24.61 -35.17 -20.90
C VAL E 555 -25.69 -34.20 -20.44
N ASN E 556 -26.08 -34.25 -19.16
CA ASN E 556 -27.22 -33.44 -18.72
C ASN E 556 -26.94 -31.95 -18.78
N PRO E 557 -25.85 -31.41 -18.22
CA PRO E 557 -25.64 -29.96 -18.29
C PRO E 557 -25.10 -29.46 -19.61
N SER E 558 -24.85 -30.33 -20.58
CA SER E 558 -24.34 -29.94 -21.89
C SER E 558 -25.51 -29.86 -22.87
N GLY E 559 -25.59 -28.76 -23.60
CA GLY E 559 -26.67 -28.59 -24.54
C GLY E 559 -26.44 -27.37 -25.40
N THR E 560 -27.46 -27.05 -26.21
CA THR E 560 -27.41 -25.91 -27.11
C THR E 560 -28.69 -25.10 -26.98
N ARG E 561 -28.54 -23.78 -26.93
CA ARG E 561 -29.69 -22.88 -26.95
C ARG E 561 -30.13 -22.64 -28.38
N LYS E 562 -31.45 -22.57 -28.56
CA LYS E 562 -32.06 -22.37 -29.88
C LYS E 562 -31.68 -23.50 -30.84
N ASP E 563 -31.96 -24.73 -30.43
CA ASP E 563 -31.74 -25.88 -31.28
C ASP E 563 -32.79 -26.02 -32.38
N GLU E 564 -33.88 -25.26 -32.31
CA GLU E 564 -34.94 -25.40 -33.30
C GLU E 564 -34.48 -25.00 -34.69
N LEU E 565 -33.58 -24.04 -34.79
CA LEU E 565 -33.14 -23.52 -36.08
C LEU E 565 -31.93 -24.27 -36.64
N LEU E 566 -31.35 -25.19 -35.88
CA LEU E 566 -30.18 -25.94 -36.34
C LEU E 566 -30.56 -27.27 -36.96
N LEU E 567 -31.28 -28.10 -36.21
CA LEU E 567 -31.66 -29.42 -36.67
C LEU E 567 -32.92 -29.36 -37.52
N SER E 568 -33.09 -30.38 -38.36
CA SER E 568 -34.34 -30.56 -39.06
C SER E 568 -35.44 -30.99 -38.07
N PRO E 569 -36.71 -30.70 -38.37
CA PRO E 569 -37.77 -31.00 -37.40
C PRO E 569 -37.82 -32.47 -36.99
N ASP E 570 -37.65 -33.39 -37.92
CA ASP E 570 -37.58 -34.81 -37.55
C ASP E 570 -36.31 -35.10 -36.77
N GLU E 571 -35.18 -34.53 -37.22
CA GLU E 571 -33.94 -34.66 -36.47
C GLU E 571 -34.06 -34.00 -35.10
N PHE E 572 -34.74 -32.86 -35.04
CA PHE E 572 -34.95 -32.21 -33.75
C PHE E 572 -35.77 -33.09 -32.82
N ALA E 573 -36.82 -33.71 -33.33
CA ALA E 573 -37.64 -34.59 -32.49
C ALA E 573 -36.85 -35.78 -31.98
N ILE E 574 -36.04 -36.39 -32.86
CA ILE E 574 -35.24 -37.54 -32.44
C ILE E 574 -34.22 -37.13 -31.40
N VAL E 575 -33.55 -35.99 -31.61
CA VAL E 575 -32.56 -35.51 -30.65
C VAL E 575 -33.23 -35.19 -29.32
N HIS E 576 -34.43 -34.62 -29.35
CA HIS E 576 -35.15 -34.35 -28.12
C HIS E 576 -35.49 -35.63 -27.37
N LYS E 577 -35.92 -36.66 -28.09
CA LYS E 577 -36.20 -37.94 -27.44
C LYS E 577 -34.93 -38.52 -26.82
N LEU E 578 -33.81 -38.44 -27.54
CA LEU E 578 -32.55 -38.95 -27.01
C LEU E 578 -32.13 -38.18 -25.76
N ARG E 579 -32.29 -36.85 -25.78
CA ARG E 579 -31.90 -36.04 -24.63
C ARG E 579 -32.80 -36.34 -23.44
N ARG E 580 -34.09 -36.57 -23.68
CA ARG E 580 -34.98 -36.97 -22.59
C ARG E 580 -34.54 -38.30 -21.98
N VAL E 581 -34.20 -39.27 -22.84
CA VAL E 581 -33.74 -40.56 -22.34
C VAL E 581 -32.47 -40.40 -21.52
N LEU E 582 -31.53 -39.59 -22.01
CA LEU E 582 -30.27 -39.39 -21.29
C LEU E 582 -30.51 -38.68 -19.96
N SER E 583 -31.39 -37.68 -19.94
CA SER E 583 -31.71 -36.99 -18.69
C SER E 583 -32.43 -37.90 -17.71
N GLY E 584 -33.09 -38.95 -18.19
CA GLY E 584 -33.67 -39.91 -17.28
C GLY E 584 -32.63 -40.60 -16.41
N LEU E 585 -31.45 -40.85 -16.97
CA LEU E 585 -30.37 -41.53 -16.27
C LEU E 585 -29.39 -40.52 -15.69
N ASP E 586 -28.54 -41.01 -14.78
CA ASP E 586 -27.45 -40.21 -14.25
C ASP E 586 -26.30 -40.17 -15.25
N SER E 587 -25.40 -39.20 -15.05
CA SER E 587 -24.37 -38.92 -16.05
C SER E 587 -23.46 -40.12 -16.27
N HIS E 588 -22.98 -40.73 -15.18
CA HIS E 588 -21.99 -41.80 -15.29
C HIS E 588 -22.54 -42.99 -16.07
N GLN E 589 -23.85 -43.21 -16.03
CA GLN E 589 -24.47 -44.26 -16.83
C GLN E 589 -25.00 -43.75 -18.17
N ALA E 590 -25.43 -42.49 -18.23
CA ALA E 590 -25.95 -41.95 -19.48
C ALA E 590 -24.87 -41.88 -20.54
N ILE E 591 -23.66 -41.44 -20.17
CA ILE E 591 -22.58 -41.39 -21.15
C ILE E 591 -22.23 -42.79 -21.63
N ASP E 592 -22.21 -43.76 -20.71
CA ASP E 592 -21.92 -45.14 -21.10
C ASP E 592 -22.96 -45.67 -22.08
N LEU E 593 -24.24 -45.42 -21.79
CA LEU E 593 -25.29 -45.86 -22.71
C LEU E 593 -25.19 -45.17 -24.06
N LEU E 594 -24.87 -43.88 -24.07
CA LEU E 594 -24.76 -43.16 -25.32
C LEU E 594 -23.63 -43.71 -26.19
N MET E 595 -22.47 -43.96 -25.59
CA MET E 595 -21.38 -44.56 -26.37
C MET E 595 -21.71 -45.99 -26.79
N SER E 596 -22.38 -46.75 -25.92
CA SER E 596 -22.73 -48.12 -26.28
C SER E 596 -23.65 -48.15 -27.49
N GLN E 597 -24.62 -47.24 -27.55
CA GLN E 597 -25.47 -47.15 -28.72
C GLN E 597 -24.70 -46.64 -29.94
N LEU E 598 -23.77 -45.71 -29.73
CA LEU E 598 -23.04 -45.12 -30.85
C LEU E 598 -22.00 -46.06 -31.43
N ARG E 599 -21.61 -47.11 -30.70
CA ARG E 599 -20.59 -48.02 -31.21
C ARG E 599 -21.02 -48.69 -32.51
N LYS E 600 -22.28 -49.13 -32.58
CA LYS E 600 -22.75 -49.96 -33.68
C LYS E 600 -23.43 -49.17 -34.79
N THR E 601 -23.43 -47.85 -34.71
CA THR E 601 -24.14 -47.02 -35.67
C THR E 601 -23.18 -46.07 -36.38
N LYS E 602 -23.73 -45.19 -37.20
CA LYS E 602 -22.97 -44.20 -37.96
C LYS E 602 -23.63 -42.83 -37.87
N ASN E 603 -24.16 -42.50 -36.70
CA ASN E 603 -24.81 -41.23 -36.35
C ASN E 603 -26.12 -41.00 -37.10
N ASN E 604 -26.50 -41.89 -38.01
CA ASN E 604 -27.81 -41.88 -38.63
C ASN E 604 -28.57 -43.16 -38.41
N TYR E 605 -27.88 -44.30 -38.39
CA TYR E 605 -28.51 -45.55 -38.01
C TYR E 605 -29.04 -45.49 -36.59
N GLU E 606 -28.33 -44.78 -35.71
CA GLU E 606 -28.83 -44.60 -34.35
C GLU E 606 -30.14 -43.82 -34.35
N PHE E 607 -30.24 -42.80 -35.19
CA PHE E 607 -31.51 -42.09 -35.34
C PHE E 607 -32.59 -43.03 -35.85
N LEU E 608 -32.25 -43.90 -36.81
CA LEU E 608 -33.18 -44.92 -37.25
C LEU E 608 -33.52 -45.88 -36.11
N VAL E 609 -32.52 -46.25 -35.32
CA VAL E 609 -32.77 -47.16 -34.19
C VAL E 609 -33.56 -46.45 -33.10
N GLN E 610 -33.25 -45.17 -32.85
CA GLN E 610 -33.91 -44.46 -31.76
C GLN E 610 -35.41 -44.34 -31.98
N VAL E 611 -35.82 -44.04 -33.22
CA VAL E 611 -37.24 -43.87 -33.49
C VAL E 611 -38.00 -45.19 -33.32
N SER E 612 -37.32 -46.32 -33.55
CA SER E 612 -37.95 -47.63 -33.41
C SER E 612 -37.99 -48.06 -31.95
N VAL F 243 -25.84 12.50 -38.17
CA VAL F 243 -24.80 13.50 -38.39
C VAL F 243 -25.34 14.89 -38.12
N GLN F 244 -26.65 15.06 -38.30
CA GLN F 244 -27.27 16.36 -38.03
C GLN F 244 -27.12 16.80 -36.58
N PRO F 245 -27.39 15.96 -35.56
CA PRO F 245 -27.94 14.60 -35.53
C PRO F 245 -29.35 14.54 -34.96
N VAL F 246 -29.93 13.35 -34.95
CA VAL F 246 -31.18 13.07 -34.25
C VAL F 246 -30.85 12.06 -33.15
N ALA F 247 -30.82 12.54 -31.90
CA ALA F 247 -30.33 11.71 -30.82
C ALA F 247 -30.76 12.29 -29.47
N GLY F 248 -30.98 11.41 -28.51
CA GLY F 248 -31.19 11.85 -27.14
C GLY F 248 -29.92 12.42 -26.55
N ILE F 249 -30.09 13.39 -25.66
CA ILE F 249 -28.96 14.09 -25.04
C ILE F 249 -28.69 13.48 -23.67
N LEU F 250 -27.41 13.39 -23.31
CA LEU F 250 -27.00 12.87 -22.01
C LEU F 250 -26.22 13.97 -21.31
N ASP F 251 -26.81 14.53 -20.26
CA ASP F 251 -26.19 15.60 -19.48
C ASP F 251 -25.45 14.95 -18.31
N VAL F 252 -24.15 14.68 -18.53
CA VAL F 252 -23.36 14.04 -17.50
C VAL F 252 -23.24 14.99 -16.29
N LEU F 253 -22.94 14.40 -15.13
CA LEU F 253 -22.80 15.18 -13.90
C LEU F 253 -21.71 16.24 -14.01
N ASP F 254 -20.74 16.05 -14.90
CA ASP F 254 -19.70 17.04 -15.11
C ASP F 254 -20.19 18.13 -16.05
N ASN F 255 -19.29 19.07 -16.38
CA ASN F 255 -19.68 20.20 -17.23
C ASN F 255 -19.95 19.75 -18.66
N TYR F 256 -19.22 18.75 -19.15
CA TYR F 256 -19.42 18.31 -20.52
C TYR F 256 -20.67 17.44 -20.65
N ALA F 257 -21.21 17.40 -21.86
CA ALA F 257 -22.38 16.58 -22.17
C ALA F 257 -22.35 16.25 -23.65
N PHE F 258 -23.10 15.21 -24.03
CA PHE F 258 -23.12 14.76 -25.41
C PHE F 258 -24.51 14.23 -25.74
N VAL F 259 -24.80 14.16 -27.05
CA VAL F 259 -26.01 13.52 -27.55
C VAL F 259 -25.61 12.15 -28.09
N ARG F 260 -26.37 11.12 -27.72
CA ARG F 260 -26.03 9.74 -28.04
C ARG F 260 -26.63 9.39 -29.40
N THR F 261 -25.81 9.51 -30.45
CA THR F 261 -26.25 9.23 -31.82
C THR F 261 -26.17 7.75 -32.18
N SER F 262 -25.71 6.90 -31.26
CA SER F 262 -25.60 5.47 -31.56
C SER F 262 -26.96 4.83 -31.88
N GLY F 263 -27.98 5.03 -31.03
CA GLY F 263 -28.00 5.87 -29.85
C GLY F 263 -27.95 5.14 -28.52
N TYR F 264 -28.05 5.93 -27.44
CA TYR F 264 -28.03 5.47 -26.05
C TYR F 264 -26.71 4.85 -25.64
N LEU F 265 -25.68 4.91 -26.49
CA LEU F 265 -24.38 4.33 -26.18
C LEU F 265 -23.29 5.35 -26.51
N PRO F 266 -22.39 5.64 -25.57
CA PRO F 266 -21.31 6.59 -25.86
C PRO F 266 -20.35 6.05 -26.91
N GLY F 267 -20.33 6.71 -28.08
CA GLY F 267 -19.50 6.26 -29.18
C GLY F 267 -18.67 7.38 -29.77
N PRO F 268 -17.74 7.03 -30.66
CA PRO F 268 -16.88 8.06 -31.26
C PRO F 268 -17.63 9.06 -32.13
N HIS F 269 -18.83 8.74 -32.58
CA HIS F 269 -19.61 9.61 -33.45
C HIS F 269 -20.46 10.61 -32.67
N ASP F 270 -20.28 10.71 -31.36
CA ASP F 270 -21.10 11.59 -30.54
C ASP F 270 -20.81 13.05 -30.85
N VAL F 271 -21.69 13.92 -30.35
CA VAL F 271 -21.60 15.35 -30.58
C VAL F 271 -21.43 16.04 -29.23
N TYR F 272 -20.43 16.92 -29.16
CA TYR F 272 -20.12 17.61 -27.90
C TYR F 272 -21.20 18.64 -27.57
N VAL F 273 -21.59 18.69 -26.29
CA VAL F 273 -22.59 19.61 -25.79
C VAL F 273 -22.04 20.29 -24.54
N SER F 274 -22.18 21.60 -24.47
CA SER F 274 -21.74 22.38 -23.31
C SER F 274 -22.95 22.89 -22.53
N MET F 275 -22.76 23.07 -21.22
CA MET F 275 -23.86 23.54 -20.38
C MET F 275 -24.26 24.98 -20.68
N ASN F 276 -23.41 25.74 -21.37
CA ASN F 276 -23.81 27.09 -21.76
C ASN F 276 -25.01 27.05 -22.71
N MET F 277 -24.95 26.20 -23.75
CA MET F 277 -26.10 26.05 -24.63
C MET F 277 -27.29 25.45 -23.90
N VAL F 278 -27.03 24.59 -22.92
CA VAL F 278 -28.12 24.03 -22.10
C VAL F 278 -28.85 25.15 -21.38
N ARG F 279 -28.11 26.06 -20.75
CA ARG F 279 -28.73 27.19 -20.06
C ARG F 279 -29.43 28.11 -21.04
N LYS F 280 -28.85 28.33 -22.22
CA LYS F 280 -29.52 29.14 -23.23
C LYS F 280 -30.77 28.47 -23.77
N ASN F 281 -30.92 27.15 -23.60
CA ASN F 281 -32.07 26.43 -24.11
C ASN F 281 -32.91 25.74 -23.03
N GLY F 282 -32.38 25.54 -21.83
CA GLY F 282 -33.13 24.86 -20.79
C GLY F 282 -33.32 23.38 -21.08
N MET F 283 -32.23 22.63 -21.06
CA MET F 283 -32.25 21.22 -21.45
C MET F 283 -32.29 20.32 -20.23
N ARG F 284 -32.77 19.09 -20.45
CA ARG F 284 -32.83 18.07 -19.42
C ARG F 284 -32.34 16.74 -20.02
N ARG F 285 -32.03 15.81 -19.13
CA ARG F 285 -31.51 14.50 -19.55
C ARG F 285 -32.60 13.70 -20.23
N GLY F 286 -32.45 13.48 -21.53
CA GLY F 286 -33.43 12.70 -22.27
C GLY F 286 -34.10 13.47 -23.39
N ASP F 287 -33.63 14.70 -23.64
CA ASP F 287 -34.19 15.52 -24.70
C ASP F 287 -33.69 15.06 -26.06
N ALA F 288 -34.59 15.03 -27.03
CA ALA F 288 -34.24 14.65 -28.40
C ALA F 288 -33.69 15.88 -29.11
N VAL F 289 -32.38 15.90 -29.33
CA VAL F 289 -31.71 17.03 -29.93
C VAL F 289 -31.63 16.84 -31.44
N THR F 290 -32.15 17.81 -32.19
CA THR F 290 -32.10 17.80 -33.65
C THR F 290 -31.42 19.09 -34.10
N GLY F 291 -30.21 18.97 -34.63
CA GLY F 291 -29.44 20.14 -35.04
C GLY F 291 -28.90 20.06 -36.45
N ALA F 292 -27.91 20.89 -36.76
CA ALA F 292 -27.31 20.91 -38.09
C ALA F 292 -25.86 21.36 -37.94
N VAL F 293 -24.94 20.40 -37.92
CA VAL F 293 -23.51 20.65 -37.77
C VAL F 293 -22.82 20.35 -39.08
N ARG F 294 -22.01 21.28 -39.57
CA ARG F 294 -21.36 21.12 -40.86
C ARG F 294 -19.95 20.55 -40.73
N VAL F 295 -19.06 21.25 -40.04
CA VAL F 295 -17.66 20.85 -39.91
C VAL F 295 -17.20 21.10 -38.48
N PRO F 296 -16.50 20.16 -37.85
CA PRO F 296 -15.90 20.42 -36.54
C PRO F 296 -14.60 21.21 -36.66
N LYS F 297 -13.93 21.39 -35.54
CA LYS F 297 -12.64 22.07 -35.51
C LYS F 297 -11.51 21.07 -35.56
N GLU F 298 -10.46 21.40 -36.32
CA GLU F 298 -9.31 20.53 -36.51
C GLU F 298 -8.09 21.10 -35.79
N GLY F 299 -7.35 20.20 -35.14
CA GLY F 299 -6.16 20.59 -34.40
C GLY F 299 -5.75 19.57 -33.36
N LYS F 307 -13.03 18.08 -29.17
CA LYS F 307 -12.97 16.63 -29.28
C LYS F 307 -13.96 16.11 -30.31
N PHE F 308 -15.25 16.31 -30.04
CA PHE F 308 -16.33 15.87 -30.91
C PHE F 308 -16.94 17.08 -31.62
N ASN F 309 -18.02 16.82 -32.36
CA ASN F 309 -18.69 17.88 -33.08
C ASN F 309 -19.33 18.87 -32.11
N PRO F 310 -19.22 20.16 -32.36
CA PRO F 310 -19.86 21.14 -31.50
C PRO F 310 -21.33 21.34 -31.85
N LEU F 311 -22.13 21.58 -30.82
CA LEU F 311 -23.55 21.78 -31.00
C LEU F 311 -23.85 23.25 -31.34
N VAL F 312 -24.84 23.44 -32.20
CA VAL F 312 -25.24 24.76 -32.68
C VAL F 312 -26.75 24.92 -32.47
N ARG F 313 -27.31 26.01 -32.97
CA ARG F 313 -28.76 26.24 -32.85
C ARG F 313 -29.52 25.08 -33.47
N LEU F 314 -30.54 24.61 -32.74
CA LEU F 314 -31.27 23.41 -33.10
C LEU F 314 -32.62 23.75 -33.71
N ASP F 315 -33.06 22.89 -34.64
CA ASP F 315 -34.38 23.08 -35.24
C ASP F 315 -35.49 22.80 -34.25
N SER F 316 -35.40 21.69 -33.53
CA SER F 316 -36.44 21.30 -32.58
C SER F 316 -35.83 20.44 -31.48
N ILE F 317 -36.41 20.52 -30.28
CA ILE F 317 -35.98 19.72 -29.15
C ILE F 317 -37.17 18.91 -28.64
N ASN F 318 -36.97 17.61 -28.48
CA ASN F 318 -38.00 16.70 -27.97
C ASN F 318 -39.28 16.78 -28.80
N GLY F 319 -39.11 16.96 -30.11
CA GLY F 319 -40.25 17.08 -31.00
C GLY F 319 -40.87 18.46 -31.00
N GLY F 320 -40.98 19.07 -29.82
CA GLY F 320 -41.55 20.39 -29.71
C GLY F 320 -40.59 21.48 -30.12
N SER F 321 -41.08 22.71 -30.07
CA SER F 321 -40.30 23.86 -30.51
C SER F 321 -39.23 24.21 -29.49
N VAL F 322 -38.25 25.00 -29.95
CA VAL F 322 -37.17 25.45 -29.08
C VAL F 322 -37.69 26.44 -28.04
N GLU F 323 -38.75 27.19 -28.36
CA GLU F 323 -39.30 28.16 -27.42
C GLU F 323 -40.00 27.51 -26.24
N ASP F 324 -40.35 26.22 -26.34
CA ASP F 324 -41.12 25.54 -25.30
C ASP F 324 -40.23 25.30 -24.09
N ALA F 325 -40.03 26.36 -23.31
CA ALA F 325 -39.33 26.27 -22.04
C ALA F 325 -40.26 26.06 -20.86
N LYS F 326 -41.56 25.96 -21.12
CA LYS F 326 -42.55 25.71 -20.06
C LYS F 326 -42.69 24.20 -19.86
N LYS F 327 -41.62 23.61 -19.36
CA LYS F 327 -41.57 22.18 -19.09
C LYS F 327 -41.75 21.96 -17.59
N ARG F 328 -42.87 21.36 -17.22
CA ARG F 328 -43.15 21.07 -15.82
C ARG F 328 -42.18 20.01 -15.31
N PRO F 329 -41.63 20.16 -14.11
CA PRO F 329 -40.64 19.19 -13.61
C PRO F 329 -41.31 17.87 -13.29
N GLU F 330 -40.68 16.76 -13.71
CA GLU F 330 -41.28 15.45 -13.50
C GLU F 330 -41.37 15.10 -12.03
N PHE F 331 -40.31 15.39 -11.26
CA PHE F 331 -40.27 14.99 -9.86
C PHE F 331 -41.22 15.80 -8.98
N GLY F 332 -41.80 16.87 -9.49
CA GLY F 332 -42.61 17.78 -8.70
C GLY F 332 -44.11 17.50 -8.71
N LYS F 333 -44.53 16.31 -9.12
CA LYS F 333 -45.95 15.99 -9.17
C LYS F 333 -46.39 15.19 -7.95
N LEU F 334 -47.70 15.24 -7.69
CA LEU F 334 -48.28 14.46 -6.62
C LEU F 334 -48.43 13.00 -7.05
N THR F 335 -48.19 12.09 -6.11
CA THR F 335 -48.24 10.66 -6.39
C THR F 335 -49.50 10.05 -5.80
N PRO F 336 -50.46 9.64 -6.62
CA PRO F 336 -51.72 9.09 -6.07
C PRO F 336 -51.62 7.65 -5.62
N LEU F 337 -52.76 7.07 -5.25
CA LEU F 337 -52.87 5.64 -4.92
C LEU F 337 -52.81 4.76 -6.15
N TYR F 338 -52.64 5.36 -7.32
CA TYR F 338 -52.49 4.76 -8.64
C TYR F 338 -53.66 3.89 -9.10
N PRO F 339 -54.94 4.25 -8.84
CA PRO F 339 -56.03 3.54 -9.52
C PRO F 339 -56.52 4.26 -10.76
N ASN F 340 -55.61 4.64 -11.66
CA ASN F 340 -56.01 5.60 -12.70
C ASN F 340 -56.70 4.90 -13.88
N GLN F 341 -55.96 4.09 -14.62
CA GLN F 341 -56.46 3.47 -15.83
C GLN F 341 -55.81 2.11 -15.99
N ARG F 342 -56.62 1.05 -16.05
CA ARG F 342 -56.08 -0.29 -16.21
C ARG F 342 -55.48 -0.46 -17.60
N LEU F 343 -54.30 -1.07 -17.66
CA LEU F 343 -53.66 -1.40 -18.91
C LEU F 343 -54.18 -2.77 -19.36
N ARG F 344 -55.06 -2.77 -20.35
CA ARG F 344 -55.68 -4.00 -20.82
C ARG F 344 -54.66 -4.80 -21.62
N LEU F 345 -54.51 -6.08 -21.26
CA LEU F 345 -53.56 -6.97 -21.92
C LEU F 345 -54.22 -8.13 -22.65
N GLU F 346 -55.49 -8.41 -22.39
CA GLU F 346 -56.16 -9.51 -23.08
C GLU F 346 -56.28 -9.20 -24.56
N THR F 347 -55.94 -10.20 -25.39
CA THR F 347 -55.99 -10.01 -26.84
C THR F 347 -56.76 -11.10 -27.57
N SER F 348 -56.68 -12.35 -27.13
CA SER F 348 -57.31 -13.44 -27.87
C SER F 348 -57.43 -14.66 -26.96
N THR F 349 -58.29 -15.59 -27.36
CA THR F 349 -58.49 -16.81 -26.59
C THR F 349 -57.25 -17.69 -26.62
N GLU F 350 -56.56 -17.75 -27.77
CA GLU F 350 -55.39 -18.60 -27.91
C GLU F 350 -54.20 -18.13 -27.08
N ARG F 351 -54.12 -16.83 -26.77
CA ARG F 351 -53.00 -16.28 -26.01
C ARG F 351 -53.34 -16.34 -24.54
N LEU F 352 -52.92 -17.42 -23.89
CA LEU F 352 -53.27 -17.65 -22.49
C LEU F 352 -52.45 -16.80 -21.52
N THR F 353 -51.21 -16.46 -21.89
CA THR F 353 -50.33 -15.76 -20.96
C THR F 353 -50.87 -14.40 -20.58
N THR F 354 -51.32 -13.62 -21.56
CA THR F 354 -51.85 -12.29 -21.28
C THR F 354 -53.12 -12.37 -20.45
N ARG F 355 -53.99 -13.32 -20.75
CA ARG F 355 -55.21 -13.48 -19.97
C ARG F 355 -54.90 -13.85 -18.52
N VAL F 356 -53.95 -14.75 -18.31
CA VAL F 356 -53.56 -15.13 -16.96
C VAL F 356 -52.98 -13.94 -16.22
N ILE F 357 -52.13 -13.16 -16.89
CA ILE F 357 -51.54 -11.98 -16.25
C ILE F 357 -52.63 -11.00 -15.87
N ASP F 358 -53.61 -10.78 -16.75
CA ASP F 358 -54.70 -9.86 -16.43
C ASP F 358 -55.52 -10.36 -15.24
N LEU F 359 -55.81 -11.67 -15.20
CA LEU F 359 -56.67 -12.18 -14.13
C LEU F 359 -55.95 -12.19 -12.79
N ILE F 360 -54.65 -12.48 -12.79
CA ILE F 360 -53.91 -12.66 -11.54
C ILE F 360 -53.24 -11.37 -11.10
N MET F 361 -52.58 -10.66 -12.00
CA MET F 361 -51.82 -9.46 -11.68
C MET F 361 -52.27 -8.32 -12.59
N PRO F 362 -53.42 -7.71 -12.31
CA PRO F 362 -53.87 -6.59 -13.13
C PRO F 362 -52.88 -5.44 -13.09
N ILE F 363 -52.71 -4.77 -14.23
CA ILE F 363 -51.75 -3.70 -14.38
C ILE F 363 -52.48 -2.43 -14.81
N GLY F 364 -52.22 -1.34 -14.10
CA GLY F 364 -52.73 -0.04 -14.48
C GLY F 364 -51.60 0.94 -14.72
N LYS F 365 -51.90 2.07 -15.35
CA LYS F 365 -50.87 3.05 -15.64
C LYS F 365 -50.29 3.61 -14.35
N GLY F 366 -48.97 3.78 -14.32
CA GLY F 366 -48.27 4.23 -13.14
C GLY F 366 -47.92 3.14 -12.15
N GLN F 367 -48.33 1.89 -12.42
CA GLN F 367 -48.07 0.81 -11.50
C GLN F 367 -46.61 0.38 -11.56
N ARG F 368 -46.07 -0.01 -10.41
CA ARG F 368 -44.68 -0.46 -10.28
C ARG F 368 -44.72 -1.99 -10.10
N ALA F 369 -44.77 -2.69 -11.23
CA ALA F 369 -44.79 -4.15 -11.19
C ALA F 369 -43.37 -4.69 -11.04
N LEU F 370 -43.28 -5.98 -10.72
CA LEU F 370 -41.98 -6.62 -10.55
C LEU F 370 -42.16 -8.11 -10.79
N ILE F 371 -41.63 -8.60 -11.90
CA ILE F 371 -41.77 -10.00 -12.29
C ILE F 371 -40.61 -10.78 -11.69
N VAL F 372 -40.93 -11.80 -10.88
CA VAL F 372 -39.92 -12.66 -10.30
C VAL F 372 -39.88 -13.96 -11.10
N SER F 373 -38.72 -14.30 -11.64
CA SER F 373 -38.60 -15.45 -12.51
C SER F 373 -37.25 -16.13 -12.34
N PRO F 374 -37.23 -17.46 -12.30
CA PRO F 374 -35.97 -18.18 -12.39
C PRO F 374 -35.55 -18.32 -13.84
N PRO F 375 -34.28 -18.63 -14.12
CA PRO F 375 -33.86 -18.79 -15.52
C PRO F 375 -34.62 -19.92 -16.21
N LYS F 376 -34.90 -19.71 -17.49
CA LYS F 376 -35.62 -20.68 -18.33
C LYS F 376 -37.00 -21.00 -17.74
N ALA F 377 -37.79 -19.96 -17.53
CA ALA F 377 -39.15 -20.10 -17.02
C ALA F 377 -40.19 -19.38 -17.86
N GLY F 378 -39.81 -18.79 -18.98
CA GLY F 378 -40.75 -18.08 -19.82
C GLY F 378 -40.73 -16.57 -19.69
N LYS F 379 -39.66 -15.99 -19.16
CA LYS F 379 -39.62 -14.54 -18.98
C LYS F 379 -39.64 -13.80 -20.31
N THR F 380 -38.85 -14.25 -21.28
CA THR F 380 -38.75 -13.52 -22.54
C THR F 380 -40.07 -13.55 -23.32
N THR F 381 -40.71 -14.72 -23.38
CA THR F 381 -42.00 -14.81 -24.05
C THR F 381 -43.05 -13.98 -23.34
N ILE F 382 -43.01 -13.96 -22.00
CA ILE F 382 -43.96 -13.15 -21.25
C ILE F 382 -43.76 -11.67 -21.54
N LEU F 383 -42.51 -11.21 -21.58
CA LEU F 383 -42.24 -9.81 -21.89
C LEU F 383 -42.69 -9.47 -23.30
N GLN F 384 -42.42 -10.36 -24.26
CA GLN F 384 -42.85 -10.11 -25.63
C GLN F 384 -44.37 -10.04 -25.73
N ASP F 385 -45.07 -10.95 -25.05
CA ASP F 385 -46.53 -10.92 -25.06
C ASP F 385 -47.06 -9.65 -24.42
N ILE F 386 -46.47 -9.21 -23.32
CA ILE F 386 -46.91 -7.99 -22.65
C ILE F 386 -46.71 -6.78 -23.57
N ALA F 387 -45.53 -6.70 -24.21
CA ALA F 387 -45.26 -5.58 -25.10
C ALA F 387 -46.21 -5.59 -26.30
N ASN F 388 -46.46 -6.76 -26.87
CA ASN F 388 -47.38 -6.86 -28.00
C ASN F 388 -48.79 -6.45 -27.60
N ALA F 389 -49.25 -6.91 -26.44
CA ALA F 389 -50.59 -6.56 -25.99
C ALA F 389 -50.71 -5.07 -25.73
N ILE F 390 -49.70 -4.47 -25.11
CA ILE F 390 -49.73 -3.04 -24.84
C ILE F 390 -49.74 -2.25 -26.15
N THR F 391 -48.92 -2.66 -27.11
CA THR F 391 -48.88 -1.95 -28.39
C THR F 391 -50.20 -2.09 -29.14
N ARG F 392 -50.78 -3.29 -29.16
CA ARG F 392 -51.98 -3.51 -29.97
C ARG F 392 -53.21 -2.88 -29.33
N ASN F 393 -53.34 -2.94 -28.00
CA ASN F 393 -54.56 -2.46 -27.36
C ASN F 393 -54.66 -0.94 -27.43
N ASN F 394 -53.71 -0.24 -26.81
CA ASN F 394 -53.73 1.22 -26.75
C ASN F 394 -52.47 1.81 -27.36
N PRO F 395 -52.50 2.13 -28.65
CA PRO F 395 -51.29 2.68 -29.31
C PRO F 395 -50.86 4.02 -28.76
N GLU F 396 -51.72 4.74 -28.03
CA GLU F 396 -51.35 6.02 -27.46
C GLU F 396 -50.29 5.90 -26.37
N CYS F 397 -50.00 4.69 -25.89
CA CYS F 397 -48.98 4.48 -24.89
C CYS F 397 -47.63 4.30 -25.57
N HIS F 398 -46.66 5.13 -25.20
CA HIS F 398 -45.32 5.05 -25.79
C HIS F 398 -44.53 3.97 -25.05
N LEU F 399 -44.27 2.87 -25.72
CA LEU F 399 -43.64 1.70 -25.12
C LEU F 399 -42.15 1.67 -25.44
N MET F 400 -41.34 1.39 -24.42
CA MET F 400 -39.92 1.18 -24.62
C MET F 400 -39.47 0.00 -23.77
N VAL F 401 -38.51 -0.76 -24.29
CA VAL F 401 -37.98 -1.94 -23.62
C VAL F 401 -36.50 -1.73 -23.39
N VAL F 402 -36.05 -1.99 -22.16
CA VAL F 402 -34.65 -1.81 -21.78
C VAL F 402 -34.06 -3.18 -21.48
N LEU F 403 -32.97 -3.51 -22.16
CA LEU F 403 -32.23 -4.75 -21.96
C LEU F 403 -30.83 -4.38 -21.49
N VAL F 404 -30.61 -4.44 -20.18
CA VAL F 404 -29.36 -3.95 -19.60
C VAL F 404 -28.18 -4.84 -19.96
N ASP F 405 -28.35 -6.16 -19.86
CA ASP F 405 -27.25 -7.10 -20.10
C ASP F 405 -27.85 -8.32 -20.80
N GLU F 406 -27.70 -8.36 -22.13
CA GLU F 406 -28.31 -9.41 -22.93
C GLU F 406 -27.40 -9.72 -24.11
N ARG F 407 -27.52 -10.93 -24.64
CA ARG F 407 -26.71 -11.34 -25.77
C ARG F 407 -27.12 -10.58 -27.03
N PRO F 408 -26.18 -10.37 -27.96
CA PRO F 408 -26.54 -9.71 -29.23
C PRO F 408 -27.56 -10.48 -30.04
N GLU F 409 -27.67 -11.80 -29.84
CA GLU F 409 -28.74 -12.57 -30.48
C GLU F 409 -30.10 -12.13 -30.00
N GLU F 410 -30.28 -12.08 -28.68
CA GLU F 410 -31.58 -11.75 -28.10
C GLU F 410 -31.97 -10.31 -28.35
N VAL F 411 -31.00 -9.41 -28.55
CA VAL F 411 -31.34 -8.03 -28.88
C VAL F 411 -32.07 -7.95 -30.21
N THR F 412 -31.52 -8.62 -31.23
CA THR F 412 -32.20 -8.68 -32.53
C THR F 412 -33.51 -9.43 -32.43
N ASP F 413 -33.55 -10.50 -31.64
CA ASP F 413 -34.81 -11.24 -31.48
C ASP F 413 -35.90 -10.35 -30.90
N MET F 414 -35.56 -9.56 -29.87
CA MET F 414 -36.52 -8.63 -29.29
C MET F 414 -36.91 -7.54 -30.27
N GLN F 415 -35.94 -7.03 -31.03
CA GLN F 415 -36.25 -5.97 -31.99
C GLN F 415 -37.22 -6.48 -33.06
N ARG F 416 -37.09 -7.74 -33.47
CA ARG F 416 -38.03 -8.33 -34.42
C ARG F 416 -39.31 -8.82 -33.78
N SER F 417 -39.38 -8.95 -32.45
CA SER F 417 -40.56 -9.48 -31.79
C SER F 417 -41.41 -8.43 -31.11
N VAL F 418 -40.87 -7.24 -30.82
CA VAL F 418 -41.57 -6.20 -30.08
C VAL F 418 -41.80 -5.02 -31.01
N LYS F 419 -43.06 -4.59 -31.11
CA LYS F 419 -43.41 -3.44 -31.95
C LYS F 419 -43.29 -2.14 -31.14
N GLY F 420 -42.05 -1.83 -30.78
CA GLY F 420 -41.76 -0.60 -30.04
C GLY F 420 -40.27 -0.40 -29.95
N GLU F 421 -39.90 0.78 -29.45
CA GLU F 421 -38.48 1.11 -29.32
C GLU F 421 -37.81 0.17 -28.34
N VAL F 422 -36.72 -0.46 -28.76
CA VAL F 422 -35.98 -1.41 -27.96
C VAL F 422 -34.61 -0.82 -27.67
N ILE F 423 -34.31 -0.62 -26.39
CA ILE F 423 -33.03 -0.09 -25.94
C ILE F 423 -32.29 -1.23 -25.27
N ALA F 424 -31.13 -1.60 -25.79
CA ALA F 424 -30.42 -2.76 -25.29
C ALA F 424 -28.94 -2.46 -25.19
N SER F 425 -28.30 -3.08 -24.20
CA SER F 425 -26.85 -3.02 -24.03
C SER F 425 -26.33 -4.44 -23.94
N THR F 426 -25.54 -4.85 -24.93
CA THR F 426 -25.03 -6.21 -24.99
C THR F 426 -23.99 -6.45 -23.91
N PHE F 427 -23.75 -7.72 -23.60
CA PHE F 427 -22.89 -8.07 -22.49
C PHE F 427 -21.42 -7.77 -22.75
N ASP F 428 -21.04 -7.53 -24.01
CA ASP F 428 -19.67 -7.16 -24.32
C ASP F 428 -19.40 -5.68 -24.13
N ARG F 429 -20.24 -4.98 -23.37
CA ARG F 429 -20.13 -3.57 -23.01
C ARG F 429 -19.73 -3.44 -21.54
N PRO F 430 -19.01 -2.37 -21.17
CA PRO F 430 -18.59 -2.22 -19.79
C PRO F 430 -19.80 -2.00 -18.90
N PRO F 431 -19.71 -2.35 -17.61
CA PRO F 431 -20.86 -2.13 -16.72
C PRO F 431 -21.28 -0.67 -16.65
N SER F 432 -20.34 0.26 -16.77
CA SER F 432 -20.70 1.67 -16.83
C SER F 432 -21.63 1.95 -18.00
N ASP F 433 -21.46 1.25 -19.12
CA ASP F 433 -22.38 1.40 -20.24
C ASP F 433 -23.77 0.90 -19.88
N HIS F 434 -23.86 -0.21 -19.13
CA HIS F 434 -25.16 -0.68 -18.68
C HIS F 434 -25.86 0.36 -17.82
N THR F 435 -25.14 0.92 -16.85
CA THR F 435 -25.73 1.93 -15.98
C THR F 435 -26.13 3.16 -16.78
N SER F 436 -25.28 3.59 -17.72
CA SER F 436 -25.59 4.76 -18.53
C SER F 436 -26.83 4.53 -19.37
N VAL F 437 -26.96 3.35 -19.98
CA VAL F 437 -28.14 3.04 -20.78
C VAL F 437 -29.40 3.08 -19.91
N ALA F 438 -29.34 2.43 -18.74
CA ALA F 438 -30.52 2.40 -17.88
C ALA F 438 -30.92 3.79 -17.42
N GLU F 439 -29.95 4.59 -16.98
CA GLU F 439 -30.26 5.91 -16.47
C GLU F 439 -30.78 6.83 -17.58
N LEU F 440 -30.18 6.76 -18.77
CA LEU F 440 -30.67 7.61 -19.85
C LEU F 440 -32.06 7.17 -20.30
N ALA F 441 -32.32 5.86 -20.28
CA ALA F 441 -33.66 5.39 -20.63
C ALA F 441 -34.69 5.90 -19.64
N ILE F 442 -34.40 5.84 -18.34
CA ILE F 442 -35.39 6.30 -17.36
C ILE F 442 -35.54 7.81 -17.44
N GLU F 443 -34.46 8.54 -17.71
CA GLU F 443 -34.58 9.99 -17.84
C GLU F 443 -35.40 10.37 -19.07
N ARG F 444 -35.21 9.67 -20.18
CA ARG F 444 -36.04 9.93 -21.36
C ARG F 444 -37.49 9.58 -21.10
N ALA F 445 -37.73 8.49 -20.36
CA ALA F 445 -39.10 8.14 -20.00
C ALA F 445 -39.76 9.24 -19.16
N LYS F 446 -39.03 9.75 -18.17
CA LYS F 446 -39.57 10.83 -17.34
C LYS F 446 -39.80 12.10 -18.14
N ARG F 447 -38.89 12.42 -19.06
CA ARG F 447 -39.08 13.61 -19.89
C ARG F 447 -40.29 13.46 -20.80
N LEU F 448 -40.54 12.27 -21.32
CA LEU F 448 -41.76 12.05 -22.10
C LEU F 448 -43.01 12.13 -21.23
N VAL F 449 -42.94 11.63 -20.00
CA VAL F 449 -44.08 11.74 -19.09
C VAL F 449 -44.36 13.21 -18.76
N GLU F 450 -43.31 14.04 -18.73
CA GLU F 450 -43.48 15.46 -18.42
C GLU F 450 -44.52 16.11 -19.33
N GLN F 451 -44.49 15.79 -20.63
CA GLN F 451 -45.46 16.35 -21.56
C GLN F 451 -46.86 15.77 -21.36
N GLY F 452 -47.00 14.72 -20.56
CA GLY F 452 -48.27 14.04 -20.39
C GLY F 452 -48.41 12.76 -21.18
N LYS F 453 -47.35 12.34 -21.88
CA LYS F 453 -47.40 11.08 -22.62
C LYS F 453 -47.30 9.90 -21.67
N ASP F 454 -48.08 8.86 -21.95
CA ASP F 454 -48.05 7.64 -21.14
C ASP F 454 -46.87 6.79 -21.59
N VAL F 455 -45.99 6.45 -20.65
CA VAL F 455 -44.77 5.71 -20.93
C VAL F 455 -44.79 4.40 -20.18
N VAL F 456 -44.51 3.30 -20.88
CA VAL F 456 -44.37 1.97 -20.28
C VAL F 456 -42.94 1.51 -20.52
N VAL F 457 -42.25 1.15 -19.44
CA VAL F 457 -40.87 0.71 -19.51
C VAL F 457 -40.81 -0.74 -19.07
N LEU F 458 -40.31 -1.61 -19.94
CA LEU F 458 -40.18 -3.04 -19.66
C LEU F 458 -38.70 -3.36 -19.48
N LEU F 459 -38.22 -3.22 -18.26
CA LEU F 459 -36.86 -3.59 -17.94
C LEU F 459 -36.77 -5.10 -17.82
N ASP F 460 -35.70 -5.68 -18.35
CA ASP F 460 -35.44 -7.11 -18.25
C ASP F 460 -34.24 -7.31 -17.33
N SER F 461 -34.41 -8.16 -16.31
CA SER F 461 -33.34 -8.57 -15.40
C SER F 461 -32.73 -7.35 -14.69
N ILE F 462 -33.55 -6.76 -13.80
CA ILE F 462 -33.06 -5.70 -12.93
C ILE F 462 -31.90 -6.17 -12.08
N THR F 463 -31.76 -7.49 -11.89
CA THR F 463 -30.60 -8.02 -11.18
C THR F 463 -29.32 -7.73 -11.94
N ARG F 464 -29.35 -7.77 -13.28
CA ARG F 464 -28.18 -7.41 -14.06
C ARG F 464 -27.79 -5.95 -13.84
N LEU F 465 -28.79 -5.06 -13.78
CA LEU F 465 -28.51 -3.66 -13.50
C LEU F 465 -27.92 -3.49 -12.10
N GLY F 466 -28.46 -4.22 -11.12
CA GLY F 466 -27.91 -4.16 -9.78
C GLY F 466 -26.46 -4.63 -9.73
N ARG F 467 -26.16 -5.71 -10.45
CA ARG F 467 -24.77 -6.20 -10.50
C ARG F 467 -23.86 -5.22 -11.20
N ALA F 468 -24.33 -4.59 -12.29
CA ALA F 468 -23.51 -3.60 -12.98
C ALA F 468 -23.21 -2.41 -12.09
N TYR F 469 -24.20 -1.95 -11.32
CA TYR F 469 -23.95 -0.89 -10.35
C TYR F 469 -23.00 -1.35 -9.24
N ASN F 470 -23.13 -2.60 -8.81
CA ASN F 470 -22.34 -3.09 -7.68
C ASN F 470 -20.86 -3.10 -8.02
N ASN F 471 -20.49 -3.67 -9.16
CA ASN F 471 -19.09 -3.83 -9.54
C ASN F 471 -18.58 -2.69 -10.40
N ALA F 472 -19.15 -1.49 -10.26
CA ALA F 472 -18.65 -0.33 -11.00
C ALA F 472 -17.66 0.47 -10.17
N SER F 473 -18.06 0.90 -8.98
CA SER F 473 -17.21 1.66 -8.08
C SER F 473 -16.59 0.74 -7.03
N PRO F 474 -15.36 1.01 -6.61
CA PRO F 474 -14.71 0.15 -5.62
C PRO F 474 -15.47 0.15 -4.30
N ALA F 475 -15.48 -1.01 -3.64
CA ALA F 475 -16.15 -1.17 -2.36
C ALA F 475 -15.24 -0.78 -1.21
N LEU F 480 -21.46 -4.87 2.83
CA LEU F 480 -20.67 -5.97 2.26
C LEU F 480 -21.23 -7.32 2.69
N SER F 481 -22.54 -7.50 2.50
CA SER F 481 -23.22 -8.74 2.86
C SER F 481 -23.17 -9.68 1.65
N GLY F 482 -22.33 -10.71 1.74
CA GLY F 482 -22.16 -11.62 0.63
C GLY F 482 -21.50 -11.03 -0.58
N GLY F 483 -20.65 -10.02 -0.39
CA GLY F 483 -20.00 -9.35 -1.50
C GLY F 483 -20.81 -8.25 -2.15
N VAL F 484 -21.96 -7.89 -1.58
CA VAL F 484 -22.83 -6.86 -2.14
C VAL F 484 -22.98 -5.75 -1.10
N ASP F 485 -22.75 -4.52 -1.51
CA ASP F 485 -22.89 -3.36 -0.64
C ASP F 485 -24.17 -2.60 -0.99
N SER F 486 -24.92 -2.19 0.04
CA SER F 486 -26.17 -1.47 -0.20
C SER F 486 -25.93 -0.13 -0.88
N THR F 487 -24.86 0.57 -0.51
CA THR F 487 -24.63 1.92 -1.02
C THR F 487 -24.56 1.94 -2.54
N ALA F 488 -23.85 0.98 -3.13
CA ALA F 488 -23.71 0.94 -4.57
C ALA F 488 -25.00 0.56 -5.29
N LEU F 489 -26.01 0.08 -4.57
CA LEU F 489 -27.24 -0.39 -5.19
C LEU F 489 -28.45 0.47 -4.86
N TYR F 490 -28.24 1.69 -4.35
CA TYR F 490 -29.35 2.64 -4.25
C TYR F 490 -29.92 3.03 -5.61
N PRO F 491 -29.12 3.35 -6.63
CA PRO F 491 -29.70 3.82 -7.91
C PRO F 491 -30.68 2.84 -8.54
N PRO F 492 -30.47 1.52 -8.42
CA PRO F 492 -31.53 0.61 -8.89
C PRO F 492 -32.86 0.82 -8.19
N LYS F 493 -32.83 1.10 -6.88
CA LYS F 493 -34.06 1.37 -6.16
C LYS F 493 -34.73 2.64 -6.68
N ARG F 494 -33.93 3.67 -6.96
CA ARG F 494 -34.48 4.90 -7.51
C ARG F 494 -35.09 4.66 -8.89
N PHE F 495 -34.41 3.89 -9.72
CA PHE F 495 -34.93 3.55 -11.04
C PHE F 495 -36.27 2.83 -10.92
N LEU F 496 -36.36 1.85 -10.03
CA LEU F 496 -37.60 1.10 -9.86
C LEU F 496 -38.71 1.97 -9.27
N GLY F 497 -38.38 2.84 -8.32
CA GLY F 497 -39.38 3.68 -7.69
C GLY F 497 -39.78 4.92 -8.47
N ALA F 498 -39.09 5.20 -9.57
CA ALA F 498 -39.51 6.33 -10.41
C ALA F 498 -40.81 6.06 -11.16
N ALA F 499 -41.54 5.00 -10.84
CA ALA F 499 -42.83 4.70 -11.49
C ALA F 499 -43.92 5.50 -10.78
N ARG F 500 -44.21 6.69 -11.30
CA ARG F 500 -45.20 7.58 -10.69
C ARG F 500 -46.18 8.08 -11.74
N ASN F 501 -47.46 7.97 -11.43
CA ASN F 501 -48.51 8.55 -12.25
C ASN F 501 -48.54 10.06 -12.07
N ILE F 502 -49.14 10.75 -13.04
CA ILE F 502 -49.26 12.20 -13.01
C ILE F 502 -50.74 12.54 -13.00
N GLU F 503 -51.16 13.31 -11.99
CA GLU F 503 -52.58 13.61 -11.81
C GLU F 503 -53.12 14.44 -12.96
N GLU F 504 -52.36 15.45 -13.39
CA GLU F 504 -52.82 16.30 -14.50
C GLU F 504 -52.82 15.55 -15.82
N GLY F 505 -51.97 14.55 -15.98
CA GLY F 505 -51.89 13.81 -17.22
C GLY F 505 -50.54 13.17 -17.44
N GLY F 506 -50.53 11.94 -17.92
CA GLY F 506 -49.30 11.20 -18.11
C GLY F 506 -49.08 10.18 -17.01
N SER F 507 -48.30 9.16 -17.34
CA SER F 507 -48.02 8.08 -16.38
C SER F 507 -46.72 7.40 -16.79
N LEU F 508 -46.11 6.71 -15.82
CA LEU F 508 -44.88 5.97 -16.04
C LEU F 508 -44.98 4.66 -15.27
N THR F 509 -45.36 3.59 -15.96
CA THR F 509 -45.43 2.26 -15.36
C THR F 509 -44.21 1.45 -15.78
N ILE F 510 -43.59 0.78 -14.81
CA ILE F 510 -42.38 0.00 -15.04
C ILE F 510 -42.66 -1.44 -14.66
N ILE F 511 -42.45 -2.35 -15.60
CA ILE F 511 -42.61 -3.77 -15.33
C ILE F 511 -41.24 -4.43 -15.43
N ALA F 512 -40.53 -4.52 -14.32
CA ALA F 512 -39.18 -5.05 -14.30
C ALA F 512 -39.18 -6.53 -13.93
N THR F 513 -38.07 -7.19 -14.19
CA THR F 513 -37.90 -8.60 -13.90
C THR F 513 -36.68 -8.78 -13.00
N ALA F 514 -36.80 -9.69 -12.03
CA ALA F 514 -35.73 -9.96 -11.08
C ALA F 514 -35.33 -11.42 -11.18
N MET F 515 -34.02 -11.67 -11.12
CA MET F 515 -33.48 -13.01 -11.26
C MET F 515 -33.40 -13.70 -9.89
N VAL F 516 -33.96 -14.91 -9.82
CA VAL F 516 -33.94 -15.72 -8.61
C VAL F 516 -33.50 -17.13 -8.98
N GLU F 517 -32.95 -17.84 -8.00
CA GLU F 517 -32.48 -19.21 -8.18
C GLU F 517 -31.48 -19.31 -9.33
N THR F 518 -30.58 -18.32 -9.41
CA THR F 518 -29.53 -18.34 -10.42
C THR F 518 -28.25 -19.00 -9.93
N GLY F 519 -28.19 -19.38 -8.66
CA GLY F 519 -26.99 -20.00 -8.12
C GLY F 519 -25.91 -19.04 -7.69
N SER F 520 -26.19 -17.74 -7.64
CA SER F 520 -25.22 -16.74 -7.23
C SER F 520 -25.75 -15.99 -6.01
N THR F 521 -24.87 -15.73 -5.05
CA THR F 521 -25.27 -15.03 -3.85
C THR F 521 -25.62 -13.57 -4.13
N GLY F 522 -24.93 -12.96 -5.09
CA GLY F 522 -25.23 -11.57 -5.43
C GLY F 522 -26.64 -11.38 -5.93
N ASP F 523 -27.10 -12.29 -6.80
CA ASP F 523 -28.47 -12.20 -7.30
C ASP F 523 -29.48 -12.36 -6.18
N THR F 524 -29.24 -13.30 -5.26
CA THR F 524 -30.14 -13.48 -4.14
C THR F 524 -30.19 -12.24 -3.27
N VAL F 525 -29.03 -11.63 -3.01
CA VAL F 525 -28.99 -10.42 -2.19
C VAL F 525 -29.77 -9.29 -2.87
N ILE F 526 -29.55 -9.10 -4.17
CA ILE F 526 -30.21 -8.02 -4.90
C ILE F 526 -31.72 -8.24 -4.91
N PHE F 527 -32.15 -9.49 -5.14
CA PHE F 527 -33.58 -9.78 -5.13
C PHE F 527 -34.18 -9.55 -3.75
N GLU F 528 -33.48 -9.98 -2.70
CA GLU F 528 -34.03 -9.84 -1.35
C GLU F 528 -34.16 -8.38 -0.95
N GLU F 529 -33.17 -7.55 -1.28
CA GLU F 529 -33.32 -6.14 -0.94
C GLU F 529 -34.36 -5.45 -1.79
N PHE F 530 -34.76 -6.06 -2.91
CA PHE F 530 -35.81 -5.52 -3.77
C PHE F 530 -37.17 -6.16 -3.53
N LYS F 531 -37.27 -7.07 -2.56
CA LYS F 531 -38.53 -7.75 -2.32
C LYS F 531 -39.57 -6.77 -1.77
N GLY F 532 -40.73 -6.72 -2.42
CA GLY F 532 -41.78 -5.83 -1.98
C GLY F 532 -41.61 -4.38 -2.37
N THR F 533 -40.56 -4.05 -3.12
CA THR F 533 -40.36 -2.67 -3.55
C THR F 533 -41.50 -2.21 -4.45
N GLY F 534 -41.94 -3.08 -5.34
CA GLY F 534 -43.09 -2.78 -6.18
C GLY F 534 -44.37 -3.30 -5.57
N ASN F 535 -45.48 -2.63 -5.90
CA ASN F 535 -46.77 -2.99 -5.33
C ASN F 535 -47.19 -4.39 -5.78
N ALA F 536 -47.00 -4.71 -7.06
CA ALA F 536 -47.41 -5.99 -7.61
C ALA F 536 -46.18 -6.85 -7.90
N GLU F 537 -46.25 -8.11 -7.49
CA GLU F 537 -45.19 -9.07 -7.72
C GLU F 537 -45.75 -10.29 -8.43
N LEU F 538 -45.07 -10.71 -9.50
CA LEU F 538 -45.45 -11.91 -10.25
C LEU F 538 -44.36 -12.96 -10.04
N LYS F 539 -44.76 -14.14 -9.58
CA LYS F 539 -43.82 -15.21 -9.27
C LYS F 539 -43.99 -16.33 -10.28
N LEU F 540 -42.89 -16.76 -10.88
CA LEU F 540 -42.87 -17.87 -11.82
C LEU F 540 -42.16 -19.05 -11.17
N ASP F 541 -42.75 -20.24 -11.29
CA ASP F 541 -42.24 -21.44 -10.64
C ASP F 541 -41.45 -22.26 -11.64
N ARG F 542 -40.17 -22.51 -11.32
CA ARG F 542 -39.34 -23.32 -12.20
C ARG F 542 -39.86 -24.76 -12.28
N LYS F 543 -40.34 -25.29 -11.16
CA LYS F 543 -40.86 -26.66 -11.17
C LYS F 543 -42.06 -26.79 -12.10
N ILE F 544 -42.95 -25.79 -12.10
CA ILE F 544 -44.09 -25.82 -12.99
C ILE F 544 -43.63 -25.76 -14.46
N ALA F 545 -42.62 -24.93 -14.75
CA ALA F 545 -42.08 -24.88 -16.09
C ALA F 545 -41.46 -26.20 -16.50
N GLU F 546 -40.89 -26.94 -15.54
CA GLU F 546 -40.38 -28.27 -15.84
C GLU F 546 -41.49 -29.22 -16.27
N ARG F 547 -42.71 -29.01 -15.76
CA ARG F 547 -43.86 -29.77 -16.21
C ARG F 547 -44.30 -29.41 -17.62
N ARG F 548 -43.73 -28.36 -18.20
CA ARG F 548 -44.01 -27.85 -19.53
C ARG F 548 -45.39 -27.24 -19.66
N VAL F 549 -46.11 -27.06 -18.55
CA VAL F 549 -47.36 -26.31 -18.56
C VAL F 549 -47.06 -24.85 -18.27
N PHE F 550 -47.55 -23.97 -19.12
CA PHE F 550 -47.17 -22.56 -19.16
C PHE F 550 -48.42 -21.70 -19.02
N PRO F 551 -48.25 -20.43 -18.60
CA PRO F 551 -47.04 -19.62 -18.40
C PRO F 551 -46.23 -19.94 -17.16
N ALA F 552 -46.62 -20.99 -16.42
CA ALA F 552 -45.90 -21.44 -15.23
C ALA F 552 -45.76 -20.30 -14.22
N VAL F 553 -46.89 -19.73 -13.87
CA VAL F 553 -46.97 -18.62 -12.93
C VAL F 553 -47.37 -19.17 -11.57
N ASP F 554 -46.85 -18.55 -10.51
CA ASP F 554 -47.23 -18.89 -9.15
C ASP F 554 -48.22 -17.84 -8.66
N VAL F 555 -49.44 -18.28 -8.33
CA VAL F 555 -50.51 -17.33 -8.04
C VAL F 555 -50.63 -17.03 -6.55
N ASN F 556 -50.24 -17.95 -5.68
CA ASN F 556 -50.38 -17.71 -4.25
C ASN F 556 -49.55 -16.52 -3.76
N PRO F 557 -48.23 -16.42 -4.06
CA PRO F 557 -47.48 -15.20 -3.73
C PRO F 557 -47.50 -14.17 -4.85
N SER F 558 -48.69 -13.92 -5.41
CA SER F 558 -48.85 -12.99 -6.51
C SER F 558 -50.11 -12.17 -6.30
N GLY F 559 -50.01 -10.87 -6.55
CA GLY F 559 -51.16 -10.00 -6.33
C GLY F 559 -50.80 -8.57 -6.69
N THR F 560 -51.79 -7.71 -6.51
CA THR F 560 -51.66 -6.28 -6.81
C THR F 560 -52.20 -5.48 -5.64
N ARG F 561 -51.44 -4.49 -5.21
CA ARG F 561 -51.88 -3.61 -4.14
C ARG F 561 -52.75 -2.48 -4.68
N LYS F 562 -53.75 -2.08 -3.89
CA LYS F 562 -54.71 -1.05 -4.27
C LYS F 562 -55.42 -1.40 -5.57
N ASP F 563 -55.75 -2.69 -5.73
CA ASP F 563 -56.49 -3.14 -6.91
C ASP F 563 -57.99 -3.00 -6.76
N GLU F 564 -58.48 -2.60 -5.59
CA GLU F 564 -59.92 -2.53 -5.35
C GLU F 564 -60.59 -1.45 -6.18
N LEU F 565 -59.82 -0.50 -6.71
CA LEU F 565 -60.40 0.62 -7.44
C LEU F 565 -60.17 0.55 -8.95
N LEU F 566 -59.11 -0.14 -9.40
CA LEU F 566 -58.90 -0.31 -10.83
C LEU F 566 -60.04 -1.09 -11.46
N LEU F 567 -60.54 -2.11 -10.75
CA LEU F 567 -61.63 -2.94 -11.22
C LEU F 567 -62.95 -2.44 -10.64
N SER F 568 -64.00 -2.46 -11.46
CA SER F 568 -65.31 -2.12 -10.97
C SER F 568 -65.80 -3.20 -10.01
N PRO F 569 -66.73 -2.86 -9.11
CA PRO F 569 -67.05 -3.81 -8.01
C PRO F 569 -67.50 -5.18 -8.46
N ASP F 570 -68.22 -5.29 -9.58
CA ASP F 570 -68.72 -6.60 -10.00
C ASP F 570 -67.57 -7.54 -10.36
N GLU F 571 -66.67 -7.10 -11.26
CA GLU F 571 -65.57 -7.97 -11.63
C GLU F 571 -64.54 -8.07 -10.52
N PHE F 572 -64.45 -7.06 -9.65
CA PHE F 572 -63.58 -7.19 -8.48
C PHE F 572 -64.08 -8.30 -7.57
N ALA F 573 -65.39 -8.36 -7.33
CA ALA F 573 -65.95 -9.45 -6.54
C ALA F 573 -65.73 -10.79 -7.22
N ILE F 574 -65.90 -10.85 -8.54
CA ILE F 574 -65.71 -12.11 -9.26
C ILE F 574 -64.26 -12.56 -9.15
N VAL F 575 -63.30 -11.65 -9.35
CA VAL F 575 -61.90 -12.04 -9.31
C VAL F 575 -61.49 -12.37 -7.87
N HIS F 576 -62.12 -11.73 -6.88
CA HIS F 576 -61.83 -12.11 -5.50
C HIS F 576 -62.36 -13.51 -5.18
N LYS F 577 -63.54 -13.85 -5.72
CA LYS F 577 -64.04 -15.21 -5.59
C LYS F 577 -63.08 -16.20 -6.24
N LEU F 578 -62.57 -15.86 -7.43
CA LEU F 578 -61.61 -16.72 -8.10
C LEU F 578 -60.32 -16.85 -7.27
N ARG F 579 -59.86 -15.75 -6.69
CA ARG F 579 -58.66 -15.80 -5.87
C ARG F 579 -58.87 -16.66 -4.64
N ARG F 580 -60.07 -16.61 -4.05
CA ARG F 580 -60.37 -17.47 -2.91
C ARG F 580 -60.34 -18.94 -3.32
N VAL F 581 -61.02 -19.28 -4.41
CA VAL F 581 -61.05 -20.68 -4.82
C VAL F 581 -59.69 -21.16 -5.33
N LEU F 582 -58.81 -20.22 -5.71
CA LEU F 582 -57.44 -20.61 -6.06
C LEU F 582 -56.57 -20.82 -4.82
N SER F 583 -56.67 -19.92 -3.85
CA SER F 583 -55.91 -20.06 -2.61
C SER F 583 -56.37 -21.25 -1.78
N GLY F 584 -57.60 -21.72 -2.01
CA GLY F 584 -58.04 -22.93 -1.32
C GLY F 584 -57.22 -24.15 -1.70
N LEU F 585 -56.72 -24.20 -2.93
CA LEU F 585 -55.98 -25.34 -3.44
C LEU F 585 -54.49 -25.02 -3.50
N ASP F 586 -53.69 -26.03 -3.79
CA ASP F 586 -52.24 -25.88 -3.90
C ASP F 586 -51.88 -25.13 -5.18
N SER F 587 -50.64 -24.63 -5.22
CA SER F 587 -50.21 -23.80 -6.33
C SER F 587 -50.26 -24.56 -7.66
N HIS F 588 -49.63 -25.74 -7.70
CA HIS F 588 -49.62 -26.52 -8.94
C HIS F 588 -51.04 -26.91 -9.35
N GLN F 589 -51.84 -27.36 -8.40
CA GLN F 589 -53.22 -27.74 -8.72
C GLN F 589 -54.05 -26.53 -9.14
N ALA F 590 -53.83 -25.38 -8.50
CA ALA F 590 -54.54 -24.18 -8.90
C ALA F 590 -54.20 -23.76 -10.32
N ILE F 591 -52.92 -23.85 -10.68
CA ILE F 591 -52.52 -23.50 -12.05
C ILE F 591 -53.09 -24.48 -13.04
N ASP F 592 -53.09 -25.78 -12.70
CA ASP F 592 -53.68 -26.77 -13.60
C ASP F 592 -55.17 -26.52 -13.81
N LEU F 593 -55.88 -26.16 -12.74
CA LEU F 593 -57.31 -25.84 -12.87
C LEU F 593 -57.51 -24.59 -13.71
N LEU F 594 -56.70 -23.55 -13.47
CA LEU F 594 -56.85 -22.29 -14.17
C LEU F 594 -56.56 -22.44 -15.66
N MET F 595 -55.60 -23.29 -16.02
CA MET F 595 -55.31 -23.51 -17.43
C MET F 595 -56.54 -24.03 -18.16
N SER F 596 -57.21 -25.05 -17.60
CA SER F 596 -58.42 -25.56 -18.22
C SER F 596 -59.52 -24.52 -18.21
N GLN F 597 -59.64 -23.76 -17.11
CA GLN F 597 -60.71 -22.77 -17.01
C GLN F 597 -60.59 -21.71 -18.09
N LEU F 598 -59.38 -21.20 -18.34
CA LEU F 598 -59.18 -20.23 -19.40
C LEU F 598 -59.10 -20.88 -20.79
N ARG F 599 -58.87 -22.19 -20.86
CA ARG F 599 -58.96 -22.88 -22.14
C ARG F 599 -60.40 -23.20 -22.54
N LYS F 600 -61.35 -23.11 -21.61
CA LYS F 600 -62.74 -23.33 -21.96
C LYS F 600 -63.34 -22.14 -22.69
N THR F 601 -63.38 -20.98 -22.03
CA THR F 601 -64.01 -19.79 -22.59
C THR F 601 -63.11 -18.58 -22.36
N LYS F 602 -63.58 -17.42 -22.81
CA LYS F 602 -62.84 -16.18 -22.66
C LYS F 602 -62.97 -15.64 -21.23
N ASN F 603 -62.22 -14.57 -20.95
CA ASN F 603 -62.12 -14.07 -19.58
C ASN F 603 -63.47 -13.58 -19.06
N ASN F 604 -64.18 -12.77 -19.85
CA ASN F 604 -65.48 -12.29 -19.42
C ASN F 604 -66.47 -13.44 -19.28
N TYR F 605 -66.47 -14.36 -20.25
CA TYR F 605 -67.34 -15.52 -20.15
C TYR F 605 -66.85 -16.52 -19.11
N GLU F 606 -65.58 -16.44 -18.71
CA GLU F 606 -65.12 -17.21 -17.56
C GLU F 606 -65.68 -16.62 -16.27
N PHE F 607 -65.77 -15.29 -16.20
CA PHE F 607 -66.46 -14.67 -15.09
C PHE F 607 -67.94 -15.04 -15.08
N LEU F 608 -68.56 -15.13 -16.26
CA LEU F 608 -69.96 -15.54 -16.34
C LEU F 608 -70.16 -16.92 -15.73
N VAL F 609 -69.18 -17.80 -15.86
CA VAL F 609 -69.27 -19.13 -15.26
C VAL F 609 -68.73 -19.11 -13.83
PG ATP G . -21.98 30.06 4.23
O1G ATP G . -21.19 28.99 4.90
O2G ATP G . -21.15 31.31 3.89
O3G ATP G . -22.70 29.59 2.96
PB ATP G . -23.36 31.00 6.70
O1B ATP G . -23.27 29.83 7.60
O2B ATP G . -22.41 32.15 7.01
O3B ATP G . -23.14 30.59 5.18
PA ATP G . -26.05 31.78 7.67
O1A ATP G . -25.68 32.64 8.82
O2A ATP G . -26.54 30.38 8.03
O3A ATP G . -24.84 31.61 6.65
O5' ATP G . -27.15 32.48 6.79
C5' ATP G . -28.29 33.14 7.38
C4' ATP G . -29.49 32.23 7.29
O4' ATP G . -29.54 31.38 8.47
C3' ATP G . -30.83 32.95 7.26
O3' ATP G . -31.80 32.20 6.53
C2' ATP G . -31.20 33.03 8.74
O2' ATP G . -32.60 33.13 8.93
C1' ATP G . -30.68 31.69 9.24
N9 ATP G . -30.29 31.68 10.65
C8 ATP G . -29.04 31.48 11.15
N7 ATP G . -28.98 31.52 12.47
C5 ATP G . -30.29 31.74 12.85
C6 ATP G . -30.90 31.90 14.11
N6 ATP G . -30.24 31.83 15.28
N1 ATP G . -32.23 32.13 14.14
C2 ATP G . -32.89 32.20 12.98
N3 ATP G . -32.43 32.07 11.73
C4 ATP G . -31.11 31.86 11.74
PG ATP H . -3.57 20.43 28.95
O1G ATP H . -3.59 19.37 27.90
O2G ATP H . -2.23 21.15 29.06
O3G ATP H . -4.69 21.46 28.80
PB ATP H . -2.99 19.05 31.51
O1B ATP H . -2.78 17.62 31.21
O2B ATP H . -1.73 19.87 31.75
O3B ATP H . -3.80 19.78 30.38
PA ATP H . -3.89 20.08 34.13
O1A ATP H . -3.67 21.51 33.87
O2A ATP H . -2.83 19.42 35.02
O3A ATP H . -3.93 19.25 32.78
O5' ATP H . -5.31 19.82 34.76
C5' ATP H . -5.84 20.71 35.76
C4' ATP H . -7.00 20.04 36.46
O4' ATP H . -6.51 18.89 37.20
C3' ATP H . -7.72 20.91 37.49
O3' ATP H . -9.11 20.62 37.51
C2' ATP H . -7.04 20.52 38.80
O2' ATP H . -7.88 20.74 39.92
C1' ATP H . -6.82 19.03 38.57
N9 ATP H . -5.73 18.44 39.35
C8 ATP H . -4.47 18.12 38.91
N7 ATP H . -3.70 17.60 39.82
C5 ATP H . -4.51 17.58 40.96
C6 ATP H . -4.29 17.14 42.27
N6 ATP H . -3.12 16.62 42.69
N1 ATP H . -5.30 17.25 43.16
C2 ATP H . -6.46 17.77 42.74
N3 ATP H . -6.79 18.21 41.52
C4 ATP H . -5.76 18.09 40.67
MG MG I . -1.25 21.57 30.73
PG ATP J . 16.78 -4.83 27.68
O1G ATP J . 15.77 -5.03 26.60
O2G ATP J . 18.10 -4.25 27.16
O3G ATP J . 16.28 -3.96 28.83
PB ATP J . 18.34 -7.27 28.27
O1B ATP J . 18.04 -8.32 27.29
O2B ATP J . 19.63 -6.51 28.09
O3B ATP J . 17.19 -6.20 28.34
PA ATP J . 19.39 -8.05 30.91
O1A ATP J . 20.11 -6.80 31.21
O2A ATP J . 20.27 -9.21 30.51
O3A ATP J . 18.33 -7.85 29.76
O5' ATP J . 18.50 -8.51 32.13
C5' ATP J . 19.00 -8.43 33.49
C4' ATP J . 18.17 -9.33 34.36
O4' ATP J . 18.40 -10.71 33.97
C3' ATP J . 18.48 -9.26 35.84
O3' ATP J . 17.30 -9.44 36.62
C2' ATP J . 19.46 -10.41 36.04
O2' ATP J . 19.41 -10.91 37.38
C1' ATP J . 18.89 -11.44 35.07
N9 ATP J . 19.88 -12.41 34.59
C8 ATP J . 20.30 -12.58 33.29
N7 ATP J . 21.19 -13.53 33.14
C5 ATP J . 21.35 -14.03 34.43
C6 ATP J . 22.16 -15.05 34.95
N6 ATP J . 22.99 -15.79 34.21
N1 ATP J . 22.10 -15.30 36.28
C2 ATP J . 21.28 -14.55 37.02
N3 ATP J . 20.47 -13.57 36.64
C4 ATP J . 20.55 -13.34 35.33
MG MG K . 20.42 -4.95 26.98
PG ATP L . 18.32 -27.08 3.78
O1G ATP L . 16.90 -26.70 3.58
O2G ATP L . 19.27 -26.46 2.77
O3G ATP L . 18.83 -26.79 5.19
PB ATP L . 18.94 -29.67 2.50
O1B ATP L . 17.78 -30.33 1.88
O2B ATP L . 19.88 -28.94 1.56
O3B ATP L . 18.50 -28.64 3.60
PA ATP L . 20.01 -32.26 3.41
O1A ATP L . 20.37 -32.81 2.09
O2A ATP L . 18.75 -32.83 4.04
O3A ATP L . 19.81 -30.69 3.34
O5' ATP L . 21.20 -32.42 4.43
C5' ATP L . 21.84 -33.70 4.62
C4' ATP L . 20.99 -34.53 5.55
O4' ATP L . 20.12 -35.38 4.78
C3' ATP L . 21.76 -35.47 6.46
O3' ATP L . 21.05 -35.70 7.68
C2' ATP L . 21.85 -36.75 5.62
O2' ATP L . 21.99 -37.91 6.43
C1' ATP L . 20.48 -36.74 4.93
N9 ATP L . 20.48 -37.37 3.62
C8 ATP L . 20.27 -36.76 2.40
N7 ATP L . 20.32 -37.58 1.38
C5 ATP L . 20.57 -38.81 1.96
C6 ATP L . 20.75 -40.09 1.41
N6 ATP L . 20.69 -40.36 0.10
N1 ATP L . 21.00 -41.11 2.27
C2 ATP L . 21.06 -40.85 3.57
N3 ATP L . 20.92 -39.69 4.20
C4 ATP L . 20.67 -38.70 3.33
MG MG M . 20.42 -27.07 1.19
PG ATP N . -3.84 -31.07 -19.80
O1G ATP N . -4.71 -30.19 -18.98
O2G ATP N . -3.17 -30.34 -20.96
O3G ATP N . -2.79 -31.81 -18.99
PB ATP N . -5.52 -32.46 -21.80
O1B ATP N . -6.95 -32.59 -21.53
O2B ATP N . -5.09 -31.38 -22.79
O3B ATP N . -4.68 -32.22 -20.49
PA ATP N . -5.44 -35.20 -22.89
O1A ATP N . -6.02 -35.03 -24.23
O2A ATP N . -6.38 -35.78 -21.84
O3A ATP N . -4.89 -33.83 -22.32
O5' ATP N . -4.14 -36.11 -22.95
C5' ATP N . -4.16 -37.39 -23.59
C4' ATP N . -4.70 -38.42 -22.63
O4' ATP N . -6.13 -38.51 -22.76
C3' ATP N . -4.19 -39.84 -22.84
O3' ATP N . -4.21 -40.58 -21.63
C2' ATP N . -5.19 -40.39 -23.85
O2' ATP N . -5.29 -41.80 -23.78
C1' ATP N . -6.49 -39.73 -23.37
N9 ATP N . -7.44 -39.45 -24.44
C8 ATP N . -7.87 -38.22 -24.85
N7 ATP N . -8.73 -38.25 -25.85
C5 ATP N . -8.87 -39.62 -26.10
C6 ATP N . -9.64 -40.34 -27.04
N6 ATP N . -10.45 -39.75 -27.93
N1 ATP N . -9.56 -41.68 -27.03
C2 ATP N . -8.75 -42.26 -26.13
N3 ATP N . -7.98 -41.69 -25.21
C4 ATP N . -8.09 -40.37 -25.24
MG MG O . -3.75 -29.95 -22.97
PG ATP P . -33.38 -17.73 -20.66
O1G ATP P . -33.42 -18.27 -19.27
O2G ATP P . -33.08 -16.23 -20.72
O3G ATP P . -32.41 -18.47 -21.59
PB ATP P . -36.29 -17.47 -21.14
O1B ATP P . -36.87 -18.09 -19.93
O2B ATP P . -36.34 -15.94 -21.18
O3B ATP P . -34.80 -17.89 -21.36
PA ATP P . -38.21 -18.92 -22.84
O1A ATP P . -39.47 -18.16 -22.88
O2A ATP P . -38.19 -20.10 -21.87
O3A ATP P . -36.99 -18.00 -22.47
O5' ATP P . -37.82 -19.45 -24.28
C5' ATP P . -38.80 -20.06 -25.14
C4' ATP P . -39.07 -21.47 -24.66
O4' ATP P . -40.24 -21.47 -23.81
C3' ATP P . -39.37 -22.47 -25.77
O3' ATP P . -39.00 -23.79 -25.37
C2' ATP P . -40.89 -22.34 -25.91
O2' ATP P . -41.47 -23.52 -26.43
C1' ATP P . -41.31 -22.14 -24.45
N9 ATP P . -42.52 -21.35 -24.27
C8 ATP P . -42.62 -20.10 -23.72
N7 ATP P . -43.84 -19.62 -23.69
C5 ATP P . -44.60 -20.62 -24.26
C6 ATP P . -45.98 -20.75 -24.52
N6 ATP P . -46.87 -19.80 -24.23
N1 ATP P . -46.41 -21.89 -25.11
C2 ATP P . -45.52 -22.84 -25.40
N3 ATP P . -44.20 -22.84 -25.20
C4 ATP P . -43.80 -21.70 -24.63
MG MG Q . -34.56 -15.76 -22.00
#